data_8FFV
#
_entry.id   8FFV
#
loop_
_entity.id
_entity.type
_entity.pdbx_description
1 polymer 'Heat shock protein HSP 90-alpha'
2 polymer 'Glucocorticoid receptor'
3 polymer 'Peptidyl-prolyl cis-trans isomerase FKBP4, N-terminally processed'
4 non-polymer "ADENOSINE-5'-TRIPHOSPHATE"
5 non-polymer 'MAGNESIUM ION'
6 non-polymer DEXAMETHASONE
#
loop_
_entity_poly.entity_id
_entity_poly.type
_entity_poly.pdbx_seq_one_letter_code
_entity_poly.pdbx_strand_id
1 'polypeptide(L)'
;PEETQTQDQPMEEEEVETFAFQAEIAQLMSLIINTFYSNKEIFLRELISNSSDALDKIRYESLTDPSKLDSGKELHINLI
PNKQDRTLTIVDTGIGMTKADLINNLGTIAKSGTKAFMEALQAGADISMIGQFGVGFYSAYLVAEKVTVITKHNDDEQYA
WESSAGGSFTVRTDTGEPMGRGTKVILHLKEDQTEYLEERRIKEIVKKHSQFIGYPITLFVEKERDKEVSDDEAEEKEDK
EEEKEKEEKESEDKPEIEDVGSDEEEEKKDGDKKKKKKIKEKYIDQEELNKTKPIWTRNPDDITNEEYGEFYKSLTNDWE
DHLAVKHFSVEGQLEFRALLFVPRRAPFDLFENRKKKNNIKLYVRRVFIMDNCEELIPEYLNFIRGVVDSEDLPLNISRE
MLQQSKILKVIRKNLVKKCLELFTELAEDKENYKKFYEQFSKNIKLGIHEDSQNRKKLSELLRYYTSASGDEMVSLKDYC
TRMKENQKHIYYITGETKDQVANSAFVERLRKHGLEVIYMIEPIDEYCVQQLKEFEGKTLVSVTKEGLELPEDEEEKKKQ
EEKKTKFENLCKIMKDILEKKVEKVVVSNRLVTSPCCIVTSTYGWTANMERIMKAQALRDNSTMGYMAAKKHLEINPDHS
IIETLRQKAEADKNDKSVKDLVILLYETALLSSGFSLEDPQTHANRIYRMIKLGLGIDEDDPTADDTSAAVTEEMPPLEG
DDDTSRMEEVD
;
A,B
2 'polypeptide(L)'
;PKLCLVCSDEASGCHYGVLTCGSCKVFFKRAVEGQHNYLCAGRNDCIIDKIRRKNCPACRYRKCLQAGMNLEARKTKKKI
KGIQQATTGVSQETSENPGNKTIVPATLPQLTPTLVSLLEVIEPEVLYAGYDSSVPDSTWRIMTTLNMLGGRQVIAAVKW
AKAIPGFRNLHLDDQMTLLQYSWMSLMAFALGWRSYRQSSANLLCFAPDLIINEQRMTLPCMYDQCKHMLYVSSELHRLQ
VSYEEYLCMKTLLLLSSVPKDGLKSQELFDEIRMTYIKELGKAIVKREGNSSQNWQRFYQLTKLLDSMHEVVENLLNYCF
QTFLDKTMSIEFPEMLAEIITNQIPKYSNGNIKKLLFHQK
;
C
3 'polypeptide(L)'
;MTAEEMKATESGAQSAPLPMEGVDISPKQDEGVLKVIKREGTGTEMPMIGDRVFVHYTGWLLDGTKFDSSLDRKDKFSFD
LGKGEVIKAWDIAIATMKVGEVCHITCKPEYAYGSAGSPPKIPPNATLVFEVELFEFKGEDLTEEEDGGIIRRIQTRGEG
YAKPNEGAIVEVALEGYYKDKLFDQRELRFEIGEGENLDLPYGLERAIQRMEKGEHSIVYLKPSYAFGSVGKEKFQIPPN
AELKYELHLKSFEKAKESWEMNSEEKLEQSTIVKERGTVYFKEGKYKQALLQYKKIVSWLEYESSFSNEEAQKAQALRLA
SHLNLAMCHLKLQAFSAAIESCNKALELDSNNEKGLFRRGEAHLAVNDFELARADFQKVLQLYPNNKAAKTQLAVCQQRI
RRQLAREKKLYANMFERLAEEENKAKAEASSGDHPTDTEMKEEQKSNTAGSQSQVETEA
;
D
#
loop_
_chem_comp.id
_chem_comp.type
_chem_comp.name
_chem_comp.formula
ATP non-polymer ADENOSINE-5'-TRIPHOSPHATE 'C10 H16 N5 O13 P3'
DEX non-polymer DEXAMETHASONE 'C22 H29 F O5'
MG non-polymer 'MAGNESIUM ION' 'Mg 2'
#
# COMPACT_ATOMS: atom_id res chain seq x y z
N GLU A 14 -32.31 24.15 69.61
CA GLU A 14 -30.92 24.10 69.16
C GLU A 14 -30.60 25.31 68.24
N GLU A 15 -29.50 26.04 68.55
CA GLU A 15 -29.01 27.17 67.78
C GLU A 15 -28.18 26.64 66.64
N VAL A 16 -28.44 27.13 65.44
CA VAL A 16 -27.73 26.64 64.29
C VAL A 16 -26.87 27.72 63.70
N GLU A 17 -25.59 27.43 63.57
CA GLU A 17 -24.66 28.42 63.05
C GLU A 17 -24.65 28.38 61.53
N THR A 18 -24.55 29.52 60.89
CA THR A 18 -24.51 29.56 59.44
C THR A 18 -23.22 30.14 58.96
N PHE A 19 -22.64 29.49 57.98
CA PHE A 19 -21.38 29.89 57.43
C PHE A 19 -21.42 30.03 55.94
N ALA A 20 -20.58 30.90 55.41
CA ALA A 20 -20.42 30.99 53.97
C ALA A 20 -19.38 30.01 53.54
N PHE A 21 -19.37 29.62 52.28
CA PHE A 21 -18.23 28.84 51.81
C PHE A 21 -17.07 29.75 51.49
N GLN A 22 -15.87 29.27 51.74
CA GLN A 22 -14.63 29.95 51.41
C GLN A 22 -13.80 29.09 50.51
N ALA A 23 -12.64 29.56 50.11
CA ALA A 23 -11.78 28.76 49.29
C ALA A 23 -10.36 29.05 49.63
N GLU A 24 -9.50 28.08 49.41
CA GLU A 24 -8.09 28.24 49.64
C GLU A 24 -7.43 28.59 48.36
N ILE A 25 -6.95 29.79 48.29
CA ILE A 25 -6.40 30.34 47.09
C ILE A 25 -5.13 29.64 46.66
N ALA A 26 -4.27 29.32 47.59
CA ALA A 26 -3.03 28.73 47.15
C ALA A 26 -3.27 27.40 46.45
N GLN A 27 -4.22 26.64 46.95
CA GLN A 27 -4.46 25.35 46.39
C GLN A 27 -5.27 25.47 45.15
N LEU A 28 -6.12 26.46 45.10
CA LEU A 28 -6.95 26.62 43.95
C LEU A 28 -6.09 26.97 42.77
N MET A 29 -5.11 27.85 42.97
CA MET A 29 -4.25 28.22 41.89
C MET A 29 -3.47 27.02 41.41
N SER A 30 -3.02 26.17 42.33
CA SER A 30 -2.29 25.00 41.93
C SER A 30 -3.12 24.09 41.09
N LEU A 31 -4.37 23.86 41.45
CA LEU A 31 -5.16 22.95 40.64
C LEU A 31 -5.38 23.46 39.24
N ILE A 32 -5.60 24.76 39.10
CA ILE A 32 -5.84 25.27 37.77
C ILE A 32 -4.63 25.06 36.91
N ILE A 33 -3.47 25.34 37.44
CA ILE A 33 -2.27 25.19 36.66
C ILE A 33 -1.86 23.76 36.40
N ASN A 34 -1.90 22.91 37.42
CA ASN A 34 -1.37 21.58 37.26
C ASN A 34 -2.31 20.46 36.86
N THR A 35 -3.59 20.50 37.21
CA THR A 35 -4.46 19.39 36.91
C THR A 35 -5.76 19.74 36.23
N PHE A 36 -5.83 20.96 35.72
CA PHE A 36 -6.91 21.09 34.74
C PHE A 36 -6.60 20.77 33.31
N TYR A 37 -5.48 21.22 32.81
CA TYR A 37 -5.23 21.06 31.40
C TYR A 37 -4.35 19.90 31.11
N SER A 38 -4.74 19.15 30.10
CA SER A 38 -4.08 17.95 29.62
C SER A 38 -2.90 18.17 28.72
N ASN A 39 -2.73 19.38 28.24
CA ASN A 39 -1.69 19.65 27.30
C ASN A 39 -1.20 21.07 27.46
N LYS A 40 -0.24 21.47 26.68
CA LYS A 40 0.31 22.80 26.80
C LYS A 40 0.08 23.69 25.60
N GLU A 41 -0.62 23.21 24.59
CA GLU A 41 -0.88 23.94 23.34
C GLU A 41 -1.94 25.00 23.55
N ILE A 42 -2.43 24.84 24.73
CA ILE A 42 -3.69 25.31 25.09
C ILE A 42 -3.43 26.70 25.48
N PHE A 43 -2.26 26.97 26.04
CA PHE A 43 -2.14 28.34 26.49
C PHE A 43 -2.27 29.31 25.34
N LEU A 44 -1.90 28.93 24.13
CA LEU A 44 -1.99 29.87 23.05
C LEU A 44 -3.42 29.93 22.63
N ARG A 45 -4.06 28.78 22.66
CA ARG A 45 -5.45 28.70 22.26
C ARG A 45 -6.27 29.66 23.08
N GLU A 46 -6.00 29.69 24.38
CA GLU A 46 -6.75 30.54 25.27
C GLU A 46 -6.45 32.00 25.13
N LEU A 47 -5.20 32.35 24.93
CA LEU A 47 -4.91 33.75 24.81
C LEU A 47 -5.50 34.32 23.54
N ILE A 48 -5.50 33.55 22.46
CA ILE A 48 -6.10 34.06 21.25
C ILE A 48 -7.58 34.25 21.43
N SER A 49 -8.27 33.31 22.07
CA SER A 49 -9.69 33.50 22.27
C SER A 49 -9.97 34.72 23.09
N ASN A 50 -9.15 35.02 24.07
CA ASN A 50 -9.43 36.19 24.85
C ASN A 50 -9.30 37.42 23.99
N SER A 51 -8.34 37.44 23.08
CA SER A 51 -8.19 38.58 22.21
C SER A 51 -9.35 38.74 21.27
N SER A 52 -9.88 37.65 20.73
CA SER A 52 -10.97 37.86 19.81
C SER A 52 -12.17 38.41 20.53
N ASP A 53 -12.33 38.10 21.81
CA ASP A 53 -13.45 38.68 22.52
C ASP A 53 -13.21 40.15 22.72
N ALA A 54 -12.00 40.53 23.00
CA ALA A 54 -11.71 41.93 23.20
C ALA A 54 -12.03 42.74 21.97
N LEU A 55 -11.77 42.15 20.80
CA LEU A 55 -12.03 42.83 19.55
C LEU A 55 -13.51 42.90 19.30
N ASP A 56 -14.25 41.86 19.62
CA ASP A 56 -15.68 41.95 19.39
C ASP A 56 -16.32 42.97 20.28
N LYS A 57 -15.83 43.12 21.50
CA LYS A 57 -16.48 44.08 22.35
C LYS A 57 -16.35 45.48 21.79
N ILE A 58 -15.17 45.84 21.31
CA ILE A 58 -15.10 47.19 20.80
C ILE A 58 -15.82 47.34 19.50
N ARG A 59 -15.76 46.32 18.66
CA ARG A 59 -16.44 46.43 17.40
C ARG A 59 -17.88 46.70 17.65
N TYR A 60 -18.48 45.98 18.58
CA TYR A 60 -19.87 46.21 18.89
C TYR A 60 -20.14 47.61 19.37
N GLU A 61 -19.37 48.11 20.30
CA GLU A 61 -19.69 49.43 20.80
C GLU A 61 -19.59 50.50 19.72
N SER A 62 -18.64 50.35 18.80
CA SER A 62 -18.39 51.33 17.76
C SER A 62 -19.55 51.47 16.81
N LEU A 63 -20.50 50.53 16.86
CA LEU A 63 -21.65 50.55 15.99
C LEU A 63 -22.59 51.66 16.37
N THR A 64 -22.62 52.04 17.65
CA THR A 64 -23.53 53.09 18.03
C THR A 64 -22.76 54.35 18.31
N ASP A 65 -21.46 54.21 18.56
CA ASP A 65 -20.62 55.36 18.82
C ASP A 65 -19.26 55.18 18.15
N PRO A 66 -19.10 55.64 16.91
CA PRO A 66 -17.93 55.49 16.09
C PRO A 66 -16.68 56.09 16.68
N SER A 67 -16.81 56.99 17.66
CA SER A 67 -15.63 57.65 18.22
C SER A 67 -14.80 56.66 19.01
N LYS A 68 -15.36 55.51 19.30
CA LYS A 68 -14.65 54.52 20.06
C LYS A 68 -13.40 54.09 19.31
N LEU A 69 -13.42 54.22 17.99
CA LEU A 69 -12.32 53.79 17.17
C LEU A 69 -11.39 54.92 16.82
N ASP A 70 -11.57 56.09 17.42
CA ASP A 70 -10.69 57.19 17.10
C ASP A 70 -9.25 56.85 17.44
N SER A 71 -9.06 56.04 18.46
CA SER A 71 -7.75 55.61 18.92
C SER A 71 -7.07 54.60 18.00
N GLY A 72 -7.80 54.07 17.01
CA GLY A 72 -7.28 53.11 16.05
C GLY A 72 -8.39 52.28 15.44
N LYS A 73 -8.36 52.09 14.13
CA LYS A 73 -9.42 51.35 13.44
C LYS A 73 -9.13 49.94 12.99
N GLU A 74 -7.88 49.54 12.90
CA GLU A 74 -7.65 48.20 12.39
C GLU A 74 -7.78 47.21 13.51
N LEU A 75 -8.64 46.24 13.35
CA LEU A 75 -8.83 45.23 14.38
C LEU A 75 -8.08 43.98 14.02
N HIS A 76 -7.01 43.70 14.76
CA HIS A 76 -6.18 42.56 14.40
C HIS A 76 -5.36 42.02 15.56
N ILE A 77 -4.82 40.82 15.41
CA ILE A 77 -3.98 40.19 16.42
C ILE A 77 -2.56 39.92 15.96
N ASN A 78 -1.58 40.38 16.73
CA ASN A 78 -0.19 40.14 16.37
C ASN A 78 0.54 39.19 17.32
N LEU A 79 1.31 38.27 16.78
CA LEU A 79 2.10 37.36 17.59
C LEU A 79 3.56 37.66 17.35
N ILE A 80 4.28 37.97 18.42
CA ILE A 80 5.66 38.35 18.28
C ILE A 80 6.58 37.59 19.22
N PRO A 81 7.18 36.48 18.82
CA PRO A 81 8.13 35.75 19.61
C PRO A 81 9.40 36.53 19.67
N ASN A 82 10.16 36.37 20.73
CA ASN A 82 11.45 36.99 20.85
C ASN A 82 12.43 36.03 21.46
N LYS A 83 13.23 35.40 20.63
CA LYS A 83 14.12 34.39 21.17
C LYS A 83 15.15 34.97 22.11
N GLN A 84 15.61 36.16 21.84
CA GLN A 84 16.68 36.69 22.67
C GLN A 84 16.29 36.88 24.11
N ASP A 85 15.06 37.29 24.36
CA ASP A 85 14.63 37.54 25.72
C ASP A 85 13.89 36.35 26.29
N ARG A 86 13.79 35.29 25.51
CA ARG A 86 13.04 34.11 25.83
C ARG A 86 11.61 34.48 26.21
N THR A 87 10.98 35.33 25.40
CA THR A 87 9.61 35.75 25.66
C THR A 87 8.75 35.62 24.43
N LEU A 88 7.45 35.69 24.67
CA LEU A 88 6.46 35.70 23.62
C LEU A 88 5.39 36.72 23.88
N THR A 89 5.15 37.59 22.92
CA THR A 89 4.17 38.64 23.15
C THR A 89 2.97 38.58 22.24
N ILE A 90 1.79 38.69 22.82
CA ILE A 90 0.56 38.72 22.05
C ILE A 90 -0.10 40.07 22.13
N VAL A 91 -0.35 40.67 20.98
CA VAL A 91 -0.92 42.00 21.00
C VAL A 91 -2.23 42.12 20.29
N ASP A 92 -3.25 42.59 20.98
CA ASP A 92 -4.50 42.80 20.29
C ASP A 92 -4.71 44.29 20.14
N THR A 93 -5.81 44.65 19.54
CA THR A 93 -6.25 46.01 19.36
C THR A 93 -7.69 46.08 19.79
N GLY A 94 -8.00 45.43 20.89
CA GLY A 94 -9.36 45.34 21.37
C GLY A 94 -9.72 46.41 22.35
N ILE A 95 -10.79 46.18 23.08
CA ILE A 95 -11.29 47.16 24.00
C ILE A 95 -10.34 47.61 25.12
N GLY A 96 -9.46 46.75 25.61
CA GLY A 96 -8.56 47.15 26.70
C GLY A 96 -9.24 47.01 28.05
N MET A 97 -8.53 47.29 29.14
CA MET A 97 -9.10 47.18 30.48
C MET A 97 -8.82 48.42 31.32
N THR A 98 -9.74 48.83 32.19
CA THR A 98 -9.45 49.97 33.06
C THR A 98 -8.73 49.48 34.28
N LYS A 99 -8.16 50.35 35.11
CA LYS A 99 -7.45 49.84 36.29
C LYS A 99 -8.36 48.95 37.12
N ALA A 100 -9.61 49.33 37.23
CA ALA A 100 -10.58 48.60 38.00
C ALA A 100 -10.79 47.20 37.48
N ASP A 101 -10.66 47.02 36.17
CA ASP A 101 -10.91 45.74 35.59
C ASP A 101 -9.68 44.90 35.73
N LEU A 102 -8.51 45.50 35.74
CA LEU A 102 -7.37 44.62 35.91
C LEU A 102 -7.49 43.94 37.24
N ILE A 103 -7.94 44.68 38.23
CA ILE A 103 -8.05 44.04 39.50
C ILE A 103 -9.20 43.08 39.54
N ASN A 104 -10.38 43.49 39.12
CA ASN A 104 -11.48 42.57 39.25
C ASN A 104 -11.45 41.37 38.36
N ASN A 105 -10.97 41.50 37.14
CA ASN A 105 -11.03 40.39 36.24
C ASN A 105 -9.82 39.51 36.27
N LEU A 106 -8.63 40.02 36.55
CA LEU A 106 -7.50 39.11 36.56
C LEU A 106 -7.16 38.67 37.95
N GLY A 107 -7.59 39.43 38.96
CA GLY A 107 -7.23 39.09 40.31
C GLY A 107 -8.23 38.18 40.96
N THR A 108 -9.31 37.86 40.27
CA THR A 108 -10.33 37.02 40.86
C THR A 108 -10.55 35.78 40.05
N ILE A 109 -10.39 34.67 40.69
CA ILE A 109 -10.55 33.40 40.04
C ILE A 109 -12.01 33.12 39.80
N ALA A 110 -12.31 32.73 38.57
CA ALA A 110 -13.64 32.40 38.11
C ALA A 110 -14.51 33.63 37.96
N LYS A 111 -13.90 34.80 37.90
CA LYS A 111 -14.65 35.98 37.57
C LYS A 111 -14.63 36.07 36.07
N SER A 112 -15.73 36.44 35.43
CA SER A 112 -15.70 36.60 33.98
C SER A 112 -16.37 37.84 33.50
N GLY A 113 -15.56 38.71 32.92
CA GLY A 113 -16.04 39.98 32.43
C GLY A 113 -16.82 39.75 31.18
N THR A 114 -16.42 38.72 30.43
CA THR A 114 -17.07 38.41 29.19
C THR A 114 -18.48 38.00 29.47
N LYS A 115 -18.65 37.20 30.49
CA LYS A 115 -19.97 36.74 30.81
C LYS A 115 -20.84 37.91 31.21
N ALA A 116 -20.31 38.80 32.04
CA ALA A 116 -21.12 39.92 32.46
C ALA A 116 -21.52 40.80 31.30
N PHE A 117 -20.60 40.97 30.36
CA PHE A 117 -20.85 41.77 29.20
C PHE A 117 -22.01 41.21 28.45
N MET A 118 -21.99 39.90 28.21
CA MET A 118 -23.06 39.29 27.45
C MET A 118 -24.39 39.46 28.12
N GLU A 119 -24.40 39.35 29.43
CA GLU A 119 -25.64 39.47 30.17
C GLU A 119 -26.22 40.86 30.04
N ALA A 120 -25.36 41.85 29.94
CA ALA A 120 -25.75 43.23 29.83
C ALA A 120 -26.16 43.64 28.42
N LEU A 121 -26.06 42.75 27.44
CA LEU A 121 -26.41 43.09 26.08
C LEU A 121 -27.88 43.06 25.82
N GLN A 122 -28.27 43.85 24.85
CA GLN A 122 -29.63 43.81 24.39
C GLN A 122 -29.76 42.44 23.73
N ALA A 123 -30.90 41.80 23.88
CA ALA A 123 -31.13 40.45 23.39
C ALA A 123 -30.84 40.19 21.92
N GLY A 124 -31.03 41.17 21.04
CA GLY A 124 -30.82 40.93 19.62
C GLY A 124 -29.39 41.22 19.16
N ALA A 125 -28.48 41.56 20.06
CA ALA A 125 -27.14 41.88 19.61
C ALA A 125 -26.55 40.68 18.91
N ASP A 126 -25.88 40.88 17.79
CA ASP A 126 -25.29 39.76 17.07
C ASP A 126 -23.92 39.41 17.63
N ILE A 127 -23.92 38.90 18.83
CA ILE A 127 -22.71 38.59 19.52
C ILE A 127 -22.62 37.16 19.99
N SER A 128 -21.49 36.57 19.66
CA SER A 128 -21.13 35.22 20.04
C SER A 128 -19.70 35.29 20.55
N MET A 129 -19.50 35.05 21.84
CA MET A 129 -18.20 35.21 22.46
C MET A 129 -17.72 33.93 23.07
N ILE A 130 -16.42 33.80 23.20
CA ILE A 130 -15.88 32.58 23.71
C ILE A 130 -15.45 32.71 25.15
N GLY A 131 -16.19 32.19 26.07
CA GLY A 131 -15.77 32.34 27.45
C GLY A 131 -16.90 32.54 28.41
N GLN A 132 -16.66 32.08 29.62
CA GLN A 132 -17.61 32.15 30.72
C GLN A 132 -17.10 31.56 32.03
N PHE A 133 -16.02 30.77 32.00
CA PHE A 133 -15.59 30.12 33.22
C PHE A 133 -14.70 30.98 34.09
N GLY A 134 -13.96 31.89 33.51
CA GLY A 134 -13.06 32.76 34.26
C GLY A 134 -11.73 32.15 34.69
N VAL A 135 -11.24 31.10 34.05
CA VAL A 135 -9.97 30.56 34.49
C VAL A 135 -8.89 30.43 33.43
N GLY A 136 -9.25 30.53 32.15
CA GLY A 136 -8.33 30.31 31.05
C GLY A 136 -7.11 31.19 31.09
N PHE A 137 -7.22 32.40 31.58
CA PHE A 137 -6.07 33.25 31.62
C PHE A 137 -4.89 32.60 32.29
N TYR A 138 -5.14 31.86 33.35
CA TYR A 138 -4.08 31.34 34.17
C TYR A 138 -3.36 30.19 33.52
N SER A 139 -3.85 29.74 32.38
CA SER A 139 -3.22 28.66 31.63
C SER A 139 -1.91 29.16 31.11
N ALA A 140 -1.70 30.46 31.15
CA ALA A 140 -0.45 31.03 30.73
C ALA A 140 0.68 30.43 31.54
N TYR A 141 0.41 30.07 32.78
CA TYR A 141 1.45 29.59 33.66
C TYR A 141 1.83 28.15 33.39
N LEU A 142 1.21 27.55 32.40
CA LEU A 142 1.62 26.23 32.00
C LEU A 142 2.99 26.34 31.36
N VAL A 143 3.25 27.49 30.69
CA VAL A 143 4.52 27.68 30.05
C VAL A 143 5.32 28.86 30.55
N ALA A 144 4.70 29.76 31.29
CA ALA A 144 5.38 30.95 31.75
C ALA A 144 5.85 30.89 33.19
N GLU A 145 6.93 31.61 33.46
CA GLU A 145 7.43 31.80 34.81
C GLU A 145 6.84 33.07 35.34
N LYS A 146 6.68 34.04 34.46
CA LYS A 146 6.13 35.32 34.81
C LYS A 146 5.27 35.84 33.70
N VAL A 147 4.19 36.52 34.05
CA VAL A 147 3.32 37.13 33.06
C VAL A 147 3.13 38.62 33.32
N THR A 148 3.31 39.42 32.27
CA THR A 148 3.12 40.87 32.36
C THR A 148 2.03 41.33 31.39
N VAL A 149 1.07 42.09 31.87
CA VAL A 149 0.02 42.56 30.98
C VAL A 149 -0.06 44.06 30.92
N ILE A 150 0.04 44.60 29.71
CA ILE A 150 0.01 46.04 29.53
C ILE A 150 -1.28 46.44 28.87
N THR A 151 -2.02 47.37 29.42
CA THR A 151 -3.25 47.70 28.74
C THR A 151 -3.64 49.14 28.73
N LYS A 152 -4.34 49.50 27.66
CA LYS A 152 -4.90 50.81 27.47
C LYS A 152 -6.36 50.76 27.09
N HIS A 153 -7.18 51.38 27.90
CA HIS A 153 -8.59 51.47 27.64
C HIS A 153 -8.84 52.90 27.23
N ASN A 154 -9.85 53.16 26.41
CA ASN A 154 -10.08 54.54 26.01
C ASN A 154 -10.33 55.50 27.16
N ASP A 155 -10.91 55.01 28.24
CA ASP A 155 -11.25 55.87 29.35
C ASP A 155 -10.21 55.92 30.45
N ASP A 156 -9.03 55.35 30.26
CA ASP A 156 -8.05 55.38 31.34
C ASP A 156 -6.59 55.44 30.85
N GLU A 157 -5.69 55.48 31.82
CA GLU A 157 -4.25 55.53 31.68
C GLU A 157 -3.69 54.15 31.40
N GLN A 158 -2.50 54.06 30.84
CA GLN A 158 -1.94 52.74 30.68
C GLN A 158 -1.44 52.19 31.99
N TYR A 159 -1.75 50.91 32.20
CA TYR A 159 -1.31 50.21 33.40
C TYR A 159 -0.63 48.92 33.09
N ALA A 160 0.29 48.54 33.96
CA ALA A 160 1.01 47.29 33.86
C ALA A 160 0.70 46.37 35.04
N TRP A 161 0.19 45.20 34.72
CA TRP A 161 -0.15 44.20 35.72
C TRP A 161 0.92 43.14 35.72
N GLU A 162 1.35 42.67 36.87
CA GLU A 162 2.36 41.61 36.87
C GLU A 162 2.11 40.53 37.88
N SER A 163 2.42 39.30 37.50
CA SER A 163 2.33 38.21 38.45
C SER A 163 3.16 37.01 38.11
N SER A 164 3.67 36.34 39.13
CA SER A 164 4.40 35.09 39.01
C SER A 164 3.55 33.95 39.53
N ALA A 165 2.29 34.26 39.79
CA ALA A 165 1.27 33.38 40.35
C ALA A 165 1.69 32.85 41.71
N GLY A 166 2.29 33.70 42.51
CA GLY A 166 2.75 33.34 43.84
C GLY A 166 1.72 33.62 44.93
N GLY A 167 0.53 34.04 44.54
CA GLY A 167 -0.51 34.37 45.51
C GLY A 167 -0.65 35.88 45.71
N SER A 168 0.18 36.57 44.93
CA SER A 168 -0.11 37.98 44.79
C SER A 168 0.23 38.47 43.41
N PHE A 169 -0.19 39.69 43.13
CA PHE A 169 0.09 40.37 41.88
C PHE A 169 0.19 41.85 42.13
N THR A 170 0.80 42.56 41.19
CA THR A 170 0.91 44.00 41.34
C THR A 170 0.38 44.81 40.19
N VAL A 171 0.05 46.07 40.47
CA VAL A 171 -0.35 47.01 39.44
C VAL A 171 0.42 48.32 39.51
N ARG A 172 1.00 48.70 38.38
CA ARG A 172 1.75 49.94 38.25
C ARG A 172 1.26 50.81 37.14
N THR A 173 1.47 52.10 37.25
CA THR A 173 1.18 52.94 36.12
C THR A 173 2.25 52.65 35.09
N ASP A 174 1.86 52.48 33.86
CA ASP A 174 2.76 52.22 32.76
C ASP A 174 3.47 53.47 32.31
N THR A 175 4.78 53.46 32.31
CA THR A 175 5.56 54.62 31.94
C THR A 175 6.25 54.44 30.58
N GLY A 176 5.92 53.37 29.87
CA GLY A 176 6.55 53.06 28.59
C GLY A 176 5.82 53.66 27.39
N GLU A 177 6.04 53.07 26.23
CA GLU A 177 5.48 53.55 24.98
C GLU A 177 3.96 53.47 25.01
N PRO A 178 3.27 54.43 24.43
CA PRO A 178 1.83 54.46 24.33
C PRO A 178 1.36 53.39 23.39
N MET A 179 0.20 52.84 23.70
CA MET A 179 -0.46 51.87 22.86
C MET A 179 -1.57 52.42 22.04
N GLY A 180 -2.16 53.52 22.48
CA GLY A 180 -3.33 54.07 21.82
C GLY A 180 -4.56 53.39 22.40
N ARG A 181 -4.62 52.09 22.20
CA ARG A 181 -5.66 51.23 22.71
C ARG A 181 -5.29 49.76 22.56
N GLY A 182 -5.73 48.93 23.51
CA GLY A 182 -5.59 47.48 23.38
C GLY A 182 -4.80 46.83 24.51
N THR A 183 -4.66 45.52 24.42
CA THR A 183 -3.98 44.76 25.45
C THR A 183 -2.80 43.98 24.91
N LYS A 184 -1.69 44.08 25.61
CA LYS A 184 -0.47 43.37 25.27
C LYS A 184 -0.03 42.42 26.35
N VAL A 185 0.01 41.14 26.03
CA VAL A 185 0.37 40.13 27.01
C VAL A 185 1.74 39.57 26.76
N ILE A 186 2.60 39.68 27.75
CA ILE A 186 3.95 39.23 27.62
C ILE A 186 4.25 38.03 28.49
N LEU A 187 4.68 36.96 27.88
CA LEU A 187 5.02 35.79 28.66
C LEU A 187 6.51 35.66 28.76
N HIS A 188 7.00 35.44 29.95
CA HIS A 188 8.41 35.14 30.14
C HIS A 188 8.41 33.67 30.30
N LEU A 189 8.96 32.98 29.33
CA LEU A 189 8.83 31.55 29.31
C LEU A 189 9.76 30.80 30.19
N LYS A 190 9.30 29.64 30.60
CA LYS A 190 10.09 28.71 31.36
C LYS A 190 11.30 28.36 30.57
N GLU A 191 12.40 28.31 31.27
CA GLU A 191 13.67 28.00 30.64
C GLU A 191 13.65 26.74 29.80
N ASP A 192 12.95 25.72 30.21
CA ASP A 192 12.97 24.48 29.48
C ASP A 192 11.84 24.25 28.48
N GLN A 193 11.04 25.26 28.18
CA GLN A 193 9.97 25.08 27.22
C GLN A 193 10.03 26.16 26.17
N THR A 194 11.03 26.07 25.32
CA THR A 194 11.30 27.11 24.38
C THR A 194 10.96 26.77 22.96
N GLU A 195 10.33 25.62 22.73
CA GLU A 195 9.96 25.25 21.37
C GLU A 195 8.82 26.13 20.91
N TYR A 196 8.21 26.82 21.85
CA TYR A 196 7.09 27.66 21.59
C TYR A 196 7.53 28.96 20.97
N LEU A 197 8.83 29.18 20.89
CA LEU A 197 9.36 30.35 20.26
C LEU A 197 9.68 30.08 18.80
N GLU A 198 9.46 28.86 18.33
CA GLU A 198 9.78 28.53 16.96
C GLU A 198 8.64 28.82 16.02
N GLU A 199 8.98 29.38 14.87
CA GLU A 199 7.97 29.69 13.87
C GLU A 199 7.16 28.49 13.49
N ARG A 200 7.85 27.38 13.34
CA ARG A 200 7.17 26.17 12.95
C ARG A 200 6.12 25.74 13.93
N ARG A 201 6.44 25.81 15.20
CA ARG A 201 5.57 25.30 16.21
C ARG A 201 4.38 26.20 16.36
N ILE A 202 4.61 27.49 16.27
CA ILE A 202 3.51 28.40 16.43
C ILE A 202 2.53 28.18 15.32
N LYS A 203 3.00 28.07 14.10
CA LYS A 203 2.07 27.88 13.01
C LYS A 203 1.27 26.63 13.17
N GLU A 204 1.89 25.55 13.61
CA GLU A 204 1.15 24.32 13.75
C GLU A 204 0.00 24.47 14.74
N ILE A 205 0.28 25.11 15.86
CA ILE A 205 -0.73 25.26 16.88
C ILE A 205 -1.85 26.15 16.43
N VAL A 206 -1.53 27.25 15.81
CA VAL A 206 -2.61 28.13 15.42
C VAL A 206 -3.47 27.48 14.39
N LYS A 207 -2.88 26.84 13.40
CA LYS A 207 -3.71 26.23 12.40
C LYS A 207 -4.62 25.18 12.98
N LYS A 208 -4.12 24.39 13.92
CA LYS A 208 -4.97 23.37 14.48
C LYS A 208 -6.12 23.88 15.29
N HIS A 209 -5.89 24.86 16.14
CA HIS A 209 -6.97 25.26 17.03
C HIS A 209 -7.78 26.50 16.69
N SER A 210 -7.17 27.50 16.08
CA SER A 210 -7.83 28.78 15.90
C SER A 210 -7.83 29.37 14.49
N GLN A 211 -7.79 28.57 13.45
CA GLN A 211 -7.76 29.16 12.12
C GLN A 211 -9.04 29.86 11.71
N PHE A 212 -10.14 29.65 12.40
CA PHE A 212 -11.37 30.27 11.98
C PHE A 212 -11.77 31.46 12.81
N ILE A 213 -10.83 32.00 13.55
CA ILE A 213 -11.12 33.20 14.29
C ILE A 213 -11.28 34.33 13.28
N GLY A 214 -12.32 35.11 13.46
CA GLY A 214 -12.69 36.20 12.57
C GLY A 214 -11.67 37.32 12.31
N TYR A 215 -10.80 37.61 13.24
CA TYR A 215 -9.87 38.69 13.02
C TYR A 215 -8.56 38.15 12.52
N PRO A 216 -7.85 38.82 11.63
CA PRO A 216 -6.60 38.37 11.09
C PRO A 216 -5.52 38.27 12.12
N ILE A 217 -4.75 37.22 12.05
CA ILE A 217 -3.63 36.95 12.92
C ILE A 217 -2.34 36.99 12.18
N THR A 218 -1.42 37.85 12.61
CA THR A 218 -0.14 37.97 11.93
C THR A 218 1.03 37.57 12.79
N LEU A 219 1.87 36.70 12.26
CA LEU A 219 3.07 36.24 12.94
C LEU A 219 4.30 36.96 12.44
N PHE A 220 5.04 37.57 13.35
CA PHE A 220 6.22 38.36 13.03
C PHE A 220 7.54 37.70 13.35
N VAL A 221 8.29 37.31 12.33
CA VAL A 221 9.57 36.64 12.61
C VAL A 221 10.72 37.27 11.87
N GLU A 222 11.93 37.08 12.37
CA GLU A 222 13.10 37.64 11.70
C GLU A 222 13.83 36.64 10.81
N LYS A 223 14.12 37.08 9.58
CA LYS A 223 14.85 36.26 8.62
C LYS A 223 15.61 37.13 7.61
N GLU A 224 16.61 36.55 6.89
CA GLU A 224 17.40 37.23 5.85
C GLU A 224 16.65 37.22 4.52
N LYS A 282 18.75 41.65 8.02
CA LYS A 282 17.55 40.83 8.07
C LYS A 282 16.33 41.77 8.11
N TYR A 283 15.11 41.19 8.05
CA TYR A 283 13.84 41.91 8.05
C TYR A 283 12.78 41.09 8.76
N ILE A 284 11.66 41.72 9.09
CA ILE A 284 10.60 40.98 9.73
C ILE A 284 9.55 40.58 8.74
N ASP A 285 9.38 39.29 8.64
CA ASP A 285 8.45 38.62 7.75
C ASP A 285 7.12 38.53 8.48
N GLN A 286 6.12 39.22 7.94
CA GLN A 286 4.83 39.30 8.58
C GLN A 286 3.81 38.43 7.88
N GLU A 287 3.54 37.25 8.41
CA GLU A 287 2.66 36.32 7.75
C GLU A 287 1.29 36.19 8.36
N GLU A 288 0.26 36.38 7.56
CA GLU A 288 -1.10 36.18 8.05
C GLU A 288 -1.37 34.70 8.07
N LEU A 289 -1.92 34.19 9.15
CA LEU A 289 -2.15 32.75 9.18
C LEU A 289 -3.56 32.32 8.85
N ASN A 290 -4.54 33.06 9.32
CA ASN A 290 -5.94 32.68 9.11
C ASN A 290 -6.50 33.27 7.85
N LYS A 291 -6.04 32.74 6.73
CA LYS A 291 -6.44 33.25 5.42
C LYS A 291 -7.74 32.66 4.90
N THR A 292 -8.21 31.60 5.52
CA THR A 292 -9.40 30.91 5.07
C THR A 292 -10.59 31.30 5.90
N LYS A 293 -11.67 31.64 5.24
CA LYS A 293 -12.86 32.02 5.96
C LYS A 293 -13.77 30.82 6.20
N PRO A 294 -14.53 30.80 7.29
CA PRO A 294 -15.48 29.79 7.64
C PRO A 294 -16.71 29.95 6.82
N ILE A 295 -16.65 29.55 5.57
CA ILE A 295 -17.76 29.82 4.66
C ILE A 295 -19.06 29.18 5.05
N TRP A 296 -19.05 28.23 5.95
CA TRP A 296 -20.28 27.58 6.36
C TRP A 296 -21.25 28.51 7.06
N THR A 297 -20.79 29.69 7.42
CA THR A 297 -21.62 30.66 8.10
C THR A 297 -22.45 31.44 7.10
N ARG A 298 -22.11 31.34 5.83
CA ARG A 298 -22.79 32.04 4.78
C ARG A 298 -24.04 31.30 4.38
N ASN A 299 -24.98 32.01 3.81
CA ASN A 299 -26.16 31.36 3.29
C ASN A 299 -25.73 30.48 2.13
N PRO A 300 -26.12 29.20 2.06
CA PRO A 300 -25.70 28.27 1.05
C PRO A 300 -26.03 28.68 -0.36
N ASP A 301 -27.04 29.51 -0.54
CA ASP A 301 -27.42 29.86 -1.88
C ASP A 301 -26.51 30.87 -2.51
N ASP A 302 -25.65 31.46 -1.70
CA ASP A 302 -24.77 32.47 -2.21
C ASP A 302 -23.38 31.93 -2.43
N ILE A 303 -23.18 30.64 -2.27
CA ILE A 303 -21.83 30.13 -2.40
C ILE A 303 -21.68 29.39 -3.72
N THR A 304 -20.68 29.76 -4.48
CA THR A 304 -20.46 29.14 -5.78
C THR A 304 -19.64 27.89 -5.64
N ASN A 305 -19.55 27.12 -6.70
CA ASN A 305 -18.76 25.91 -6.62
C ASN A 305 -17.30 26.18 -6.47
N GLU A 306 -16.83 27.28 -7.02
CA GLU A 306 -15.44 27.60 -6.91
C GLU A 306 -15.12 27.88 -5.47
N GLU A 307 -16.03 28.59 -4.80
CA GLU A 307 -15.82 28.90 -3.41
C GLU A 307 -15.82 27.66 -2.55
N TYR A 308 -16.70 26.70 -2.84
CA TYR A 308 -16.67 25.52 -2.03
C TYR A 308 -15.41 24.75 -2.30
N GLY A 309 -14.97 24.73 -3.55
CA GLY A 309 -13.79 23.99 -3.93
C GLY A 309 -12.56 24.53 -3.25
N GLU A 310 -12.44 25.84 -3.16
CA GLU A 310 -11.27 26.38 -2.52
C GLU A 310 -11.29 26.09 -1.05
N PHE A 311 -12.46 26.20 -0.44
CA PHE A 311 -12.54 25.92 0.97
C PHE A 311 -12.09 24.52 1.22
N TYR A 312 -12.62 23.59 0.43
CA TYR A 312 -12.29 22.20 0.55
C TYR A 312 -10.82 21.95 0.44
N LYS A 313 -10.16 22.49 -0.58
CA LYS A 313 -8.76 22.18 -0.70
C LYS A 313 -7.99 22.68 0.48
N SER A 314 -8.33 23.87 0.95
CA SER A 314 -7.63 24.46 2.07
C SER A 314 -7.80 23.61 3.30
N LEU A 315 -9.01 23.15 3.52
CA LEU A 315 -9.34 22.35 4.66
C LEU A 315 -8.61 21.02 4.69
N THR A 316 -8.52 20.37 3.55
CA THR A 316 -7.94 19.05 3.48
C THR A 316 -6.53 18.94 2.93
N ASN A 317 -5.90 20.03 2.49
CA ASN A 317 -4.56 20.00 1.91
C ASN A 317 -4.53 19.08 0.71
N ASP A 318 -5.59 19.18 -0.06
CA ASP A 318 -5.77 18.41 -1.27
C ASP A 318 -5.27 19.26 -2.42
N TRP A 319 -5.35 18.72 -3.62
CA TRP A 319 -4.96 19.43 -4.82
C TRP A 319 -6.02 19.09 -5.82
N GLU A 320 -6.80 18.08 -5.47
CA GLU A 320 -7.90 17.61 -6.28
C GLU A 320 -9.13 18.34 -5.81
N ASP A 321 -10.14 18.44 -6.62
CA ASP A 321 -11.31 19.13 -6.13
C ASP A 321 -12.24 18.18 -5.39
N HIS A 322 -13.32 18.71 -4.89
CA HIS A 322 -14.33 17.89 -4.24
C HIS A 322 -15.21 17.31 -5.33
N LEU A 323 -15.90 16.23 -5.03
CA LEU A 323 -16.82 15.64 -5.97
C LEU A 323 -18.20 16.14 -5.74
N ALA A 324 -18.58 16.24 -4.47
CA ALA A 324 -19.90 16.69 -4.13
C ALA A 324 -19.92 17.33 -2.79
N VAL A 325 -20.83 18.26 -2.57
CA VAL A 325 -20.94 18.87 -1.27
C VAL A 325 -22.36 19.10 -0.85
N LYS A 326 -22.61 18.90 0.42
CA LYS A 326 -23.89 19.19 1.02
C LYS A 326 -23.72 20.20 2.13
N HIS A 327 -24.38 21.34 1.99
CA HIS A 327 -24.31 22.40 2.99
C HIS A 327 -25.66 22.42 3.63
N PHE A 328 -25.65 22.07 4.86
CA PHE A 328 -26.80 21.78 5.66
C PHE A 328 -26.89 22.47 7.00
N SER A 329 -28.12 22.75 7.46
CA SER A 329 -28.27 23.29 8.79
C SER A 329 -29.44 22.71 9.53
N VAL A 330 -29.33 22.74 10.86
CA VAL A 330 -30.35 22.28 11.78
C VAL A 330 -30.72 23.34 12.77
N GLU A 331 -32.02 23.59 12.91
CA GLU A 331 -32.47 24.55 13.91
C GLU A 331 -33.60 24.01 14.75
N GLY A 332 -33.26 23.29 15.81
CA GLY A 332 -34.24 22.67 16.69
C GLY A 332 -33.81 22.94 18.11
N GLN A 333 -33.78 21.89 18.94
CA GLN A 333 -33.29 22.07 20.30
C GLN A 333 -31.80 22.35 20.23
N LEU A 334 -31.15 21.70 19.28
CA LEU A 334 -29.75 21.91 19.04
C LEU A 334 -29.69 22.74 17.81
N GLU A 335 -28.65 23.51 17.67
CA GLU A 335 -28.48 24.23 16.45
C GLU A 335 -27.11 23.98 15.94
N PHE A 336 -27.01 23.75 14.66
CA PHE A 336 -25.71 23.59 14.05
C PHE A 336 -25.72 23.72 12.58
N ARG A 337 -24.55 23.90 12.02
CA ARG A 337 -24.41 23.87 10.60
C ARG A 337 -23.32 22.94 10.23
N ALA A 338 -23.39 22.41 9.02
CA ALA A 338 -22.32 21.55 8.60
C ALA A 338 -22.08 21.53 7.10
N LEU A 339 -20.82 21.27 6.78
CA LEU A 339 -20.41 21.03 5.41
C LEU A 339 -19.86 19.67 5.27
N LEU A 340 -20.46 18.92 4.38
CA LEU A 340 -20.01 17.57 4.16
C LEU A 340 -19.54 17.42 2.73
N PHE A 341 -18.33 16.96 2.58
CA PHE A 341 -17.76 16.78 1.26
C PHE A 341 -17.45 15.35 0.92
N VAL A 342 -17.66 15.04 -0.34
CA VAL A 342 -17.31 13.77 -0.90
C VAL A 342 -16.10 14.00 -1.80
N PRO A 343 -14.96 13.39 -1.57
CA PRO A 343 -13.74 13.45 -2.34
C PRO A 343 -13.89 12.84 -3.71
N ARG A 344 -13.04 13.24 -4.66
CA ARG A 344 -13.04 12.62 -5.99
C ARG A 344 -12.19 11.37 -6.08
N ARG A 345 -11.46 11.10 -5.03
CA ARG A 345 -10.61 9.94 -4.93
C ARG A 345 -10.78 9.42 -3.55
N ALA A 346 -10.78 8.12 -3.37
CA ALA A 346 -10.91 7.68 -2.01
C ALA A 346 -9.75 8.30 -1.24
N PRO A 347 -9.97 8.78 0.00
CA PRO A 347 -9.00 9.41 0.87
C PRO A 347 -8.06 8.38 1.36
N PHE A 348 -6.88 8.81 1.75
CA PHE A 348 -5.93 7.86 2.27
C PHE A 348 -4.95 8.50 3.23
N ASP A 349 -4.29 7.67 4.00
CA ASP A 349 -3.33 8.17 4.94
C ASP A 349 -2.00 8.38 4.28
N LEU A 350 -1.81 9.55 3.70
CA LEU A 350 -0.55 9.79 3.02
C LEU A 350 0.57 9.76 4.03
N PHE A 351 0.31 10.37 5.19
CA PHE A 351 1.27 10.45 6.25
C PHE A 351 0.75 9.90 7.54
N GLU A 352 1.68 9.52 8.40
CA GLU A 352 1.36 8.95 9.70
C GLU A 352 0.32 9.75 10.45
N ASN A 353 -0.72 9.03 10.86
CA ASN A 353 -1.85 9.51 11.60
C ASN A 353 -2.44 8.32 12.32
N ARG A 354 -3.50 8.52 13.09
CA ARG A 354 -4.09 7.36 13.71
C ARG A 354 -4.84 6.64 12.59
N LYS A 355 -4.63 5.36 12.46
CA LYS A 355 -5.32 4.64 11.41
C LYS A 355 -6.77 4.61 11.77
N LYS A 356 -7.63 4.72 10.78
CA LYS A 356 -9.08 4.69 10.97
C LYS A 356 -9.59 5.90 11.75
N LYS A 357 -8.84 6.98 11.73
CA LYS A 357 -9.31 8.21 12.29
C LYS A 357 -10.49 8.60 11.44
N ASN A 358 -11.56 9.12 12.02
CA ASN A 358 -12.68 9.54 11.19
C ASN A 358 -12.35 10.93 10.64
N ASN A 359 -13.21 11.51 9.83
CA ASN A 359 -12.90 12.80 9.25
C ASN A 359 -13.82 13.97 9.53
N ILE A 360 -14.64 13.91 10.56
CA ILE A 360 -15.51 15.04 10.83
C ILE A 360 -14.99 15.79 12.02
N LYS A 361 -14.73 17.08 11.84
CA LYS A 361 -14.21 17.88 12.93
C LYS A 361 -15.30 18.69 13.58
N LEU A 362 -15.31 18.71 14.91
CA LEU A 362 -16.30 19.46 15.65
C LEU A 362 -15.76 20.74 16.24
N TYR A 363 -16.44 21.83 15.91
CA TYR A 363 -16.12 23.17 16.37
C TYR A 363 -17.26 23.78 17.15
N VAL A 364 -16.91 24.59 18.14
CA VAL A 364 -17.91 25.36 18.87
C VAL A 364 -17.53 26.81 18.80
N ARG A 365 -18.42 27.61 18.27
CA ARG A 365 -18.18 29.03 18.10
C ARG A 365 -16.89 29.25 17.36
N ARG A 366 -16.68 28.49 16.30
CA ARG A 366 -15.49 28.57 15.47
C ARG A 366 -14.18 28.19 16.13
N VAL A 367 -14.21 27.48 17.25
CA VAL A 367 -13.00 27.01 17.91
C VAL A 367 -12.95 25.50 17.88
N PHE A 368 -11.83 24.93 17.51
CA PHE A 368 -11.80 23.48 17.43
C PHE A 368 -11.91 22.74 18.74
N ILE A 369 -12.78 21.72 18.80
CA ILE A 369 -12.89 20.93 20.02
C ILE A 369 -12.29 19.54 19.87
N MET A 370 -12.79 18.75 18.94
CA MET A 370 -12.28 17.39 18.80
C MET A 370 -12.42 16.85 17.39
N ASP A 371 -11.55 15.93 16.98
CA ASP A 371 -11.62 15.39 15.63
C ASP A 371 -11.68 13.89 15.40
N ASN A 372 -11.85 13.08 16.42
CA ASN A 372 -11.94 11.65 16.18
C ASN A 372 -12.91 11.03 17.11
N CYS A 373 -14.11 11.56 17.10
CA CYS A 373 -15.11 11.05 17.98
C CYS A 373 -15.91 10.06 17.19
N GLU A 374 -15.77 8.80 17.53
CA GLU A 374 -16.37 7.71 16.80
C GLU A 374 -17.86 7.79 16.87
N GLU A 375 -18.34 8.29 17.96
CA GLU A 375 -19.74 8.43 18.21
C GLU A 375 -20.46 9.29 17.17
N LEU A 376 -19.75 10.18 16.47
CA LEU A 376 -20.38 11.06 15.50
C LEU A 376 -20.93 10.46 14.24
N ILE A 377 -20.30 9.43 13.70
CA ILE A 377 -20.77 8.95 12.41
C ILE A 377 -20.30 7.50 12.20
N PRO A 378 -21.07 6.61 11.55
CA PRO A 378 -20.73 5.25 11.26
C PRO A 378 -19.49 5.16 10.43
N GLU A 379 -18.73 4.11 10.62
CA GLU A 379 -17.48 3.90 9.89
C GLU A 379 -17.65 3.81 8.40
N TYR A 380 -18.75 3.27 7.95
CA TYR A 380 -18.95 3.11 6.53
C TYR A 380 -19.02 4.46 5.82
N LEU A 381 -19.26 5.54 6.54
CA LEU A 381 -19.32 6.87 5.98
C LEU A 381 -18.14 7.69 6.39
N ASN A 382 -17.03 7.05 6.68
CA ASN A 382 -15.88 7.80 7.14
C ASN A 382 -15.06 8.50 6.07
N PHE A 383 -15.52 8.47 4.84
CA PHE A 383 -14.82 9.12 3.75
C PHE A 383 -15.39 10.49 3.44
N ILE A 384 -16.51 10.70 4.11
CA ILE A 384 -16.97 12.07 4.16
C ILE A 384 -16.07 12.93 4.98
N ARG A 385 -15.69 14.05 4.40
CA ARG A 385 -14.83 14.98 5.09
C ARG A 385 -15.70 16.12 5.53
N GLY A 386 -15.48 16.71 6.67
CA GLY A 386 -16.37 17.82 6.95
C GLY A 386 -16.22 18.51 8.28
N VAL A 387 -17.07 19.51 8.43
CA VAL A 387 -17.11 20.38 9.59
C VAL A 387 -18.47 20.53 10.19
N VAL A 388 -18.55 20.40 11.50
CA VAL A 388 -19.78 20.67 12.21
C VAL A 388 -19.52 21.81 13.17
N ASP A 389 -20.26 22.89 13.06
CA ASP A 389 -20.06 24.07 13.90
C ASP A 389 -21.29 24.38 14.68
N SER A 390 -21.21 24.21 15.96
CA SER A 390 -22.39 24.34 16.79
C SER A 390 -22.26 25.22 17.99
N GLU A 391 -23.11 26.21 18.07
CA GLU A 391 -23.09 27.09 19.21
C GLU A 391 -23.92 26.48 20.33
N ASP A 392 -23.68 26.89 21.56
CA ASP A 392 -24.38 26.45 22.75
C ASP A 392 -24.35 24.98 23.15
N LEU A 393 -23.22 24.31 22.97
CA LEU A 393 -23.15 22.97 23.50
C LEU A 393 -22.40 23.10 24.81
N PRO A 394 -22.72 22.35 25.85
CA PRO A 394 -22.01 22.37 27.11
C PRO A 394 -20.64 21.75 26.99
N LEU A 395 -19.64 22.39 27.52
CA LEU A 395 -18.29 21.86 27.46
C LEU A 395 -17.66 21.63 28.80
N ASN A 396 -16.70 20.74 28.78
CA ASN A 396 -15.83 20.39 29.86
C ASN A 396 -14.94 21.54 30.23
N ILE A 397 -14.48 21.60 31.46
CA ILE A 397 -13.63 22.71 31.88
C ILE A 397 -12.39 22.86 31.01
N SER A 398 -11.85 21.79 30.45
CA SER A 398 -10.67 21.89 29.61
C SER A 398 -10.97 22.39 28.22
N ARG A 399 -12.25 22.37 27.90
CA ARG A 399 -12.84 22.68 26.61
C ARG A 399 -12.32 21.79 25.52
N GLU A 400 -11.94 20.55 25.88
CA GLU A 400 -11.52 19.54 24.92
C GLU A 400 -12.55 18.47 24.71
N MET A 401 -13.57 18.46 25.54
CA MET A 401 -14.58 17.44 25.49
C MET A 401 -15.93 18.00 25.72
N LEU A 402 -16.88 17.35 25.14
CA LEU A 402 -18.27 17.68 25.25
C LEU A 402 -18.90 16.99 26.45
N GLN A 403 -19.74 17.70 27.17
CA GLN A 403 -20.49 17.11 28.27
C GLN A 403 -21.78 16.55 27.72
N GLN A 404 -22.41 15.57 28.37
CA GLN A 404 -23.70 15.07 27.90
C GLN A 404 -23.66 14.49 26.49
N SER A 405 -23.07 13.31 26.37
CA SER A 405 -22.83 12.61 25.10
C SER A 405 -24.09 12.28 24.30
N LYS A 406 -25.25 12.39 24.91
CA LYS A 406 -26.52 12.14 24.23
C LYS A 406 -26.66 13.11 23.04
N ILE A 407 -25.93 14.21 23.09
CA ILE A 407 -25.93 15.20 22.05
C ILE A 407 -25.37 14.60 20.79
N LEU A 408 -24.31 13.82 20.92
CA LEU A 408 -23.67 13.24 19.77
C LEU A 408 -24.62 12.29 19.11
N LYS A 409 -25.40 11.58 19.91
CA LYS A 409 -26.37 10.67 19.31
C LYS A 409 -27.28 11.42 18.34
N VAL A 410 -27.75 12.58 18.76
CA VAL A 410 -28.63 13.35 17.90
C VAL A 410 -27.91 13.83 16.66
N ILE A 411 -26.69 14.30 16.81
CA ILE A 411 -25.97 14.79 15.66
C ILE A 411 -25.78 13.68 14.65
N ARG A 412 -25.40 12.50 15.12
CA ARG A 412 -25.18 11.39 14.24
C ARG A 412 -26.41 11.07 13.43
N LYS A 413 -27.57 11.05 14.06
CA LYS A 413 -28.75 10.76 13.30
C LYS A 413 -28.89 11.69 12.12
N ASN A 414 -28.68 12.98 12.35
CA ASN A 414 -28.86 13.90 11.27
C ASN A 414 -27.78 13.85 10.20
N LEU A 415 -26.54 13.58 10.57
CA LEU A 415 -25.53 13.55 9.53
C LEU A 415 -25.75 12.40 8.60
N VAL A 416 -26.18 11.26 9.14
CA VAL A 416 -26.38 10.13 8.29
C VAL A 416 -27.52 10.36 7.34
N LYS A 417 -28.61 10.89 7.87
CA LYS A 417 -29.76 11.14 7.04
C LYS A 417 -29.41 11.97 5.84
N LYS A 418 -28.62 13.02 6.04
CA LYS A 418 -28.30 13.87 4.93
C LYS A 418 -27.28 13.28 3.99
N CYS A 419 -26.38 12.43 4.47
CA CYS A 419 -25.45 11.84 3.53
C CYS A 419 -26.22 10.98 2.55
N LEU A 420 -27.21 10.25 3.04
CA LEU A 420 -27.97 9.42 2.15
C LEU A 420 -28.68 10.26 1.12
N GLU A 421 -29.18 11.42 1.50
CA GLU A 421 -29.82 12.24 0.50
C GLU A 421 -28.82 12.66 -0.56
N LEU A 422 -27.59 12.96 -0.15
CA LEU A 422 -26.60 13.37 -1.13
C LEU A 422 -26.31 12.29 -2.12
N PHE A 423 -26.19 11.06 -1.66
CA PHE A 423 -25.89 9.99 -2.57
C PHE A 423 -27.03 9.79 -3.52
N THR A 424 -28.24 9.94 -3.03
CA THR A 424 -29.38 9.79 -3.88
C THR A 424 -29.32 10.81 -4.98
N GLU A 425 -28.95 12.04 -4.66
CA GLU A 425 -28.84 13.08 -5.67
C GLU A 425 -27.76 12.75 -6.69
N LEU A 426 -26.62 12.20 -6.26
CA LEU A 426 -25.59 11.87 -7.23
C LEU A 426 -26.06 10.87 -8.22
N ALA A 427 -26.90 9.94 -7.77
CA ALA A 427 -27.41 8.87 -8.58
C ALA A 427 -28.19 9.36 -9.78
N GLU A 428 -28.67 10.59 -9.76
CA GLU A 428 -29.42 11.12 -10.87
C GLU A 428 -28.51 11.35 -12.08
N ASP A 429 -27.25 11.69 -11.85
CA ASP A 429 -26.31 11.93 -12.92
C ASP A 429 -25.54 10.66 -13.17
N LYS A 430 -25.88 9.98 -14.23
CA LYS A 430 -25.27 8.69 -14.41
C LYS A 430 -23.77 8.73 -14.54
N GLU A 431 -23.21 9.78 -15.11
CA GLU A 431 -21.77 9.77 -15.28
C GLU A 431 -21.11 10.00 -13.96
N ASN A 432 -21.67 10.92 -13.20
CA ASN A 432 -21.04 11.18 -11.95
C ASN A 432 -21.27 10.06 -10.98
N TYR A 433 -22.37 9.35 -11.11
CA TYR A 433 -22.59 8.30 -10.18
C TYR A 433 -21.54 7.28 -10.42
N LYS A 434 -21.24 6.98 -11.67
CA LYS A 434 -20.20 6.00 -11.87
C LYS A 434 -18.91 6.42 -11.20
N LYS A 435 -18.55 7.69 -11.32
CA LYS A 435 -17.30 8.11 -10.72
C LYS A 435 -17.28 7.85 -9.24
N PHE A 436 -18.42 8.05 -8.60
CA PHE A 436 -18.64 7.84 -7.19
C PHE A 436 -18.38 6.41 -6.78
N TYR A 437 -18.98 5.58 -7.61
CA TYR A 437 -19.32 4.25 -7.17
C TYR A 437 -18.05 3.49 -7.33
N GLU A 438 -17.29 3.87 -8.32
CA GLU A 438 -16.03 3.22 -8.59
C GLU A 438 -15.09 3.30 -7.41
N GLN A 439 -15.12 4.39 -6.65
CA GLN A 439 -14.25 4.54 -5.50
C GLN A 439 -14.92 4.11 -4.21
N PHE A 440 -16.22 4.33 -4.14
CA PHE A 440 -16.93 4.10 -2.88
C PHE A 440 -17.95 2.97 -2.78
N SER A 441 -18.06 2.09 -3.75
CA SER A 441 -19.05 1.02 -3.66
C SER A 441 -18.82 0.10 -2.49
N LYS A 442 -17.58 -0.02 -2.04
CA LYS A 442 -17.32 -0.88 -0.91
C LYS A 442 -18.00 -0.37 0.31
N ASN A 443 -18.05 0.93 0.44
CA ASN A 443 -18.62 1.47 1.64
C ASN A 443 -20.09 1.30 1.63
N ILE A 444 -20.69 1.34 0.46
CA ILE A 444 -22.11 1.13 0.45
C ILE A 444 -22.38 -0.26 0.90
N LYS A 445 -21.63 -1.21 0.37
CA LYS A 445 -21.85 -2.60 0.73
C LYS A 445 -21.68 -2.83 2.22
N LEU A 446 -20.70 -2.19 2.84
CA LEU A 446 -20.53 -2.36 4.27
C LEU A 446 -21.72 -1.83 5.01
N GLY A 447 -22.34 -0.80 4.48
CA GLY A 447 -23.51 -0.21 5.10
C GLY A 447 -24.75 -1.07 4.96
N ILE A 448 -24.70 -2.13 4.16
CA ILE A 448 -25.85 -3.01 4.02
C ILE A 448 -25.72 -3.99 5.12
N HIS A 449 -24.52 -4.47 5.25
CA HIS A 449 -24.21 -5.48 6.21
C HIS A 449 -24.47 -4.92 7.61
N GLU A 450 -23.91 -3.75 7.87
CA GLU A 450 -24.02 -3.03 9.13
C GLU A 450 -25.16 -2.05 9.09
N ASP A 451 -25.64 -1.59 10.24
CA ASP A 451 -26.68 -0.55 10.23
C ASP A 451 -27.91 -0.92 9.43
N SER A 452 -28.56 -1.98 9.86
CA SER A 452 -29.67 -2.54 9.15
C SER A 452 -30.85 -1.64 8.92
N GLN A 453 -31.04 -0.63 9.73
CA GLN A 453 -32.20 0.22 9.54
C GLN A 453 -32.17 0.97 8.21
N ASN A 454 -31.00 1.08 7.59
CA ASN A 454 -30.89 1.80 6.33
C ASN A 454 -30.73 0.91 5.11
N ARG A 455 -30.95 -0.40 5.24
CA ARG A 455 -30.79 -1.27 4.07
C ARG A 455 -31.75 -0.89 2.98
N LYS A 456 -32.91 -0.45 3.43
CA LYS A 456 -34.01 -0.05 2.59
C LYS A 456 -33.68 1.10 1.67
N LYS A 457 -32.64 1.87 1.97
CA LYS A 457 -32.26 2.96 1.09
C LYS A 457 -30.95 2.66 0.42
N LEU A 458 -30.05 2.05 1.15
CA LEU A 458 -28.75 1.80 0.61
C LEU A 458 -28.75 0.86 -0.53
N SER A 459 -29.63 -0.11 -0.50
CA SER A 459 -29.63 -1.09 -1.55
C SER A 459 -29.95 -0.49 -2.90
N GLU A 460 -30.55 0.68 -2.95
CA GLU A 460 -30.90 1.24 -4.23
C GLU A 460 -29.73 1.91 -4.88
N LEU A 461 -28.65 2.02 -4.14
CA LEU A 461 -27.45 2.62 -4.64
C LEU A 461 -26.51 1.58 -5.20
N LEU A 462 -26.91 0.31 -5.15
CA LEU A 462 -26.05 -0.73 -5.65
C LEU A 462 -26.15 -0.86 -7.14
N ARG A 463 -25.04 -1.18 -7.76
CA ARG A 463 -25.00 -1.41 -9.19
C ARG A 463 -24.20 -2.68 -9.48
N TYR A 464 -24.72 -3.49 -10.40
CA TYR A 464 -24.09 -4.75 -10.82
C TYR A 464 -24.05 -4.97 -12.31
N TYR A 465 -23.09 -5.77 -12.78
CA TYR A 465 -23.13 -6.19 -14.17
C TYR A 465 -24.08 -7.33 -14.26
N THR A 466 -24.79 -7.46 -15.36
CA THR A 466 -25.65 -8.61 -15.48
C THR A 466 -25.43 -9.21 -16.82
N SER A 467 -26.00 -10.37 -17.03
CA SER A 467 -25.91 -11.08 -18.28
C SER A 467 -26.59 -10.35 -19.42
N ALA A 468 -27.42 -9.37 -19.11
CA ALA A 468 -28.13 -8.63 -20.13
C ALA A 468 -27.65 -7.20 -20.29
N SER A 469 -26.57 -6.80 -19.59
CA SER A 469 -26.18 -5.40 -19.64
C SER A 469 -24.94 -5.09 -20.45
N GLY A 470 -24.29 -6.07 -21.05
CA GLY A 470 -23.07 -5.71 -21.73
C GLY A 470 -22.11 -5.21 -20.67
N ASP A 471 -21.62 -3.98 -20.82
CA ASP A 471 -20.68 -3.44 -19.85
C ASP A 471 -21.28 -2.39 -18.94
N GLU A 472 -22.59 -2.27 -18.92
CA GLU A 472 -23.19 -1.30 -18.03
C GLU A 472 -23.50 -1.92 -16.70
N MET A 473 -23.48 -1.13 -15.67
CA MET A 473 -23.89 -1.67 -14.41
C MET A 473 -25.26 -1.14 -14.16
N VAL A 474 -26.13 -1.97 -13.66
CA VAL A 474 -27.48 -1.53 -13.47
C VAL A 474 -27.97 -1.74 -12.08
N SER A 475 -29.04 -1.07 -11.76
CA SER A 475 -29.60 -1.15 -10.44
C SER A 475 -30.50 -2.33 -10.33
N LEU A 476 -30.89 -2.65 -9.12
CA LEU A 476 -31.79 -3.76 -8.90
C LEU A 476 -33.15 -3.42 -9.44
N LYS A 477 -33.41 -2.14 -9.56
CA LYS A 477 -34.65 -1.66 -10.09
C LYS A 477 -34.74 -1.95 -11.56
N ASP A 478 -33.61 -2.01 -12.27
CA ASP A 478 -33.66 -2.22 -13.68
C ASP A 478 -33.90 -3.69 -13.90
N TYR A 479 -33.32 -4.50 -13.03
CA TYR A 479 -33.51 -5.91 -13.15
C TYR A 479 -34.99 -6.16 -12.97
N CYS A 480 -35.57 -5.56 -11.93
CA CYS A 480 -36.98 -5.78 -11.64
C CYS A 480 -37.83 -5.38 -12.82
N THR A 481 -37.53 -4.25 -13.42
CA THR A 481 -38.28 -3.76 -14.55
C THR A 481 -38.34 -4.78 -15.67
N ARG A 482 -37.24 -5.45 -15.90
CA ARG A 482 -37.14 -6.43 -16.96
C ARG A 482 -37.55 -7.85 -16.61
N MET A 483 -38.04 -8.09 -15.41
CA MET A 483 -38.41 -9.45 -15.03
C MET A 483 -39.58 -9.94 -15.84
N LYS A 484 -39.55 -11.24 -16.13
CA LYS A 484 -40.66 -11.85 -16.82
C LYS A 484 -41.76 -12.07 -15.82
N GLU A 485 -42.97 -12.19 -16.30
CA GLU A 485 -44.15 -12.36 -15.46
C GLU A 485 -44.16 -13.64 -14.66
N ASN A 486 -43.32 -14.58 -15.04
CA ASN A 486 -43.27 -15.83 -14.32
C ASN A 486 -42.13 -15.85 -13.32
N GLN A 487 -41.45 -14.73 -13.13
CA GLN A 487 -40.39 -14.71 -12.16
C GLN A 487 -40.93 -14.26 -10.83
N LYS A 488 -40.47 -14.92 -9.79
CA LYS A 488 -40.80 -14.58 -8.44
C LYS A 488 -39.48 -14.44 -7.75
N HIS A 489 -38.48 -14.87 -8.50
CA HIS A 489 -37.10 -14.91 -8.10
C HIS A 489 -36.20 -14.08 -8.97
N ILE A 490 -35.21 -13.51 -8.32
CA ILE A 490 -34.13 -12.77 -8.94
C ILE A 490 -32.92 -13.64 -8.93
N TYR A 491 -32.36 -13.91 -10.08
CA TYR A 491 -31.26 -14.85 -10.11
C TYR A 491 -29.92 -14.19 -10.10
N TYR A 492 -29.00 -14.75 -9.35
CA TYR A 492 -27.66 -14.24 -9.35
C TYR A 492 -26.68 -15.34 -9.20
N ILE A 493 -25.47 -15.06 -9.58
CA ILE A 493 -24.39 -15.98 -9.45
C ILE A 493 -23.18 -15.27 -8.91
N THR A 494 -22.36 -15.95 -8.13
CA THR A 494 -21.15 -15.29 -7.67
C THR A 494 -19.94 -16.02 -8.21
N GLY A 495 -18.85 -15.29 -8.38
CA GLY A 495 -17.64 -15.94 -8.85
C GLY A 495 -16.44 -15.04 -8.79
N GLU A 496 -15.35 -15.45 -9.42
CA GLU A 496 -14.13 -14.68 -9.35
C GLU A 496 -13.98 -13.57 -10.39
N THR A 497 -14.38 -13.82 -11.63
CA THR A 497 -14.21 -12.82 -12.68
C THR A 497 -15.49 -12.70 -13.44
N LYS A 498 -15.55 -11.78 -14.39
CA LYS A 498 -16.76 -11.62 -15.18
C LYS A 498 -16.93 -12.82 -16.09
N ASP A 499 -15.77 -13.32 -16.49
CA ASP A 499 -15.79 -14.07 -17.72
C ASP A 499 -16.07 -15.48 -17.31
N GLN A 500 -15.60 -15.80 -16.11
CA GLN A 500 -15.72 -17.15 -15.59
C GLN A 500 -17.13 -17.44 -15.19
N VAL A 501 -17.87 -16.39 -14.96
CA VAL A 501 -19.24 -16.50 -14.58
C VAL A 501 -20.06 -16.51 -15.83
N ALA A 502 -19.74 -15.61 -16.72
CA ALA A 502 -20.49 -15.47 -17.95
C ALA A 502 -20.50 -16.75 -18.77
N ASN A 503 -19.42 -17.50 -18.75
CA ASN A 503 -19.35 -18.71 -19.54
C ASN A 503 -19.73 -19.95 -18.76
N SER A 504 -20.20 -19.79 -17.56
CA SER A 504 -20.52 -20.89 -16.70
C SER A 504 -21.65 -21.74 -17.18
N ALA A 505 -21.54 -23.02 -16.95
CA ALA A 505 -22.59 -23.95 -17.29
C ALA A 505 -23.87 -23.63 -16.55
N PHE A 506 -23.73 -23.05 -15.37
CA PHE A 506 -24.84 -22.79 -14.50
C PHE A 506 -25.78 -21.75 -15.01
N VAL A 507 -25.37 -20.96 -15.98
CA VAL A 507 -26.25 -19.96 -16.48
C VAL A 507 -26.67 -20.28 -17.89
N GLU A 508 -26.30 -21.44 -18.39
CA GLU A 508 -26.63 -21.73 -19.76
C GLU A 508 -28.10 -21.96 -19.94
N ARG A 509 -28.71 -22.65 -19.00
CA ARG A 509 -30.11 -22.89 -19.18
C ARG A 509 -30.90 -21.62 -18.94
N LEU A 510 -30.46 -20.82 -18.00
CA LEU A 510 -31.21 -19.62 -17.75
C LEU A 510 -31.16 -18.76 -18.98
N ARG A 511 -30.01 -18.72 -19.65
CA ARG A 511 -29.88 -17.94 -20.84
C ARG A 511 -30.82 -18.47 -21.91
N LYS A 512 -30.91 -19.79 -22.02
CA LYS A 512 -31.79 -20.44 -22.97
C LYS A 512 -33.22 -19.96 -22.85
N HIS A 513 -33.68 -19.74 -21.64
CA HIS A 513 -35.05 -19.34 -21.43
C HIS A 513 -35.24 -17.83 -21.34
N GLY A 514 -34.16 -17.10 -21.58
CA GLY A 514 -34.17 -15.64 -21.58
C GLY A 514 -34.21 -14.99 -20.21
N LEU A 515 -33.72 -15.66 -19.18
CA LEU A 515 -33.75 -15.04 -17.87
C LEU A 515 -32.42 -14.38 -17.61
N GLU A 516 -32.49 -13.23 -16.96
CA GLU A 516 -31.31 -12.44 -16.65
C GLU A 516 -30.64 -12.82 -15.36
N VAL A 517 -29.33 -12.89 -15.37
CA VAL A 517 -28.60 -13.23 -14.16
C VAL A 517 -27.62 -12.15 -13.75
N ILE A 518 -27.67 -11.78 -12.48
CA ILE A 518 -26.78 -10.78 -11.93
C ILE A 518 -25.44 -11.37 -11.61
N TYR A 519 -24.37 -10.74 -12.03
CA TYR A 519 -23.06 -11.28 -11.76
C TYR A 519 -22.41 -10.58 -10.59
N MET A 520 -22.17 -11.29 -9.52
CA MET A 520 -21.54 -10.72 -8.36
C MET A 520 -20.11 -11.18 -8.38
N ILE A 521 -19.21 -10.26 -8.12
CA ILE A 521 -17.79 -10.52 -8.32
C ILE A 521 -16.90 -10.30 -7.13
N GLU A 522 -17.13 -9.25 -6.37
CA GLU A 522 -16.15 -8.92 -5.38
C GLU A 522 -16.27 -9.88 -4.21
N PRO A 523 -15.19 -10.22 -3.51
CA PRO A 523 -15.23 -11.07 -2.34
C PRO A 523 -16.26 -10.62 -1.32
N ILE A 524 -16.42 -9.32 -1.18
CA ILE A 524 -17.34 -8.73 -0.25
C ILE A 524 -18.79 -9.06 -0.55
N ASP A 525 -19.08 -9.42 -1.78
CA ASP A 525 -20.43 -9.70 -2.21
C ASP A 525 -20.98 -10.90 -1.46
N GLU A 526 -20.11 -11.77 -0.99
CA GLU A 526 -20.53 -12.97 -0.29
C GLU A 526 -21.06 -12.71 1.09
N TYR A 527 -20.73 -11.56 1.67
CA TYR A 527 -21.12 -11.32 3.03
C TYR A 527 -22.48 -10.71 3.19
N CYS A 528 -22.89 -9.80 2.30
CA CYS A 528 -23.81 -8.82 1.75
C CYS A 528 -25.03 -9.51 1.21
N VAL A 529 -24.77 -10.55 0.45
CA VAL A 529 -25.81 -11.32 -0.19
C VAL A 529 -26.63 -12.06 0.82
N GLN A 530 -26.09 -12.23 2.01
CA GLN A 530 -26.77 -12.93 3.06
C GLN A 530 -27.74 -12.04 3.82
N GLN A 531 -27.70 -10.72 3.57
CA GLN A 531 -28.60 -9.82 4.24
C GLN A 531 -29.69 -9.41 3.27
N LEU A 532 -29.32 -9.32 2.01
CA LEU A 532 -30.24 -8.88 0.99
C LEU A 532 -31.05 -10.01 0.49
N LYS A 533 -31.96 -10.45 1.31
CA LYS A 533 -32.73 -11.61 0.98
C LYS A 533 -33.90 -11.29 0.08
N GLU A 534 -34.37 -10.05 0.15
CA GLU A 534 -35.54 -9.64 -0.59
C GLU A 534 -35.41 -8.24 -1.17
N PHE A 535 -35.88 -8.07 -2.40
CA PHE A 535 -35.90 -6.76 -3.04
C PHE A 535 -37.24 -6.50 -3.65
N GLU A 536 -37.94 -5.51 -3.15
CA GLU A 536 -39.30 -5.20 -3.62
C GLU A 536 -40.20 -6.43 -3.60
N GLY A 537 -40.06 -7.24 -2.59
CA GLY A 537 -40.88 -8.42 -2.44
C GLY A 537 -40.41 -9.64 -3.22
N LYS A 538 -39.35 -9.51 -4.00
CA LYS A 538 -38.89 -10.65 -4.77
C LYS A 538 -37.77 -11.32 -4.02
N THR A 539 -37.67 -12.64 -4.14
CA THR A 539 -36.62 -13.35 -3.42
C THR A 539 -35.39 -13.48 -4.26
N LEU A 540 -34.24 -13.32 -3.64
CA LEU A 540 -32.98 -13.45 -4.33
C LEU A 540 -32.47 -14.89 -4.23
N VAL A 541 -32.18 -15.54 -5.36
CA VAL A 541 -31.75 -16.94 -5.35
C VAL A 541 -30.49 -17.21 -6.17
N SER A 542 -29.82 -18.30 -5.89
CA SER A 542 -28.62 -18.68 -6.61
C SER A 542 -28.70 -19.91 -7.47
N VAL A 543 -27.82 -19.84 -8.43
CA VAL A 543 -28.08 -20.63 -9.60
C VAL A 543 -27.08 -21.75 -9.57
N THR A 544 -26.33 -21.78 -8.47
CA THR A 544 -25.32 -22.81 -8.26
C THR A 544 -25.70 -23.74 -7.12
N LYS A 545 -26.93 -23.62 -6.65
CA LYS A 545 -27.41 -24.48 -5.58
C LYS A 545 -28.47 -25.48 -6.01
N GLU A 546 -28.56 -26.50 -5.19
CA GLU A 546 -29.52 -27.56 -5.22
C GLU A 546 -30.93 -27.05 -5.21
N GLY A 547 -31.79 -27.64 -6.05
CA GLY A 547 -33.20 -27.26 -6.05
C GLY A 547 -33.54 -25.98 -6.80
N LEU A 548 -32.74 -25.59 -7.75
CA LEU A 548 -33.05 -24.36 -8.45
C LEU A 548 -34.36 -24.48 -9.21
N GLU A 549 -35.23 -23.52 -9.01
CA GLU A 549 -36.51 -23.50 -9.69
C GLU A 549 -36.50 -22.62 -10.92
N LEU A 550 -36.99 -23.17 -12.00
CA LEU A 550 -37.14 -22.49 -13.26
C LEU A 550 -38.55 -22.87 -13.68
N PRO A 551 -39.41 -21.93 -14.08
CA PRO A 551 -40.82 -22.17 -14.42
C PRO A 551 -41.04 -22.82 -15.78
N GLU A 552 -40.52 -24.01 -15.95
CA GLU A 552 -40.65 -24.77 -17.18
C GLU A 552 -41.85 -25.73 -17.09
N ASP A 553 -42.36 -26.10 -18.25
CA ASP A 553 -43.44 -27.05 -18.46
C ASP A 553 -43.09 -28.44 -17.94
N GLU A 554 -44.09 -29.10 -17.33
CA GLU A 554 -43.96 -30.42 -16.72
C GLU A 554 -43.52 -31.53 -17.67
N GLU A 555 -43.65 -31.32 -18.98
CA GLU A 555 -43.24 -32.33 -19.94
C GLU A 555 -41.78 -32.72 -19.69
N GLU A 556 -40.95 -31.75 -19.27
CA GLU A 556 -39.55 -32.04 -19.04
C GLU A 556 -39.38 -32.96 -17.84
N LYS A 557 -40.25 -32.84 -16.84
CA LYS A 557 -40.14 -33.64 -15.65
C LYS A 557 -40.47 -35.06 -16.00
N LYS A 558 -41.48 -35.23 -16.85
CA LYS A 558 -41.85 -36.56 -17.24
C LYS A 558 -40.73 -37.23 -17.97
N LYS A 559 -40.06 -36.49 -18.86
CA LYS A 559 -38.96 -37.09 -19.59
C LYS A 559 -37.85 -37.53 -18.66
N GLN A 560 -37.56 -36.73 -17.62
CA GLN A 560 -36.53 -37.20 -16.72
C GLN A 560 -36.98 -38.44 -16.00
N GLU A 561 -38.24 -38.52 -15.58
CA GLU A 561 -38.65 -39.70 -14.83
C GLU A 561 -38.54 -40.94 -15.70
N GLU A 562 -38.82 -40.77 -16.99
CA GLU A 562 -38.74 -41.85 -17.95
C GLU A 562 -37.30 -42.31 -18.12
N LYS A 563 -36.34 -41.39 -18.06
CA LYS A 563 -34.94 -41.72 -18.26
C LYS A 563 -34.21 -42.17 -17.01
N LYS A 564 -34.68 -41.76 -15.85
CA LYS A 564 -34.05 -42.12 -14.59
C LYS A 564 -34.04 -43.62 -14.40
N THR A 565 -34.92 -44.30 -15.09
CA THR A 565 -35.05 -45.73 -14.99
C THR A 565 -33.82 -46.43 -15.53
N LYS A 566 -33.11 -45.79 -16.45
CA LYS A 566 -31.91 -46.39 -17.01
C LYS A 566 -30.68 -45.70 -16.45
N PHE A 567 -30.82 -44.47 -15.99
CA PHE A 567 -29.64 -43.78 -15.48
C PHE A 567 -29.40 -43.96 -13.99
N GLU A 568 -30.39 -44.44 -13.23
CA GLU A 568 -30.15 -44.66 -11.81
C GLU A 568 -29.08 -45.70 -11.66
N ASN A 569 -28.95 -46.61 -12.62
CA ASN A 569 -27.91 -47.60 -12.51
C ASN A 569 -26.54 -46.92 -12.41
N LEU A 570 -26.36 -45.79 -13.11
CA LEU A 570 -25.09 -45.12 -12.98
C LEU A 570 -25.06 -44.38 -11.70
N CYS A 571 -26.18 -43.84 -11.27
CA CYS A 571 -26.11 -43.12 -10.02
C CYS A 571 -25.58 -44.07 -8.97
N LYS A 572 -26.08 -45.30 -8.95
CA LYS A 572 -25.61 -46.23 -7.95
C LYS A 572 -24.15 -46.58 -8.11
N ILE A 573 -23.69 -46.78 -9.33
CA ILE A 573 -22.30 -47.14 -9.51
C ILE A 573 -21.40 -45.99 -9.09
N MET A 574 -21.77 -44.80 -9.48
CA MET A 574 -21.04 -43.59 -9.21
C MET A 574 -21.12 -43.18 -7.76
N LYS A 575 -22.16 -43.61 -7.04
CA LYS A 575 -22.28 -43.39 -5.61
C LYS A 575 -21.25 -44.27 -4.90
N ASP A 576 -20.96 -45.46 -5.45
CA ASP A 576 -19.92 -46.32 -4.86
C ASP A 576 -18.53 -45.76 -5.20
N ILE A 577 -18.39 -45.29 -6.44
CA ILE A 577 -17.16 -44.67 -6.85
C ILE A 577 -17.37 -43.34 -6.18
N LEU A 578 -16.29 -42.86 -5.60
CA LEU A 578 -16.47 -41.48 -5.16
C LEU A 578 -17.34 -41.44 -3.90
N GLU A 579 -17.57 -42.58 -3.24
CA GLU A 579 -18.39 -42.60 -2.04
C GLU A 579 -17.92 -41.63 -1.00
N LYS A 580 -16.62 -41.53 -0.87
CA LYS A 580 -15.99 -40.68 0.12
C LYS A 580 -15.88 -39.21 -0.32
N LYS A 581 -16.23 -38.90 -1.55
CA LYS A 581 -16.07 -37.56 -2.10
C LYS A 581 -17.36 -36.76 -2.29
N VAL A 582 -18.48 -37.43 -2.60
CA VAL A 582 -19.70 -36.67 -2.84
C VAL A 582 -20.83 -37.16 -1.97
N GLU A 583 -21.85 -36.33 -1.81
CA GLU A 583 -23.01 -36.74 -1.02
C GLU A 583 -23.93 -37.66 -1.78
N LYS A 584 -24.06 -37.41 -3.05
CA LYS A 584 -24.97 -38.14 -3.91
C LYS A 584 -24.74 -37.83 -5.34
N VAL A 585 -25.28 -38.68 -6.20
CA VAL A 585 -25.25 -38.47 -7.63
C VAL A 585 -26.68 -38.50 -8.09
N VAL A 586 -27.09 -37.46 -8.79
CA VAL A 586 -28.46 -37.41 -9.27
C VAL A 586 -28.55 -37.05 -10.73
N VAL A 587 -29.69 -37.36 -11.33
CA VAL A 587 -29.97 -36.96 -12.70
C VAL A 587 -30.54 -35.55 -12.66
N SER A 588 -30.01 -34.66 -13.48
CA SER A 588 -30.46 -33.26 -13.47
C SER A 588 -30.91 -32.72 -14.79
N ASN A 589 -31.33 -31.46 -14.76
CA ASN A 589 -31.80 -30.76 -15.94
C ASN A 589 -31.30 -29.32 -16.06
N ARG A 590 -30.45 -28.86 -15.15
CA ARG A 590 -30.00 -27.48 -15.27
C ARG A 590 -28.96 -27.37 -16.38
N LEU A 591 -28.40 -28.52 -16.76
CA LEU A 591 -27.33 -28.58 -17.72
C LEU A 591 -27.82 -28.84 -19.11
N VAL A 592 -27.08 -28.28 -20.05
CA VAL A 592 -27.40 -28.47 -21.43
C VAL A 592 -26.25 -29.16 -22.17
N THR A 593 -25.05 -28.56 -22.14
CA THR A 593 -23.94 -29.09 -22.92
C THR A 593 -22.81 -29.79 -22.17
N SER A 594 -22.66 -29.58 -20.88
CA SER A 594 -21.58 -30.27 -20.19
C SER A 594 -22.15 -31.60 -19.74
N PRO A 595 -21.37 -32.67 -19.57
CA PRO A 595 -21.83 -33.92 -19.07
C PRO A 595 -22.19 -33.91 -17.59
N CYS A 596 -21.64 -32.98 -16.83
CA CYS A 596 -21.92 -32.97 -15.41
C CYS A 596 -21.43 -31.71 -14.71
N CYS A 597 -21.91 -31.48 -13.49
CA CYS A 597 -21.39 -30.36 -12.68
C CYS A 597 -21.54 -30.61 -11.19
N ILE A 598 -20.88 -29.79 -10.40
CA ILE A 598 -20.99 -29.90 -8.96
C ILE A 598 -21.75 -28.76 -8.36
N VAL A 599 -22.74 -29.06 -7.53
CA VAL A 599 -23.51 -27.99 -6.93
C VAL A 599 -23.49 -28.06 -5.42
N THR A 600 -23.83 -26.93 -4.84
CA THR A 600 -23.91 -26.77 -3.41
C THR A 600 -25.29 -27.12 -2.92
N SER A 601 -25.38 -27.56 -1.68
CA SER A 601 -26.63 -27.89 -1.04
C SER A 601 -27.52 -26.68 -0.82
N THR A 602 -28.81 -26.90 -0.55
CA THR A 602 -29.70 -25.76 -0.32
C THR A 602 -29.29 -24.93 0.87
N TYR A 603 -28.77 -25.59 1.89
CA TYR A 603 -28.26 -24.90 3.05
C TYR A 603 -26.85 -25.36 3.23
N GLY A 604 -25.95 -24.39 3.26
CA GLY A 604 -24.55 -24.70 3.35
C GLY A 604 -23.80 -23.56 2.72
N TRP A 605 -22.55 -23.81 2.38
CA TRP A 605 -21.70 -22.78 1.86
C TRP A 605 -21.25 -23.14 0.47
N THR A 606 -21.09 -22.14 -0.36
CA THR A 606 -20.68 -22.29 -1.74
C THR A 606 -19.18 -22.33 -1.89
N ALA A 607 -18.73 -22.70 -3.08
CA ALA A 607 -17.31 -22.76 -3.35
C ALA A 607 -16.65 -21.42 -3.14
N ASN A 608 -17.36 -20.35 -3.46
CA ASN A 608 -16.76 -19.05 -3.30
C ASN A 608 -16.61 -18.74 -1.84
N MET A 609 -17.53 -19.22 -1.03
CA MET A 609 -17.37 -18.92 0.36
C MET A 609 -16.16 -19.65 0.87
N GLU A 610 -15.97 -20.88 0.45
CA GLU A 610 -14.83 -21.58 0.99
C GLU A 610 -13.53 -20.94 0.60
N ARG A 611 -13.42 -20.49 -0.65
CA ARG A 611 -12.12 -19.99 -1.02
C ARG A 611 -11.82 -18.70 -0.32
N ILE A 612 -12.83 -17.92 0.05
CA ILE A 612 -12.48 -16.70 0.75
C ILE A 612 -12.21 -16.98 2.21
N MET A 613 -12.92 -17.91 2.83
CA MET A 613 -12.65 -18.17 4.24
C MET A 613 -11.23 -18.63 4.44
N LYS A 614 -10.73 -19.40 3.50
CA LYS A 614 -9.38 -19.92 3.56
C LYS A 614 -8.29 -18.89 3.50
N ALA A 615 -8.59 -17.69 3.03
CA ALA A 615 -7.60 -16.65 2.89
C ALA A 615 -7.80 -15.53 3.89
N GLN A 616 -8.60 -15.72 4.93
CA GLN A 616 -8.82 -14.58 5.83
C GLN A 616 -7.60 -14.20 6.63
N ALA A 617 -6.66 -15.11 6.75
CA ALA A 617 -5.42 -14.97 7.53
C ALA A 617 -5.71 -15.07 9.01
N LEU A 618 -6.54 -14.19 9.53
CA LEU A 618 -6.92 -14.26 10.94
C LEU A 618 -8.12 -15.17 11.09
N ARG A 619 -7.87 -16.42 10.79
CA ARG A 619 -8.79 -17.53 10.76
C ARG A 619 -8.92 -18.26 12.08
N ASP A 620 -10.11 -18.79 12.33
CA ASP A 620 -10.33 -19.70 13.45
C ASP A 620 -10.26 -21.10 12.88
N ASN A 621 -10.42 -22.13 13.71
CA ASN A 621 -10.38 -23.50 13.21
C ASN A 621 -11.76 -24.18 13.16
N SER A 622 -12.60 -23.92 14.15
CA SER A 622 -13.88 -24.63 14.25
C SER A 622 -14.82 -24.24 13.14
N THR A 623 -14.61 -23.04 12.62
CA THR A 623 -15.42 -22.46 11.58
C THR A 623 -14.99 -22.98 10.23
N MET A 624 -13.82 -23.61 10.16
CA MET A 624 -13.35 -24.08 8.87
C MET A 624 -13.96 -25.45 8.67
N GLY A 625 -14.04 -26.21 9.75
CA GLY A 625 -14.68 -27.51 9.70
C GLY A 625 -16.16 -27.27 9.39
N TYR A 626 -16.77 -26.41 10.21
CA TYR A 626 -18.16 -26.06 10.11
C TYR A 626 -18.61 -25.55 8.76
N MET A 627 -17.89 -24.62 8.15
CA MET A 627 -18.34 -24.05 6.91
C MET A 627 -18.03 -24.88 5.68
N ALA A 628 -17.48 -26.08 5.83
CA ALA A 628 -17.19 -26.86 4.64
C ALA A 628 -18.48 -27.17 3.88
N ALA A 629 -18.41 -27.07 2.57
CA ALA A 629 -19.52 -27.33 1.67
C ALA A 629 -19.80 -28.81 1.45
N LYS A 630 -21.06 -29.10 1.21
CA LYS A 630 -21.48 -30.44 0.83
C LYS A 630 -21.56 -30.43 -0.69
N LYS A 631 -21.02 -31.44 -1.34
CA LYS A 631 -21.01 -31.44 -2.79
C LYS A 631 -21.92 -32.44 -3.42
N HIS A 632 -22.76 -32.00 -4.34
CA HIS A 632 -23.67 -32.92 -5.00
C HIS A 632 -23.32 -32.99 -6.47
N LEU A 633 -23.29 -34.19 -7.03
CA LEU A 633 -22.97 -34.33 -8.45
C LEU A 633 -24.17 -34.50 -9.32
N GLU A 634 -24.28 -33.65 -10.32
CA GLU A 634 -25.39 -33.73 -11.23
C GLU A 634 -24.98 -34.22 -12.61
N ILE A 635 -25.81 -35.11 -13.14
CA ILE A 635 -25.59 -35.73 -14.43
C ILE A 635 -26.53 -35.31 -15.56
N ASN A 636 -25.94 -34.99 -16.71
CA ASN A 636 -26.70 -34.61 -17.90
C ASN A 636 -26.95 -35.89 -18.72
N PRO A 637 -28.17 -36.44 -18.74
CA PRO A 637 -28.50 -37.77 -19.25
C PRO A 637 -28.42 -37.86 -20.76
N ASP A 638 -28.32 -36.67 -21.29
CA ASP A 638 -28.63 -36.53 -22.69
C ASP A 638 -27.32 -36.37 -23.42
N HIS A 639 -26.24 -36.33 -22.64
CA HIS A 639 -24.92 -36.13 -23.17
C HIS A 639 -24.38 -37.43 -23.75
N SER A 640 -23.64 -37.35 -24.85
CA SER A 640 -23.12 -38.58 -25.43
C SER A 640 -22.13 -39.33 -24.56
N ILE A 641 -21.40 -38.63 -23.69
CA ILE A 641 -20.47 -39.34 -22.85
C ILE A 641 -21.23 -40.15 -21.85
N ILE A 642 -22.26 -39.56 -21.28
CA ILE A 642 -23.04 -40.23 -20.28
C ILE A 642 -23.75 -41.44 -20.85
N GLU A 643 -24.28 -41.35 -22.06
CA GLU A 643 -24.93 -42.54 -22.59
C GLU A 643 -23.91 -43.65 -22.84
N THR A 644 -22.73 -43.31 -23.33
CA THR A 644 -21.75 -44.36 -23.55
C THR A 644 -21.40 -45.01 -22.24
N LEU A 645 -21.24 -44.19 -21.21
CA LEU A 645 -20.93 -44.67 -19.91
C LEU A 645 -22.00 -45.58 -19.39
N ARG A 646 -23.27 -45.21 -19.55
CA ARG A 646 -24.31 -46.09 -19.06
C ARG A 646 -24.18 -47.45 -19.66
N GLN A 647 -23.96 -47.50 -20.95
CA GLN A 647 -23.93 -48.78 -21.60
C GLN A 647 -22.76 -49.64 -21.12
N LYS A 648 -21.59 -49.06 -20.97
CA LYS A 648 -20.47 -49.87 -20.54
C LYS A 648 -20.58 -50.27 -19.09
N ALA A 649 -21.06 -49.36 -18.26
CA ALA A 649 -21.14 -49.61 -16.85
C ALA A 649 -22.12 -50.73 -16.56
N GLU A 650 -23.22 -50.77 -17.30
CA GLU A 650 -24.16 -51.85 -17.10
C GLU A 650 -23.56 -53.16 -17.55
N ALA A 651 -22.82 -53.15 -18.65
CA ALA A 651 -22.23 -54.38 -19.12
C ALA A 651 -21.26 -54.98 -18.11
N ASP A 652 -20.47 -54.14 -17.44
CA ASP A 652 -19.54 -54.64 -16.43
C ASP A 652 -19.27 -53.65 -15.31
N LYS A 653 -19.86 -53.89 -14.15
CA LYS A 653 -19.74 -52.99 -13.03
C LYS A 653 -18.30 -52.72 -12.63
N ASN A 654 -17.42 -53.70 -12.77
CA ASN A 654 -16.06 -53.52 -12.30
C ASN A 654 -15.06 -53.25 -13.39
N ASP A 655 -15.53 -52.85 -14.55
CA ASP A 655 -14.60 -52.52 -15.61
C ASP A 655 -13.72 -51.39 -15.14
N LYS A 656 -12.42 -51.61 -15.20
CA LYS A 656 -11.46 -50.63 -14.73
C LYS A 656 -11.58 -49.35 -15.54
N SER A 657 -12.00 -49.47 -16.80
CA SER A 657 -12.11 -48.30 -17.65
C SER A 657 -13.18 -47.36 -17.11
N VAL A 658 -14.20 -47.91 -16.45
CA VAL A 658 -15.26 -47.12 -15.89
C VAL A 658 -14.75 -46.47 -14.65
N LYS A 659 -14.06 -47.22 -13.83
CA LYS A 659 -13.58 -46.62 -12.61
C LYS A 659 -12.77 -45.35 -12.90
N ASP A 660 -11.91 -45.38 -13.92
CA ASP A 660 -11.13 -44.19 -14.18
C ASP A 660 -11.88 -43.13 -14.95
N LEU A 661 -12.78 -43.49 -15.83
CA LEU A 661 -13.49 -42.45 -16.52
C LEU A 661 -14.31 -41.65 -15.55
N VAL A 662 -14.93 -42.31 -14.58
CA VAL A 662 -15.72 -41.59 -13.63
C VAL A 662 -14.89 -40.63 -12.85
N ILE A 663 -13.72 -41.03 -12.40
CA ILE A 663 -12.96 -40.07 -11.64
C ILE A 663 -12.57 -38.91 -12.52
N LEU A 664 -12.16 -39.16 -13.74
CA LEU A 664 -11.73 -38.03 -14.55
C LEU A 664 -12.85 -37.02 -14.72
N LEU A 665 -14.08 -37.50 -14.96
CA LEU A 665 -15.17 -36.56 -15.12
C LEU A 665 -15.40 -35.79 -13.85
N TYR A 666 -15.30 -36.46 -12.71
CA TYR A 666 -15.48 -35.79 -11.45
C TYR A 666 -14.48 -34.67 -11.26
N GLU A 667 -13.22 -34.95 -11.49
CA GLU A 667 -12.22 -33.94 -11.28
C GLU A 667 -12.44 -32.75 -12.18
N THR A 668 -12.83 -33.02 -13.41
CA THR A 668 -13.05 -31.97 -14.37
C THR A 668 -14.21 -31.11 -13.91
N ALA A 669 -15.26 -31.75 -13.43
CA ALA A 669 -16.43 -31.04 -12.97
C ALA A 669 -16.09 -30.11 -11.82
N LEU A 670 -15.18 -30.51 -10.94
CA LEU A 670 -14.88 -29.58 -9.87
C LEU A 670 -14.26 -28.34 -10.39
N LEU A 671 -13.36 -28.47 -11.35
CA LEU A 671 -12.71 -27.27 -11.81
C LEU A 671 -13.66 -26.34 -12.53
N SER A 672 -14.55 -26.90 -13.35
CA SER A 672 -15.44 -26.05 -14.09
C SER A 672 -16.51 -25.47 -13.20
N SER A 673 -16.75 -26.09 -12.05
CA SER A 673 -17.74 -25.65 -11.11
C SER A 673 -17.19 -24.66 -10.10
N GLY A 674 -15.90 -24.36 -10.18
CA GLY A 674 -15.32 -23.40 -9.26
C GLY A 674 -14.71 -23.93 -7.98
N PHE A 675 -14.48 -25.22 -7.86
CA PHE A 675 -13.88 -25.72 -6.65
C PHE A 675 -12.44 -25.97 -6.88
N SER A 676 -11.63 -25.73 -5.89
CA SER A 676 -10.23 -26.07 -6.03
C SER A 676 -10.12 -27.57 -6.04
N LEU A 677 -9.22 -28.09 -6.85
CA LEU A 677 -8.98 -29.51 -6.90
C LEU A 677 -7.86 -29.72 -5.91
N GLU A 678 -8.14 -30.49 -4.86
CA GLU A 678 -7.22 -30.62 -3.76
C GLU A 678 -6.00 -31.53 -3.90
N ASP A 679 -5.96 -32.44 -4.86
CA ASP A 679 -4.81 -33.32 -4.87
C ASP A 679 -3.49 -32.54 -5.04
N PRO A 680 -3.27 -31.79 -6.13
CA PRO A 680 -3.86 -31.75 -7.43
C PRO A 680 -3.05 -32.62 -8.39
N GLN A 681 -2.07 -33.33 -7.85
CA GLN A 681 -1.09 -33.98 -8.67
C GLN A 681 -1.65 -35.15 -9.41
N THR A 682 -2.58 -35.86 -8.80
CA THR A 682 -3.15 -36.99 -9.48
C THR A 682 -3.81 -36.54 -10.75
N HIS A 683 -4.52 -35.43 -10.70
CA HIS A 683 -5.17 -34.94 -11.89
C HIS A 683 -4.12 -34.76 -12.95
N ALA A 684 -3.02 -34.12 -12.59
CA ALA A 684 -1.99 -33.92 -13.59
C ALA A 684 -1.48 -35.23 -14.13
N ASN A 685 -1.34 -36.22 -13.29
CA ASN A 685 -0.79 -37.47 -13.73
C ASN A 685 -1.70 -38.20 -14.68
N ARG A 686 -3.01 -38.05 -14.49
CA ARG A 686 -3.93 -38.73 -15.36
C ARG A 686 -3.78 -38.16 -16.74
N ILE A 687 -3.62 -36.86 -16.79
CA ILE A 687 -3.45 -36.18 -18.04
C ILE A 687 -2.17 -36.59 -18.70
N TYR A 688 -1.10 -36.70 -17.95
CA TYR A 688 0.14 -37.08 -18.57
C TYR A 688 0.01 -38.42 -19.24
N ARG A 689 -0.68 -39.37 -18.63
CA ARG A 689 -0.81 -40.63 -19.34
C ARG A 689 -1.59 -40.49 -20.63
N MET A 690 -2.64 -39.68 -20.62
CA MET A 690 -3.41 -39.50 -21.84
C MET A 690 -2.54 -38.90 -22.93
N ILE A 691 -1.69 -37.97 -22.55
CA ILE A 691 -0.82 -37.35 -23.52
C ILE A 691 0.15 -38.34 -24.07
N LYS A 692 0.75 -39.17 -23.23
CA LYS A 692 1.68 -40.11 -23.79
C LYS A 692 1.03 -40.92 -24.88
N LEU A 693 -0.21 -41.36 -24.67
CA LEU A 693 -0.81 -42.12 -25.75
C LEU A 693 -1.02 -41.23 -26.96
N GLY A 694 -1.40 -39.99 -26.74
CA GLY A 694 -1.63 -39.04 -27.83
C GLY A 694 -0.38 -38.82 -28.68
N LEU A 695 0.79 -38.92 -28.08
CA LEU A 695 2.02 -38.76 -28.83
C LEU A 695 2.59 -40.03 -29.40
N GLY A 696 1.93 -41.16 -29.17
CA GLY A 696 2.44 -42.42 -29.65
C GLY A 696 3.56 -42.98 -28.78
N ILE A 697 3.60 -42.57 -27.51
CA ILE A 697 4.62 -43.03 -26.60
C ILE A 697 4.13 -44.32 -25.98
N ASP A 698 4.95 -45.35 -26.02
CA ASP A 698 4.49 -46.63 -25.47
C ASP A 698 4.68 -46.65 -23.96
N GLU A 699 4.28 -47.75 -23.35
CA GLU A 699 4.41 -47.93 -21.89
C GLU A 699 5.87 -47.97 -21.37
N ASP A 700 6.79 -48.59 -22.15
CA ASP A 700 8.23 -48.77 -21.85
C ASP A 700 9.07 -47.99 -22.89
N GLU B 14 8.99 53.33 41.35
CA GLU B 14 7.63 53.85 41.15
C GLU B 14 6.72 53.38 42.31
N GLU B 15 5.44 53.78 42.30
CA GLU B 15 4.43 53.38 43.29
C GLU B 15 3.79 52.11 42.78
N VAL B 16 3.82 51.08 43.59
CA VAL B 16 3.30 49.81 43.16
C VAL B 16 2.25 49.32 44.12
N GLU B 17 1.07 48.98 43.64
CA GLU B 17 0.07 48.46 44.55
C GLU B 17 0.15 46.95 44.53
N THR B 18 0.04 46.32 45.68
CA THR B 18 0.12 44.86 45.73
C THR B 18 -1.17 44.29 46.22
N PHE B 19 -1.62 43.26 45.53
CA PHE B 19 -2.88 42.62 45.82
C PHE B 19 -2.79 41.11 45.97
N ALA B 20 -3.70 40.58 46.76
CA ALA B 20 -3.85 39.13 46.88
C ALA B 20 -4.86 38.65 45.88
N PHE B 21 -4.74 37.40 45.48
CA PHE B 21 -5.74 36.84 44.59
C PHE B 21 -6.97 36.49 45.37
N GLN B 22 -8.10 36.69 44.73
CA GLN B 22 -9.40 36.39 45.28
C GLN B 22 -10.06 35.31 44.47
N ALA B 23 -11.25 34.93 44.88
CA ALA B 23 -12.02 33.98 44.10
C ALA B 23 -13.47 34.27 44.26
N GLU B 24 -14.26 34.02 43.23
CA GLU B 24 -15.67 34.17 43.39
C GLU B 24 -16.25 32.84 43.70
N ILE B 25 -16.74 32.70 44.89
CA ILE B 25 -17.22 31.44 45.38
C ILE B 25 -18.41 30.95 44.61
N ALA B 26 -19.31 31.82 44.27
CA ALA B 26 -20.49 31.35 43.58
C ALA B 26 -20.17 30.69 42.27
N GLN B 27 -19.20 31.22 41.54
CA GLN B 27 -18.95 30.65 40.25
C GLN B 27 -18.11 29.44 40.40
N LEU B 28 -17.27 29.46 41.41
CA LEU B 28 -16.38 28.36 41.59
C LEU B 28 -17.19 27.13 41.93
N MET B 29 -18.20 27.30 42.76
CA MET B 29 -19.02 26.16 43.12
C MET B 29 -19.70 25.61 41.89
N SER B 30 -20.20 26.49 41.01
CA SER B 30 -20.86 25.99 39.83
C SER B 30 -19.92 25.26 38.91
N LEU B 31 -18.69 25.72 38.78
CA LEU B 31 -17.79 25.02 37.89
C LEU B 31 -17.49 23.64 38.41
N ILE B 32 -17.32 23.49 39.70
CA ILE B 32 -17.00 22.17 40.18
C ILE B 32 -18.11 21.21 39.85
N ILE B 33 -19.32 21.64 40.09
CA ILE B 33 -20.44 20.78 39.84
C ILE B 33 -20.71 20.50 38.38
N ASN B 34 -20.66 21.52 37.53
CA ASN B 34 -21.02 21.33 36.14
C ASN B 34 -19.93 21.05 35.11
N THR B 35 -18.67 21.41 35.35
CA THR B 35 -17.67 21.23 34.32
C THR B 35 -16.54 20.26 34.64
N PHE B 36 -16.44 19.77 35.86
CA PHE B 36 -15.29 18.91 36.15
C PHE B 36 -15.53 17.46 35.85
N TYR B 37 -16.75 17.00 35.93
CA TYR B 37 -16.96 15.60 35.78
C TYR B 37 -17.87 15.32 34.62
N SER B 38 -17.54 14.28 33.87
CA SER B 38 -18.33 13.86 32.73
C SER B 38 -19.34 12.76 32.98
N ASN B 39 -19.17 12.01 34.05
CA ASN B 39 -20.02 10.86 34.30
C ASN B 39 -20.46 10.83 35.73
N LYS B 40 -21.73 11.09 35.94
CA LYS B 40 -22.28 11.26 37.27
C LYS B 40 -22.14 10.06 38.18
N GLU B 41 -21.95 8.87 37.65
CA GLU B 41 -21.90 7.72 38.52
C GLU B 41 -20.74 7.77 39.50
N ILE B 42 -19.71 8.55 39.20
CA ILE B 42 -18.53 8.60 40.02
C ILE B 42 -18.76 9.16 41.39
N PHE B 43 -19.92 9.75 41.64
CA PHE B 43 -20.09 10.32 42.95
C PHE B 43 -19.92 9.25 44.01
N LEU B 44 -20.23 8.01 43.67
CA LEU B 44 -20.14 6.97 44.65
C LEU B 44 -18.70 6.68 44.92
N ARG B 45 -17.89 6.73 43.88
CA ARG B 45 -16.49 6.45 43.99
C ARG B 45 -15.87 7.40 44.96
N GLU B 46 -16.21 8.66 44.83
CA GLU B 46 -15.58 9.62 45.69
C GLU B 46 -15.99 9.48 47.13
N LEU B 47 -17.24 9.17 47.39
CA LEU B 47 -17.62 9.03 48.77
C LEU B 47 -16.99 7.82 49.40
N ILE B 48 -16.84 6.73 48.65
CA ILE B 48 -16.20 5.56 49.19
C ILE B 48 -14.74 5.82 49.48
N SER B 49 -14.03 6.49 48.57
CA SER B 49 -12.63 6.77 48.80
C SER B 49 -12.46 7.63 50.03
N ASN B 50 -13.37 8.58 50.27
CA ASN B 50 -13.17 9.38 51.45
C ASN B 50 -13.26 8.50 52.67
N SER B 51 -14.18 7.55 52.66
CA SER B 51 -14.32 6.68 53.78
C SER B 51 -13.14 5.78 53.98
N SER B 52 -12.55 5.27 52.90
CA SER B 52 -11.43 4.39 53.15
C SER B 52 -10.30 5.16 53.76
N ASP B 53 -10.17 6.45 53.44
CA ASP B 53 -9.14 7.22 54.08
C ASP B 53 -9.45 7.42 55.53
N ALA B 54 -10.71 7.65 55.83
CA ALA B 54 -11.08 7.86 57.20
C ALA B 54 -10.71 6.65 58.05
N LEU B 55 -10.85 5.47 57.47
CA LEU B 55 -10.54 4.24 58.15
C LEU B 55 -9.04 4.06 58.28
N ASP B 56 -8.26 4.42 57.28
CA ASP B 56 -6.83 4.27 57.44
C ASP B 56 -6.30 5.18 58.50
N LYS B 57 -6.85 6.36 58.62
CA LYS B 57 -6.31 7.24 59.61
C LYS B 57 -6.56 6.70 61.01
N ILE B 58 -7.77 6.16 61.27
CA ILE B 58 -7.98 5.66 62.63
C ILE B 58 -7.13 4.45 62.88
N ARG B 59 -6.93 3.63 61.86
CA ARG B 59 -6.10 2.46 62.03
C ARG B 59 -4.71 2.89 62.40
N TYR B 60 -4.19 3.89 61.72
CA TYR B 60 -2.87 4.37 61.99
C TYR B 60 -2.78 4.82 63.41
N GLU B 61 -3.74 5.60 63.90
CA GLU B 61 -3.59 6.06 65.26
C GLU B 61 -3.65 4.94 66.29
N SER B 62 -4.52 3.94 66.09
CA SER B 62 -4.68 2.87 67.07
C SER B 62 -3.43 2.03 67.15
N LEU B 63 -2.62 2.12 66.10
CA LEU B 63 -1.36 1.42 66.01
C LEU B 63 -0.46 1.75 67.16
N THR B 64 -0.47 3.00 67.64
CA THR B 64 0.41 3.33 68.73
C THR B 64 -0.37 3.52 70.02
N ASP B 65 -1.66 3.75 69.90
CA ASP B 65 -2.49 3.93 71.07
C ASP B 65 -3.84 3.26 70.88
N PRO B 66 -3.98 2.00 71.31
CA PRO B 66 -5.14 1.15 71.14
C PRO B 66 -6.42 1.72 71.71
N SER B 67 -6.34 2.70 72.62
CA SER B 67 -7.55 3.23 73.24
C SER B 67 -8.36 3.98 72.21
N LYS B 68 -7.77 4.29 71.08
CA LYS B 68 -8.47 4.99 70.05
C LYS B 68 -9.66 4.18 69.57
N LEU B 69 -9.60 2.85 69.72
CA LEU B 69 -10.68 2.01 69.25
C LEU B 69 -11.60 1.61 70.36
N ASP B 70 -11.51 2.26 71.51
CA ASP B 70 -12.42 1.90 72.59
C ASP B 70 -13.86 2.12 72.17
N SER B 71 -14.10 3.08 71.28
CA SER B 71 -15.41 3.41 70.77
C SER B 71 -15.93 2.40 69.73
N GLY B 72 -15.09 1.45 69.31
CA GLY B 72 -15.46 0.41 68.35
C GLY B 72 -14.26 -0.06 67.52
N LYS B 73 -14.15 -1.37 67.31
CA LYS B 73 -13.01 -1.93 66.56
C LYS B 73 -13.24 -2.42 65.14
N GLU B 74 -14.48 -2.59 64.71
CA GLU B 74 -14.62 -3.13 63.37
C GLU B 74 -14.56 -2.02 62.37
N LEU B 75 -13.64 -2.12 61.42
CA LEU B 75 -13.48 -1.08 60.43
C LEU B 75 -14.14 -1.50 59.15
N HIS B 76 -15.24 -0.85 58.80
CA HIS B 76 -15.99 -1.28 57.64
C HIS B 76 -16.87 -0.19 57.04
N ILE B 77 -17.32 -0.40 55.79
CA ILE B 77 -18.19 0.55 55.13
C ILE B 77 -19.56 -0.01 54.79
N ASN B 78 -20.60 0.70 55.18
CA ASN B 78 -21.97 0.27 54.90
C ASN B 78 -22.71 1.17 53.90
N LEU B 79 -23.35 0.56 52.92
CA LEU B 79 -24.14 1.32 51.96
C LEU B 79 -25.60 0.99 52.18
N ILE B 80 -26.40 1.99 52.45
CA ILE B 80 -27.79 1.77 52.76
C ILE B 80 -28.75 2.63 51.95
N PRO B 81 -29.26 2.18 50.82
CA PRO B 81 -30.21 2.90 50.02
C PRO B 81 -31.52 2.89 50.73
N ASN B 82 -32.35 3.88 50.49
CA ASN B 82 -33.68 3.98 51.04
C ASN B 82 -34.66 4.47 50.00
N LYS B 83 -35.47 3.57 49.49
CA LYS B 83 -36.35 3.88 48.38
C LYS B 83 -37.44 4.85 48.71
N GLN B 84 -37.68 4.88 50.01
CA GLN B 84 -38.96 5.38 50.37
C GLN B 84 -38.81 6.86 50.53
N ASP B 85 -37.56 7.26 50.76
CA ASP B 85 -37.25 8.65 51.02
C ASP B 85 -36.44 9.28 49.90
N ARG B 86 -36.19 8.51 48.85
CA ARG B 86 -35.27 8.92 47.82
C ARG B 86 -33.91 9.30 48.41
N THR B 87 -33.39 8.46 49.31
CA THR B 87 -32.10 8.78 49.89
C THR B 87 -31.15 7.63 49.82
N LEU B 88 -29.89 7.97 50.02
CA LEU B 88 -28.83 7.00 50.11
C LEU B 88 -27.87 7.34 51.20
N THR B 89 -27.60 6.40 52.07
CA THR B 89 -26.70 6.69 53.16
C THR B 89 -25.44 5.87 53.15
N ILE B 90 -24.32 6.53 53.36
CA ILE B 90 -23.04 5.84 53.44
C ILE B 90 -22.46 5.98 54.84
N VAL B 91 -22.17 4.86 55.47
CA VAL B 91 -21.66 4.91 56.82
C VAL B 91 -20.32 4.28 57.02
N ASP B 92 -19.38 5.02 57.57
CA ASP B 92 -18.10 4.41 57.85
C ASP B 92 -17.86 4.40 59.33
N THR B 93 -16.72 3.90 59.72
CA THR B 93 -16.29 3.81 61.11
C THR B 93 -14.89 4.35 61.19
N GLY B 94 -14.63 5.45 60.53
CA GLY B 94 -13.28 6.04 60.51
C GLY B 94 -13.11 7.05 61.61
N ILE B 95 -12.13 7.94 61.51
CA ILE B 95 -11.97 8.84 62.64
C ILE B 95 -13.15 9.74 62.91
N GLY B 96 -13.73 10.32 61.89
CA GLY B 96 -14.81 11.27 62.09
C GLY B 96 -14.22 12.68 62.16
N MET B 97 -15.05 13.70 62.36
CA MET B 97 -14.53 15.07 62.38
C MET B 97 -15.01 15.86 63.58
N THR B 98 -14.16 16.73 64.11
CA THR B 98 -14.53 17.61 65.22
C THR B 98 -15.27 18.78 64.66
N LYS B 99 -15.93 19.58 65.50
CA LYS B 99 -16.64 20.72 64.92
C LYS B 99 -15.71 21.60 64.10
N ALA B 100 -14.51 21.85 64.61
CA ALA B 100 -13.59 22.71 63.92
C ALA B 100 -13.19 22.17 62.58
N ASP B 101 -12.98 20.88 62.49
CA ASP B 101 -12.56 20.28 61.26
C ASP B 101 -13.71 20.22 60.31
N LEU B 102 -14.89 20.02 60.83
CA LEU B 102 -16.04 19.88 59.98
C LEU B 102 -16.22 21.15 59.20
N ILE B 103 -16.10 22.28 59.89
CA ILE B 103 -16.23 23.54 59.22
C ILE B 103 -15.06 23.83 58.33
N ASN B 104 -13.85 23.64 58.78
CA ASN B 104 -12.75 24.00 57.92
C ASN B 104 -12.57 23.15 56.70
N ASN B 105 -12.84 21.86 56.82
CA ASN B 105 -12.62 20.97 55.71
C ASN B 105 -13.77 20.89 54.73
N LEU B 106 -15.01 21.01 55.19
CA LEU B 106 -16.07 20.94 54.20
C LEU B 106 -16.45 22.31 53.73
N GLY B 107 -16.12 23.34 54.51
CA GLY B 107 -16.48 24.69 54.16
C GLY B 107 -15.43 25.41 53.31
N THR B 108 -14.31 24.75 53.03
CA THR B 108 -13.27 25.40 52.25
C THR B 108 -13.14 24.61 51.00
N ILE B 109 -13.37 25.25 49.88
CA ILE B 109 -13.39 24.57 48.61
C ILE B 109 -12.14 23.87 48.21
N ALA B 110 -10.98 24.39 48.48
CA ALA B 110 -9.80 23.67 48.02
C ALA B 110 -8.95 23.17 49.16
N LYS B 111 -9.52 22.90 50.33
CA LYS B 111 -8.70 22.40 51.41
C LYS B 111 -8.70 20.90 51.45
N SER B 112 -7.60 20.30 51.91
CA SER B 112 -7.55 18.84 52.06
C SER B 112 -6.94 18.42 53.38
N GLY B 113 -7.76 17.80 54.20
CA GLY B 113 -7.32 17.37 55.50
C GLY B 113 -6.44 16.17 55.39
N THR B 114 -6.70 15.34 54.39
CA THR B 114 -5.91 14.14 54.24
C THR B 114 -4.55 14.52 53.78
N LYS B 115 -4.46 15.55 53.00
CA LYS B 115 -3.15 15.96 52.56
C LYS B 115 -2.37 16.42 53.76
N ALA B 116 -3.00 17.22 54.62
CA ALA B 116 -2.29 17.71 55.78
C ALA B 116 -1.85 16.57 56.68
N PHE B 117 -2.69 15.57 56.80
CA PHE B 117 -2.38 14.44 57.63
C PHE B 117 -1.15 13.75 57.11
N MET B 118 -1.10 13.52 55.80
CA MET B 118 0.05 12.84 55.25
C MET B 118 1.32 13.64 55.45
N GLU B 119 1.21 14.95 55.43
CA GLU B 119 2.37 15.78 55.66
C GLU B 119 2.86 15.65 57.08
N ALA B 120 1.93 15.49 58.02
CA ALA B 120 2.23 15.31 59.43
C ALA B 120 2.94 13.99 59.70
N LEU B 121 2.60 12.98 58.90
CA LEU B 121 3.15 11.65 59.08
C LEU B 121 4.61 11.59 58.72
N GLN B 122 5.29 10.68 59.38
CA GLN B 122 6.70 10.50 59.15
C GLN B 122 7.00 9.45 58.11
N ALA B 123 8.14 9.59 57.47
CA ALA B 123 8.55 8.63 56.48
C ALA B 123 8.61 7.28 57.12
N GLY B 124 8.19 6.27 56.38
CA GLY B 124 8.18 4.91 56.87
C GLY B 124 6.76 4.48 57.19
N ALA B 125 5.85 5.44 57.26
CA ALA B 125 4.47 5.11 57.52
C ALA B 125 3.96 4.25 56.37
N ASP B 126 3.03 3.34 56.67
CA ASP B 126 2.43 2.45 55.69
C ASP B 126 1.14 3.01 55.12
N ILE B 127 0.95 4.28 55.35
CA ILE B 127 -0.22 4.95 54.92
C ILE B 127 -0.09 5.49 53.53
N SER B 128 -1.07 5.13 52.74
CA SER B 128 -1.25 5.50 51.37
C SER B 128 -2.70 5.93 51.25
N MET B 129 -2.92 7.20 50.98
CA MET B 129 -4.27 7.74 50.98
C MET B 129 -4.68 8.27 49.66
N ILE B 130 -5.97 8.24 49.41
CA ILE B 130 -6.48 8.65 48.14
C ILE B 130 -7.04 10.05 48.18
N GLY B 131 -6.36 10.98 47.55
CA GLY B 131 -6.87 12.33 47.51
C GLY B 131 -5.91 13.37 48.01
N GLN B 132 -6.13 14.59 47.53
CA GLN B 132 -5.32 15.73 47.88
C GLN B 132 -5.86 16.99 47.25
N PHE B 133 -6.82 16.84 46.35
CA PHE B 133 -7.31 18.02 45.65
C PHE B 133 -8.26 18.90 46.46
N GLY B 134 -9.08 18.31 47.31
CA GLY B 134 -10.01 19.06 48.14
C GLY B 134 -11.38 19.34 47.54
N VAL B 135 -11.62 18.95 46.31
CA VAL B 135 -12.90 19.26 45.70
C VAL B 135 -13.81 18.07 45.43
N GLY B 136 -13.38 16.90 45.80
CA GLY B 136 -14.14 15.70 45.52
C GLY B 136 -15.51 15.60 46.19
N PHE B 137 -15.62 16.06 47.41
CA PHE B 137 -16.86 15.94 48.17
C PHE B 137 -18.03 16.49 47.43
N TYR B 138 -17.83 17.62 46.81
CA TYR B 138 -18.87 18.36 46.18
C TYR B 138 -19.47 17.64 44.99
N SER B 139 -18.86 16.55 44.55
CA SER B 139 -19.35 15.75 43.45
C SER B 139 -20.66 15.12 43.85
N ALA B 140 -20.96 15.12 45.14
CA ALA B 140 -22.21 14.60 45.62
C ALA B 140 -23.36 15.33 44.96
N TYR B 141 -23.18 16.60 44.65
CA TYR B 141 -24.26 17.39 44.12
C TYR B 141 -24.55 17.12 42.69
N LEU B 142 -23.80 16.22 42.10
CA LEU B 142 -24.11 15.82 40.76
C LEU B 142 -25.44 15.11 40.79
N VAL B 143 -25.72 14.36 41.86
CA VAL B 143 -26.97 13.63 41.94
C VAL B 143 -27.84 14.07 43.11
N ALA B 144 -27.25 14.66 44.12
CA ALA B 144 -27.99 15.05 45.29
C ALA B 144 -28.59 16.42 45.18
N GLU B 145 -29.76 16.58 45.78
CA GLU B 145 -30.41 17.86 45.93
C GLU B 145 -29.87 18.51 47.18
N LYS B 146 -29.76 17.69 48.22
CA LYS B 146 -29.31 18.13 49.54
C LYS B 146 -28.38 17.09 50.13
N VAL B 147 -27.41 17.55 50.90
CA VAL B 147 -26.47 16.65 51.57
C VAL B 147 -26.37 16.91 53.07
N THR B 148 -26.47 15.85 53.86
CA THR B 148 -26.34 15.95 55.31
C THR B 148 -25.19 15.09 55.82
N VAL B 149 -24.33 15.64 56.67
CA VAL B 149 -23.23 14.84 57.19
C VAL B 149 -23.25 14.77 58.70
N ILE B 150 -23.30 13.57 59.23
CA ILE B 150 -23.33 13.40 60.68
C ILE B 150 -22.01 12.83 61.12
N THR B 151 -21.37 13.43 62.10
CA THR B 151 -20.11 12.83 62.49
C THR B 151 -19.79 12.88 63.95
N LYS B 152 -19.05 11.88 64.39
CA LYS B 152 -18.59 11.78 65.74
C LYS B 152 -17.12 11.49 65.81
N HIS B 153 -16.39 12.36 66.46
CA HIS B 153 -14.97 12.21 66.65
C HIS B 153 -14.77 11.78 68.07
N ASN B 154 -13.74 11.03 68.37
CA ASN B 154 -13.57 10.64 69.77
C ASN B 154 -13.41 11.79 70.74
N ASP B 155 -12.87 12.91 70.28
CA ASP B 155 -12.61 14.03 71.15
C ASP B 155 -13.71 15.09 71.15
N ASP B 156 -14.87 14.81 70.54
CA ASP B 156 -15.90 15.84 70.50
C ASP B 156 -17.32 15.27 70.52
N GLU B 157 -18.27 16.18 70.51
CA GLU B 157 -19.69 15.93 70.48
C GLU B 157 -20.13 15.54 69.09
N GLN B 158 -21.25 14.87 68.98
CA GLN B 158 -21.73 14.50 67.66
C GLN B 158 -22.41 15.69 67.00
N TYR B 159 -22.01 16.01 65.77
CA TYR B 159 -22.56 17.16 65.04
C TYR B 159 -23.13 16.83 63.69
N ALA B 160 -24.10 17.64 63.29
CA ALA B 160 -24.73 17.52 62.00
C ALA B 160 -24.49 18.75 61.10
N TRP B 161 -23.92 18.50 59.94
CA TRP B 161 -23.64 19.52 58.95
C TRP B 161 -24.69 19.44 57.86
N GLU B 162 -25.18 20.56 57.38
CA GLU B 162 -26.15 20.47 56.31
C GLU B 162 -25.92 21.49 55.23
N SER B 163 -26.12 21.09 53.99
CA SER B 163 -26.03 22.05 52.92
C SER B 163 -26.66 21.61 51.64
N SER B 164 -26.73 22.55 50.75
CA SER B 164 -27.14 22.41 49.39
C SER B 164 -26.15 23.36 48.79
N ALA B 165 -25.91 23.38 47.49
CA ALA B 165 -24.88 24.29 47.01
C ALA B 165 -25.41 25.71 46.81
N GLY B 166 -25.84 26.30 47.91
CA GLY B 166 -26.44 27.62 48.03
C GLY B 166 -25.49 28.72 48.46
N GLY B 167 -24.34 28.24 48.91
CA GLY B 167 -23.27 29.22 48.95
C GLY B 167 -22.94 29.46 50.40
N SER B 168 -23.73 28.83 51.23
CA SER B 168 -23.62 28.82 52.65
C SER B 168 -24.01 27.43 53.08
N PHE B 169 -23.70 27.08 54.32
CA PHE B 169 -24.00 25.81 54.96
C PHE B 169 -24.19 25.99 56.45
N THR B 170 -24.78 25.01 57.11
CA THR B 170 -24.97 25.13 58.55
C THR B 170 -24.41 24.02 59.40
N VAL B 171 -24.17 24.34 60.68
CA VAL B 171 -23.73 23.36 61.67
C VAL B 171 -24.57 23.40 62.94
N ARG B 172 -25.07 22.25 63.34
CA ARG B 172 -25.87 22.11 64.55
C ARG B 172 -25.43 20.88 65.31
N THR B 173 -25.72 20.81 66.60
CA THR B 173 -25.38 19.64 67.38
C THR B 173 -26.39 18.56 67.05
N ASP B 174 -25.95 17.32 66.91
CA ASP B 174 -26.91 16.28 66.62
C ASP B 174 -27.71 15.94 67.87
N THR B 175 -28.91 15.43 67.65
CA THR B 175 -29.83 15.02 68.69
C THR B 175 -30.21 13.54 68.61
N GLY B 176 -29.77 12.84 67.58
CA GLY B 176 -30.16 11.44 67.37
C GLY B 176 -29.24 10.44 68.06
N GLU B 177 -29.33 9.20 67.61
CA GLU B 177 -28.58 8.11 68.20
C GLU B 177 -27.11 8.39 68.05
N PRO B 178 -26.28 8.07 69.04
CA PRO B 178 -24.87 8.24 68.98
C PRO B 178 -24.31 7.27 68.01
N MET B 179 -23.28 7.68 67.30
CA MET B 179 -22.60 6.81 66.38
C MET B 179 -21.46 6.06 66.99
N GLY B 180 -21.07 6.48 68.17
CA GLY B 180 -19.88 5.95 68.82
C GLY B 180 -18.68 6.70 68.26
N ARG B 181 -18.45 6.51 66.97
CA ARG B 181 -17.40 7.12 66.18
C ARG B 181 -17.65 6.96 64.69
N GLY B 182 -17.24 7.94 63.89
CA GLY B 182 -17.27 7.80 62.42
C GLY B 182 -18.14 8.82 61.70
N THR B 183 -18.23 8.68 60.38
CA THR B 183 -18.98 9.62 59.57
C THR B 183 -20.09 8.96 58.77
N LYS B 184 -21.26 9.58 58.81
CA LYS B 184 -22.44 9.15 58.08
C LYS B 184 -22.92 10.19 57.11
N VAL B 185 -22.89 9.87 55.83
CA VAL B 185 -23.28 10.84 54.81
C VAL B 185 -24.59 10.48 54.17
N ILE B 186 -25.52 11.40 54.22
CA ILE B 186 -26.84 11.15 53.69
C ILE B 186 -27.12 12.00 52.48
N LEU B 187 -27.43 11.37 51.38
CA LEU B 187 -27.77 12.13 50.21
C LEU B 187 -29.26 12.09 50.02
N HIS B 188 -29.82 13.22 49.66
CA HIS B 188 -31.22 13.29 49.29
C HIS B 188 -31.18 13.45 47.81
N LEU B 189 -31.68 12.48 47.08
CA LEU B 189 -31.53 12.50 45.65
C LEU B 189 -32.59 13.22 44.89
N LYS B 190 -32.16 13.74 43.76
CA LYS B 190 -33.00 14.40 42.79
C LYS B 190 -33.98 13.39 42.23
N GLU B 191 -35.15 13.85 41.82
CA GLU B 191 -36.20 12.97 41.35
C GLU B 191 -35.85 12.08 40.18
N ASP B 192 -34.95 12.51 39.30
CA ASP B 192 -34.62 11.70 38.17
C ASP B 192 -33.30 10.94 38.32
N GLN B 193 -32.78 10.88 39.54
CA GLN B 193 -31.52 10.18 39.80
C GLN B 193 -31.76 8.92 40.61
N THR B 194 -33.00 8.48 40.66
CA THR B 194 -33.41 7.36 41.48
C THR B 194 -32.91 6.03 41.00
N GLU B 195 -32.30 5.99 39.84
CA GLU B 195 -31.72 4.77 39.33
C GLU B 195 -30.56 4.35 40.23
N TYR B 196 -30.03 5.27 41.01
CA TYR B 196 -28.91 4.93 41.83
C TYR B 196 -29.35 4.26 43.12
N LEU B 197 -30.65 4.08 43.29
CA LEU B 197 -31.16 3.39 44.43
C LEU B 197 -31.41 1.92 44.12
N GLU B 198 -31.15 1.49 42.88
CA GLU B 198 -31.37 0.10 42.54
C GLU B 198 -30.16 -0.72 42.86
N GLU B 199 -30.38 -1.93 43.34
CA GLU B 199 -29.28 -2.79 43.72
C GLU B 199 -28.43 -3.18 42.58
N ARG B 200 -29.01 -3.41 41.44
CA ARG B 200 -28.17 -3.78 40.35
C ARG B 200 -27.22 -2.66 40.00
N ARG B 201 -27.73 -1.44 39.90
CA ARG B 201 -26.87 -0.37 39.46
C ARG B 201 -25.76 -0.14 40.44
N ILE B 202 -26.07 -0.27 41.73
CA ILE B 202 -25.07 -0.05 42.76
C ILE B 202 -23.91 -0.98 42.56
N LYS B 203 -24.29 -2.21 42.25
CA LYS B 203 -23.27 -3.20 42.42
C LYS B 203 -22.37 -3.05 41.24
N GLU B 204 -22.96 -2.66 40.12
CA GLU B 204 -22.17 -2.48 38.91
C GLU B 204 -21.15 -1.38 39.05
N ILE B 205 -21.54 -0.30 39.70
CA ILE B 205 -20.69 0.85 39.89
C ILE B 205 -19.62 0.49 40.85
N VAL B 206 -20.02 -0.17 41.90
CA VAL B 206 -19.08 -0.48 42.92
C VAL B 206 -18.05 -1.43 42.38
N LYS B 207 -18.46 -2.46 41.68
CA LYS B 207 -17.48 -3.37 41.16
C LYS B 207 -16.53 -2.67 40.23
N LYS B 208 -17.04 -1.82 39.35
CA LYS B 208 -16.17 -1.17 38.42
C LYS B 208 -15.16 -0.23 39.04
N HIS B 209 -15.58 0.59 39.99
CA HIS B 209 -14.67 1.60 40.51
C HIS B 209 -14.00 1.34 41.84
N SER B 210 -14.49 0.44 42.66
CA SER B 210 -13.87 0.24 43.96
C SER B 210 -13.09 -1.06 43.92
N GLN B 211 -13.70 -2.17 44.30
CA GLN B 211 -13.17 -3.52 44.19
C GLN B 211 -11.99 -3.89 45.07
N PHE B 212 -10.95 -3.09 45.08
CA PHE B 212 -9.75 -3.44 45.81
C PHE B 212 -9.48 -2.52 46.97
N ILE B 213 -10.55 -2.15 47.61
CA ILE B 213 -10.55 -1.34 48.79
C ILE B 213 -10.18 -2.23 49.95
N GLY B 214 -9.37 -1.74 50.86
CA GLY B 214 -8.87 -2.52 51.99
C GLY B 214 -9.90 -2.85 53.07
N TYR B 215 -11.09 -2.33 52.94
CA TYR B 215 -12.11 -2.58 53.91
C TYR B 215 -13.30 -3.19 53.21
N PRO B 216 -14.07 -4.04 53.87
CA PRO B 216 -15.25 -4.65 53.34
C PRO B 216 -16.35 -3.66 53.16
N ILE B 217 -17.15 -3.88 52.14
CA ILE B 217 -18.32 -3.07 51.90
C ILE B 217 -19.56 -3.89 51.96
N THR B 218 -20.50 -3.49 52.78
CA THR B 218 -21.72 -4.24 52.85
C THR B 218 -22.88 -3.44 52.35
N LEU B 219 -23.63 -4.02 51.44
CA LEU B 219 -24.81 -3.40 50.89
C LEU B 219 -26.04 -3.97 51.58
N PHE B 220 -26.85 -3.10 52.14
CA PHE B 220 -28.02 -3.48 52.90
C PHE B 220 -29.30 -3.39 52.09
N VAL B 221 -29.84 -4.54 51.72
CA VAL B 221 -30.99 -4.56 50.85
C VAL B 221 -32.23 -5.15 51.47
N GLU B 222 -33.32 -4.40 51.44
CA GLU B 222 -34.55 -4.90 52.01
C GLU B 222 -35.24 -5.87 51.04
N LYS B 223 -35.54 -7.05 51.54
CA LYS B 223 -36.15 -8.13 50.78
C LYS B 223 -37.30 -8.83 51.53
N GLU B 224 -38.21 -9.51 50.78
CA GLU B 224 -39.38 -10.30 51.24
C GLU B 224 -39.35 -10.72 52.73
N LYS B 282 -40.48 -7.63 56.17
CA LYS B 282 -39.31 -7.84 55.33
C LYS B 282 -38.06 -7.95 56.23
N TYR B 283 -36.88 -8.20 55.60
CA TYR B 283 -35.58 -8.39 56.27
C TYR B 283 -34.49 -7.71 55.48
N ILE B 284 -33.35 -7.46 56.12
CA ILE B 284 -32.26 -6.85 55.39
C ILE B 284 -31.19 -7.86 55.06
N ASP B 285 -30.98 -8.03 53.78
CA ASP B 285 -30.02 -8.95 53.25
C ASP B 285 -28.69 -8.21 53.19
N GLN B 286 -27.73 -8.66 53.96
CA GLN B 286 -26.45 -7.97 54.03
C GLN B 286 -25.45 -8.63 53.11
N GLU B 287 -25.24 -8.03 51.96
CA GLU B 287 -24.39 -8.63 50.94
C GLU B 287 -23.03 -7.98 50.88
N GLU B 288 -22.00 -8.77 51.07
CA GLU B 288 -20.65 -8.24 51.06
C GLU B 288 -20.04 -8.23 49.68
N LEU B 289 -19.48 -7.09 49.34
CA LEU B 289 -18.79 -6.80 48.11
C LEU B 289 -17.31 -6.77 48.47
N ASN B 290 -16.41 -6.70 47.50
CA ASN B 290 -14.97 -6.73 47.78
C ASN B 290 -14.53 -8.01 48.46
N LYS B 291 -15.06 -9.13 47.99
CA LYS B 291 -14.67 -10.43 48.53
C LYS B 291 -13.28 -10.81 48.05
N THR B 292 -12.95 -10.43 46.83
CA THR B 292 -11.66 -10.73 46.26
C THR B 292 -10.70 -9.68 46.71
N LYS B 293 -9.55 -10.10 47.20
CA LYS B 293 -8.59 -9.16 47.69
C LYS B 293 -7.58 -8.98 46.60
N PRO B 294 -6.88 -7.87 46.49
CA PRO B 294 -5.84 -7.71 45.55
C PRO B 294 -4.76 -8.61 46.03
N ILE B 295 -4.04 -9.25 45.14
CA ILE B 295 -2.95 -10.07 45.61
C ILE B 295 -1.66 -9.60 45.04
N TRP B 296 -1.71 -8.60 44.20
CA TRP B 296 -0.51 -8.16 43.52
C TRP B 296 0.39 -7.42 44.45
N THR B 297 -0.16 -7.09 45.61
CA THR B 297 0.44 -6.32 46.64
C THR B 297 1.33 -7.19 47.49
N ARG B 298 1.16 -8.49 47.36
CA ARG B 298 1.92 -9.44 48.13
C ARG B 298 3.20 -9.75 47.43
N ASN B 299 4.20 -10.18 48.16
CA ASN B 299 5.43 -10.61 47.54
C ASN B 299 5.09 -11.88 46.76
N PRO B 300 5.49 -12.04 45.50
CA PRO B 300 5.21 -13.21 44.70
C PRO B 300 5.81 -14.50 45.22
N ASP B 301 6.84 -14.41 46.04
CA ASP B 301 7.53 -15.61 46.49
C ASP B 301 6.68 -16.59 47.26
N ASP B 302 5.70 -16.12 48.00
CA ASP B 302 4.61 -16.28 48.93
C ASP B 302 3.27 -16.59 48.31
N ILE B 303 3.14 -16.50 47.00
CA ILE B 303 1.84 -16.77 46.41
C ILE B 303 1.87 -18.11 45.71
N THR B 304 0.92 -18.97 46.02
CA THR B 304 0.89 -20.28 45.42
C THR B 304 0.20 -20.21 44.08
N ASN B 305 0.32 -21.27 43.29
CA ASN B 305 -0.35 -21.22 42.01
C ASN B 305 -1.84 -21.28 42.17
N GLU B 306 -2.32 -21.93 43.23
CA GLU B 306 -3.73 -22.00 43.43
C GLU B 306 -4.29 -20.63 43.71
N GLU B 307 -3.55 -19.85 44.48
CA GLU B 307 -4.01 -18.52 44.79
C GLU B 307 -4.06 -17.67 43.55
N TYR B 308 -3.07 -17.80 42.66
CA TYR B 308 -3.13 -17.01 41.47
C TYR B 308 -4.32 -17.42 40.66
N GLY B 309 -4.57 -18.71 40.60
CA GLY B 309 -5.68 -19.22 39.84
C GLY B 309 -7.00 -18.71 40.32
N GLU B 310 -7.21 -18.67 41.63
CA GLU B 310 -8.50 -18.21 42.09
C GLU B 310 -8.67 -16.74 41.79
N PHE B 311 -7.60 -15.99 41.93
CA PHE B 311 -7.67 -14.58 41.65
C PHE B 311 -8.05 -14.39 40.21
N TYR B 312 -7.37 -15.10 39.32
CA TYR B 312 -7.60 -15.02 37.91
C TYR B 312 -9.02 -15.29 37.56
N LYS B 313 -9.55 -16.39 38.07
CA LYS B 313 -10.91 -16.73 37.71
C LYS B 313 -11.87 -15.67 38.13
N SER B 314 -11.68 -15.13 39.33
CA SER B 314 -12.57 -14.11 39.81
C SER B 314 -12.49 -12.88 38.96
N LEU B 315 -11.28 -12.49 38.60
CA LEU B 315 -11.03 -11.31 37.82
C LEU B 315 -11.64 -11.35 36.44
N THR B 316 -11.52 -12.49 35.78
CA THR B 316 -12.01 -12.59 34.43
C THR B 316 -13.33 -13.30 34.27
N ASN B 317 -13.90 -13.85 35.35
CA ASN B 317 -15.15 -14.61 35.29
C ASN B 317 -14.97 -15.74 34.32
N ASP B 318 -13.81 -16.35 34.44
CA ASP B 318 -13.37 -17.46 33.62
C ASP B 318 -13.38 -18.73 34.40
N TRP B 319 -14.23 -19.66 34.04
CA TRP B 319 -14.29 -20.91 34.78
C TRP B 319 -12.98 -21.68 34.73
N GLU B 320 -12.17 -21.42 33.72
CA GLU B 320 -10.90 -22.10 33.50
C GLU B 320 -9.74 -21.40 34.20
N ASP B 321 -8.68 -22.12 34.49
CA ASP B 321 -7.52 -21.46 35.10
C ASP B 321 -6.63 -20.77 34.09
N HIS B 322 -5.58 -20.13 34.57
CA HIS B 322 -4.63 -19.49 33.70
C HIS B 322 -3.67 -20.51 33.15
N LEU B 323 -3.04 -20.18 32.04
CA LEU B 323 -2.04 -21.03 31.44
C LEU B 323 -0.70 -20.69 32.03
N ALA B 324 -0.48 -19.40 32.20
CA ALA B 324 0.79 -18.93 32.73
C ALA B 324 0.61 -17.60 33.41
N VAL B 325 1.46 -17.29 34.38
CA VAL B 325 1.41 -15.99 35.04
C VAL B 325 2.75 -15.39 35.34
N LYS B 326 2.86 -14.09 35.16
CA LYS B 326 4.05 -13.34 35.50
C LYS B 326 3.69 -12.22 36.46
N HIS B 327 4.33 -12.22 37.62
CA HIS B 327 4.10 -11.24 38.67
C HIS B 327 5.38 -10.55 38.98
N PHE B 328 5.42 -9.26 38.77
CA PHE B 328 6.68 -8.55 38.97
C PHE B 328 6.45 -7.15 39.40
N SER B 329 7.54 -6.50 39.79
CA SER B 329 7.47 -5.11 40.18
C SER B 329 8.65 -4.37 39.62
N VAL B 330 8.47 -3.08 39.55
CA VAL B 330 9.49 -2.17 39.07
C VAL B 330 9.68 -1.08 40.07
N GLU B 331 10.92 -0.81 40.42
CA GLU B 331 11.18 0.24 41.38
C GLU B 331 12.06 1.32 40.78
N GLY B 332 11.83 2.55 41.19
CA GLY B 332 12.64 3.68 40.75
C GLY B 332 11.88 4.51 39.74
N GLN B 333 11.76 5.80 40.00
CA GLN B 333 11.03 6.79 39.18
C GLN B 333 9.52 6.57 39.15
N LEU B 334 9.09 5.44 38.65
CA LEU B 334 7.69 5.07 38.61
C LEU B 334 7.53 3.78 39.36
N GLU B 335 6.71 3.75 40.37
CA GLU B 335 6.59 2.50 41.08
C GLU B 335 5.50 1.65 40.48
N PHE B 336 5.81 0.39 40.25
CA PHE B 336 4.85 -0.55 39.69
C PHE B 336 4.73 -1.86 40.36
N ARG B 337 3.55 -2.39 40.27
CA ARG B 337 3.31 -3.79 40.50
C ARG B 337 2.42 -4.26 39.38
N ALA B 338 2.66 -5.46 38.87
CA ALA B 338 1.76 -5.95 37.85
C ALA B 338 1.61 -7.45 37.81
N LEU B 339 0.42 -7.87 37.39
CA LEU B 339 0.09 -9.26 37.14
C LEU B 339 -0.37 -9.47 35.76
N LEU B 340 0.31 -10.33 35.06
CA LEU B 340 -0.05 -10.62 33.71
C LEU B 340 -0.38 -12.08 33.55
N PHE B 341 -1.56 -12.36 33.07
CA PHE B 341 -1.99 -13.72 32.89
C PHE B 341 -2.22 -14.07 31.45
N VAL B 342 -1.84 -15.28 31.11
CA VAL B 342 -2.09 -15.83 29.79
C VAL B 342 -3.21 -16.85 29.96
N PRO B 343 -4.33 -16.71 29.27
CA PRO B 343 -5.50 -17.57 29.33
C PRO B 343 -5.21 -18.89 28.65
N ARG B 344 -6.02 -19.92 28.91
CA ARG B 344 -5.80 -21.20 28.26
C ARG B 344 -6.50 -21.37 26.93
N ARG B 345 -7.31 -20.41 26.57
CA ARG B 345 -8.02 -20.44 25.31
C ARG B 345 -8.02 -19.07 24.70
N ALA B 346 -7.74 -18.97 23.42
CA ALA B 346 -7.87 -17.68 22.82
C ALA B 346 -9.35 -17.38 22.79
N PRO B 347 -9.80 -16.15 23.00
CA PRO B 347 -11.18 -15.80 22.90
C PRO B 347 -11.60 -15.86 21.46
N PHE B 348 -12.84 -16.23 21.23
CA PHE B 348 -13.37 -16.35 19.88
C PHE B 348 -13.42 -15.02 19.14
N ASP B 349 -13.50 -13.93 19.87
CA ASP B 349 -13.59 -12.61 19.30
C ASP B 349 -12.28 -11.86 19.40
N LEU B 350 -11.15 -12.57 19.55
CA LEU B 350 -9.86 -11.91 19.70
C LEU B 350 -9.58 -10.84 18.65
N PHE B 351 -9.91 -11.11 17.40
CA PHE B 351 -9.64 -10.13 16.37
C PHE B 351 -10.92 -9.48 15.84
N GLU B 352 -12.05 -9.74 16.48
CA GLU B 352 -13.34 -9.21 16.01
C GLU B 352 -14.01 -8.19 16.91
N ASN B 353 -13.79 -8.27 18.21
CA ASN B 353 -14.50 -7.39 19.13
C ASN B 353 -14.08 -5.97 18.81
N ARG B 354 -15.04 -5.04 18.84
CA ARG B 354 -14.70 -3.67 18.49
C ARG B 354 -14.47 -2.78 19.70
N LYS B 355 -14.49 -3.36 20.88
CA LYS B 355 -14.22 -2.58 22.06
C LYS B 355 -12.70 -2.56 22.07
N LYS B 356 -12.08 -1.64 22.79
CA LYS B 356 -10.64 -1.59 22.71
C LYS B 356 -9.98 -2.87 23.19
N LYS B 357 -9.05 -3.31 22.39
CA LYS B 357 -8.32 -4.55 22.51
C LYS B 357 -7.45 -4.82 23.74
N ASN B 358 -6.87 -3.82 24.37
CA ASN B 358 -6.00 -4.15 25.49
C ASN B 358 -6.74 -4.38 26.79
N ASN B 359 -6.72 -5.61 27.29
CA ASN B 359 -7.46 -5.94 28.52
C ASN B 359 -6.62 -5.73 29.76
N ILE B 360 -6.03 -4.57 29.85
CA ILE B 360 -5.20 -4.23 30.98
C ILE B 360 -5.84 -3.12 31.74
N LYS B 361 -6.09 -3.35 33.01
CA LYS B 361 -6.72 -2.34 33.82
C LYS B 361 -5.68 -1.60 34.63
N LEU B 362 -5.74 -0.28 34.61
CA LEU B 362 -4.81 0.54 35.36
C LEU B 362 -5.42 1.14 36.59
N TYR B 363 -4.78 0.88 37.72
CA TYR B 363 -5.19 1.34 39.02
C TYR B 363 -4.17 2.25 39.66
N VAL B 364 -4.65 3.22 40.42
CA VAL B 364 -3.76 4.06 41.20
C VAL B 364 -4.18 3.99 42.63
N ARG B 365 -3.26 3.57 43.47
CA ARG B 365 -3.52 3.38 44.87
C ARG B 365 -4.74 2.49 45.02
N ARG B 366 -4.80 1.44 44.21
CA ARG B 366 -5.85 0.46 44.16
C ARG B 366 -7.20 0.95 43.68
N VAL B 367 -7.31 2.14 43.15
CA VAL B 367 -8.57 2.60 42.61
C VAL B 367 -8.54 2.59 41.11
N PHE B 368 -9.55 2.02 40.52
CA PHE B 368 -9.56 1.94 39.08
C PHE B 368 -9.55 3.28 38.43
N ILE B 369 -8.67 3.47 37.44
CA ILE B 369 -8.63 4.72 36.72
C ILE B 369 -9.04 4.56 35.29
N MET B 370 -8.36 3.70 34.59
CA MET B 370 -8.51 3.59 33.16
C MET B 370 -8.42 2.19 32.63
N ASP B 371 -9.13 1.94 31.54
CA ASP B 371 -9.11 0.69 30.81
C ASP B 371 -9.09 1.07 29.37
N ASN B 372 -9.05 0.09 28.48
CA ASN B 372 -9.13 0.39 27.07
C ASN B 372 -8.12 1.43 26.60
N CYS B 373 -6.91 1.38 27.12
CA CYS B 373 -5.91 2.35 26.75
C CYS B 373 -4.95 1.76 25.75
N GLU B 374 -4.99 2.32 24.57
CA GLU B 374 -4.22 1.88 23.44
C GLU B 374 -2.75 2.06 23.65
N GLU B 375 -2.38 3.07 24.37
CA GLU B 375 -1.01 3.36 24.60
C GLU B 375 -0.26 2.36 25.48
N LEU B 376 -0.96 1.53 26.27
CA LEU B 376 -0.25 0.63 27.19
C LEU B 376 0.42 -0.58 26.59
N ILE B 377 -0.20 -1.16 25.59
CA ILE B 377 0.25 -2.38 24.97
C ILE B 377 0.11 -2.39 23.46
N PRO B 378 1.09 -2.92 22.71
CA PRO B 378 1.01 -3.06 21.29
C PRO B 378 -0.07 -4.06 21.05
N GLU B 379 -0.80 -3.88 19.97
CA GLU B 379 -1.93 -4.74 19.66
C GLU B 379 -1.64 -6.21 19.60
N TYR B 380 -0.50 -6.62 19.13
CA TYR B 380 -0.27 -8.03 19.02
C TYR B 380 -0.35 -8.78 20.37
N LEU B 381 -0.25 -8.07 21.48
CA LEU B 381 -0.33 -8.69 22.79
C LEU B 381 -1.67 -8.53 23.45
N ASN B 382 -2.68 -8.23 22.68
CA ASN B 382 -4.02 -8.02 23.21
C ASN B 382 -4.74 -9.30 23.57
N PHE B 383 -4.14 -10.11 24.41
CA PHE B 383 -4.76 -11.34 24.83
C PHE B 383 -4.28 -11.60 26.20
N ILE B 384 -3.38 -10.73 26.63
CA ILE B 384 -2.87 -10.80 27.97
C ILE B 384 -3.88 -10.13 28.84
N ARG B 385 -4.23 -10.75 29.95
CA ARG B 385 -5.20 -10.16 30.84
C ARG B 385 -4.43 -9.65 32.03
N GLY B 386 -4.78 -8.51 32.58
CA GLY B 386 -3.98 -8.15 33.74
C GLY B 386 -4.26 -6.84 34.41
N VAL B 387 -3.46 -6.61 35.45
CA VAL B 387 -3.53 -5.46 36.31
C VAL B 387 -2.23 -4.73 36.51
N VAL B 388 -2.27 -3.42 36.38
CA VAL B 388 -1.13 -2.58 36.65
C VAL B 388 -1.51 -1.61 37.74
N ASP B 389 -0.70 -1.52 38.78
CA ASP B 389 -1.00 -0.68 39.93
C ASP B 389 0.19 0.12 40.37
N SER B 390 -0.02 1.40 40.53
CA SER B 390 1.05 2.31 40.95
C SER B 390 0.54 3.27 41.98
N GLU B 391 1.45 3.89 42.74
CA GLU B 391 1.02 4.85 43.75
C GLU B 391 1.55 6.26 43.57
N ASP B 392 2.07 6.57 42.41
CA ASP B 392 2.68 7.86 42.19
C ASP B 392 2.42 8.57 40.88
N LEU B 393 1.35 8.28 40.16
CA LEU B 393 1.19 8.97 38.90
C LEU B 393 0.27 10.17 39.06
N PRO B 394 0.52 11.28 38.38
CA PRO B 394 -0.33 12.45 38.38
C PRO B 394 -1.60 12.21 37.59
N LEU B 395 -2.70 12.69 38.11
CA LEU B 395 -4.00 12.57 37.47
C LEU B 395 -4.64 13.89 37.23
N ASN B 396 -5.58 13.92 36.28
CA ASN B 396 -6.30 15.15 36.06
C ASN B 396 -7.35 15.34 37.13
N ILE B 397 -8.14 16.39 37.01
CA ILE B 397 -9.04 16.74 38.09
C ILE B 397 -10.13 15.73 38.34
N SER B 398 -10.58 15.06 37.30
CA SER B 398 -11.65 14.10 37.42
C SER B 398 -11.15 12.75 37.83
N ARG B 399 -9.83 12.61 37.89
CA ARG B 399 -9.16 11.37 38.20
C ARG B 399 -9.58 10.30 37.22
N GLU B 400 -9.66 10.65 35.94
CA GLU B 400 -10.05 9.71 34.89
C GLU B 400 -9.00 9.42 33.87
N MET B 401 -7.85 10.00 34.02
CA MET B 401 -6.77 9.80 33.09
C MET B 401 -5.54 10.42 33.61
N LEU B 402 -4.43 9.96 33.10
CA LEU B 402 -3.17 10.48 33.48
C LEU B 402 -2.94 11.81 32.92
N GLN B 403 -2.28 12.61 33.72
CA GLN B 403 -1.88 13.93 33.36
C GLN B 403 -0.77 14.01 32.31
N GLN B 404 0.15 13.04 32.30
CA GLN B 404 1.26 13.10 31.36
C GLN B 404 1.45 11.80 30.57
N SER B 405 1.38 11.89 29.25
CA SER B 405 1.46 10.71 28.39
C SER B 405 2.81 10.00 28.32
N LYS B 406 3.90 10.67 28.66
CA LYS B 406 5.21 10.03 28.62
C LYS B 406 5.29 8.84 29.58
N ILE B 407 4.41 8.83 30.56
CA ILE B 407 4.40 7.77 31.52
C ILE B 407 4.00 6.49 30.86
N LEU B 408 3.03 6.56 29.97
CA LEU B 408 2.52 5.39 29.30
C LEU B 408 3.60 4.83 28.43
N LYS B 409 4.42 5.70 27.85
CA LYS B 409 5.51 5.20 27.04
C LYS B 409 6.40 4.27 27.86
N VAL B 410 6.69 4.66 29.09
CA VAL B 410 7.53 3.84 29.94
C VAL B 410 6.84 2.57 30.36
N ILE B 411 5.58 2.67 30.71
CA ILE B 411 4.88 1.48 31.15
C ILE B 411 4.89 0.46 30.07
N ARG B 412 4.60 0.88 28.85
CA ARG B 412 4.56 -0.03 27.75
C ARG B 412 5.88 -0.69 27.53
N LYS B 413 6.97 0.06 27.59
CA LYS B 413 8.25 -0.57 27.38
C LYS B 413 8.45 -1.73 28.33
N ASN B 414 8.15 -1.51 29.60
CA ASN B 414 8.39 -2.58 30.54
C ASN B 414 7.42 -3.73 30.44
N LEU B 415 6.16 -3.48 30.12
CA LEU B 415 5.24 -4.60 30.06
C LEU B 415 5.60 -5.52 28.93
N VAL B 416 6.03 -4.96 27.81
CA VAL B 416 6.35 -5.81 26.70
C VAL B 416 7.55 -6.64 27.01
N LYS B 417 8.57 -6.02 27.58
CA LYS B 417 9.78 -6.73 27.90
C LYS B 417 9.51 -7.95 28.75
N LYS B 418 8.66 -7.81 29.75
CA LYS B 418 8.39 -8.94 30.60
C LYS B 418 7.50 -9.98 29.96
N CYS B 419 6.63 -9.59 29.04
CA CYS B 419 5.82 -10.61 28.40
C CYS B 419 6.72 -11.52 27.62
N LEU B 420 7.71 -10.96 26.96
CA LEU B 420 8.61 -11.78 26.19
C LEU B 420 9.39 -12.71 27.07
N GLU B 421 9.79 -12.25 28.26
CA GLU B 421 10.50 -13.16 29.13
C GLU B 421 9.60 -14.31 29.51
N LEU B 422 8.33 -14.04 29.75
CA LEU B 422 7.43 -15.12 30.11
C LEU B 422 7.34 -16.14 29.02
N PHE B 423 7.21 -15.70 27.79
CA PHE B 423 7.07 -16.64 26.70
C PHE B 423 8.33 -17.43 26.53
N THR B 424 9.46 -16.80 26.69
CA THR B 424 10.71 -17.52 26.54
C THR B 424 10.79 -18.64 27.54
N GLU B 425 10.43 -18.35 28.77
CA GLU B 425 10.46 -19.35 29.81
C GLU B 425 9.41 -20.43 29.56
N LEU B 426 8.26 -20.03 29.08
CA LEU B 426 7.17 -20.95 28.85
C LEU B 426 7.60 -22.00 27.85
N ALA B 427 8.34 -21.56 26.85
CA ALA B 427 8.83 -22.38 25.75
C ALA B 427 9.75 -23.49 26.17
N GLU B 428 10.33 -23.43 27.36
CA GLU B 428 11.20 -24.50 27.76
C GLU B 428 10.40 -25.77 28.06
N ASP B 429 9.12 -25.64 28.40
CA ASP B 429 8.26 -26.78 28.66
C ASP B 429 7.57 -27.13 27.38
N LYS B 430 8.03 -28.16 26.73
CA LYS B 430 7.51 -28.47 25.43
C LYS B 430 6.05 -28.78 25.39
N GLU B 431 5.51 -29.40 26.43
CA GLU B 431 4.11 -29.76 26.31
C GLU B 431 3.28 -28.53 26.44
N ASN B 432 3.69 -27.69 27.36
CA ASN B 432 2.93 -26.50 27.55
C ASN B 432 3.11 -25.56 26.40
N TYR B 433 4.27 -25.60 25.77
CA TYR B 433 4.46 -24.69 24.69
C TYR B 433 3.52 -25.10 23.61
N LYS B 434 3.39 -26.38 23.34
CA LYS B 434 2.46 -26.72 22.31
C LYS B 434 1.08 -26.20 22.61
N LYS B 435 0.62 -26.32 23.85
CA LYS B 435 -0.72 -25.83 24.11
C LYS B 435 -0.84 -24.36 23.82
N PHE B 436 0.18 -23.62 24.22
CA PHE B 436 0.21 -22.20 23.99
C PHE B 436 0.23 -21.80 22.54
N TYR B 437 1.11 -22.40 21.80
CA TYR B 437 1.35 -22.04 20.42
C TYR B 437 0.12 -22.27 19.61
N GLU B 438 -0.57 -23.36 19.89
CA GLU B 438 -1.76 -23.70 19.17
C GLU B 438 -2.85 -22.64 19.30
N GLN B 439 -2.80 -21.83 20.33
CA GLN B 439 -3.81 -20.82 20.52
C GLN B 439 -3.32 -19.46 20.08
N PHE B 440 -2.05 -19.16 20.36
CA PHE B 440 -1.57 -17.82 20.11
C PHE B 440 -0.49 -17.63 19.04
N SER B 441 -0.25 -18.60 18.18
CA SER B 441 0.76 -18.39 17.14
C SER B 441 0.43 -17.23 16.21
N LYS B 442 -0.84 -16.90 16.08
CA LYS B 442 -1.23 -15.79 15.23
C LYS B 442 -0.69 -14.50 15.76
N ASN B 443 -0.62 -14.38 17.07
CA ASN B 443 -0.22 -13.15 17.67
C ASN B 443 1.25 -12.98 17.57
N ILE B 444 1.96 -14.08 17.63
CA ILE B 444 3.40 -13.98 17.51
C ILE B 444 3.72 -13.49 16.13
N LYS B 445 3.07 -14.07 15.15
CA LYS B 445 3.36 -13.67 13.79
C LYS B 445 3.05 -12.20 13.56
N LEU B 446 1.97 -11.69 14.12
CA LEU B 446 1.72 -10.27 13.91
C LEU B 446 2.84 -9.47 14.53
N GLY B 447 3.31 -9.91 15.68
CA GLY B 447 4.40 -9.22 16.34
C GLY B 447 5.62 -9.16 15.45
N ILE B 448 5.87 -10.18 14.66
CA ILE B 448 7.03 -10.14 13.78
C ILE B 448 6.90 -9.00 12.83
N HIS B 449 5.72 -8.79 12.28
CA HIS B 449 5.55 -7.75 11.30
C HIS B 449 5.68 -6.37 11.87
N GLU B 450 5.15 -6.16 13.06
CA GLU B 450 5.13 -4.81 13.60
C GLU B 450 6.21 -4.43 14.59
N ASP B 451 6.69 -5.35 15.39
CA ASP B 451 7.64 -4.99 16.41
C ASP B 451 9.04 -5.15 15.88
N SER B 452 9.65 -4.04 15.51
CA SER B 452 10.96 -4.06 14.90
C SER B 452 12.06 -4.24 15.90
N GLN B 453 11.75 -4.16 17.18
CA GLN B 453 12.80 -4.24 18.16
C GLN B 453 12.90 -5.62 18.75
N ASN B 454 11.78 -6.28 18.88
CA ASN B 454 11.78 -7.57 19.48
C ASN B 454 11.67 -8.65 18.43
N ARG B 455 11.84 -8.29 17.19
CA ARG B 455 11.74 -9.25 16.11
C ARG B 455 12.74 -10.36 16.29
N LYS B 456 13.91 -10.05 16.82
CA LYS B 456 14.96 -11.02 16.98
C LYS B 456 14.76 -11.91 18.18
N LYS B 457 13.72 -11.65 18.95
CA LYS B 457 13.42 -12.49 20.09
C LYS B 457 12.18 -13.29 19.76
N LEU B 458 11.25 -12.65 19.07
CA LEU B 458 10.00 -13.27 18.73
C LEU B 458 10.20 -14.40 17.79
N SER B 459 11.16 -14.28 16.90
CA SER B 459 11.39 -15.31 15.93
C SER B 459 11.77 -16.64 16.53
N GLU B 460 12.26 -16.66 17.74
CA GLU B 460 12.66 -17.93 18.29
C GLU B 460 11.50 -18.69 18.85
N LEU B 461 10.34 -18.06 18.86
CA LEU B 461 9.13 -18.67 19.34
C LEU B 461 8.36 -19.33 18.21
N LEU B 462 8.85 -19.21 16.99
CA LEU B 462 8.12 -19.78 15.87
C LEU B 462 8.37 -21.25 15.74
N ARG B 463 7.36 -21.98 15.30
CA ARG B 463 7.51 -23.40 15.08
C ARG B 463 6.87 -23.76 13.75
N TYR B 464 7.53 -24.63 13.00
CA TYR B 464 7.01 -25.07 11.71
C TYR B 464 7.10 -26.54 11.47
N TYR B 465 6.23 -27.06 10.62
CA TYR B 465 6.40 -28.43 10.19
C TYR B 465 7.41 -28.41 9.10
N THR B 466 8.22 -29.43 8.99
CA THR B 466 9.14 -29.47 7.89
C THR B 466 9.09 -30.82 7.27
N SER B 467 9.77 -30.95 6.16
CA SER B 467 9.88 -32.17 5.42
C SER B 467 10.64 -33.25 6.17
N ALA B 468 11.34 -32.87 7.22
CA ALA B 468 12.07 -33.82 8.02
C ALA B 468 11.23 -34.30 9.19
N SER B 469 10.45 -33.35 9.67
CA SER B 469 10.12 -33.38 11.10
C SER B 469 8.94 -34.27 11.45
N GLY B 470 8.43 -35.02 10.51
CA GLY B 470 7.27 -35.82 10.77
C GLY B 470 6.14 -34.90 11.14
N ASP B 471 5.45 -35.19 12.24
CA ASP B 471 4.35 -34.33 12.65
C ASP B 471 4.70 -33.41 13.78
N GLU B 472 5.98 -33.28 14.06
CA GLU B 472 6.39 -32.38 15.10
C GLU B 472 6.70 -31.04 14.49
N MET B 473 6.51 -29.99 15.24
CA MET B 473 6.89 -28.71 14.74
C MET B 473 8.20 -28.39 15.36
N VAL B 474 9.07 -27.79 14.61
CA VAL B 474 10.38 -27.50 15.13
C VAL B 474 10.75 -26.06 15.00
N SER B 475 11.75 -25.66 15.74
CA SER B 475 12.19 -24.29 15.72
C SER B 475 13.12 -24.02 14.59
N LEU B 476 13.39 -22.75 14.36
CA LEU B 476 14.33 -22.41 13.34
C LEU B 476 15.71 -22.77 13.80
N LYS B 477 15.93 -22.78 15.10
CA LYS B 477 17.24 -23.16 15.53
C LYS B 477 17.46 -24.63 15.21
N ASP B 478 16.43 -25.43 15.38
CA ASP B 478 16.57 -26.86 15.14
C ASP B 478 16.95 -27.12 13.70
N TYR B 479 16.36 -26.36 12.78
CA TYR B 479 16.63 -26.47 11.36
C TYR B 479 18.12 -26.36 11.13
N CYS B 480 18.63 -25.37 11.84
CA CYS B 480 19.87 -24.86 11.34
C CYS B 480 21.00 -25.69 11.90
N THR B 481 20.69 -26.68 12.77
CA THR B 481 21.76 -27.49 13.29
C THR B 481 21.75 -28.82 12.60
N ARG B 482 20.61 -29.18 12.00
CA ARG B 482 20.55 -30.41 11.24
C ARG B 482 21.12 -30.20 9.86
N MET B 483 20.99 -28.98 9.36
CA MET B 483 21.46 -28.69 8.02
C MET B 483 22.96 -28.86 8.01
N LYS B 484 23.54 -29.22 6.88
CA LYS B 484 24.69 -29.58 6.06
C LYS B 484 25.61 -28.40 5.83
N GLU B 485 26.86 -28.70 5.59
CA GLU B 485 27.91 -27.71 5.40
C GLU B 485 27.68 -26.71 4.28
N ASN B 486 26.99 -27.14 3.24
CA ASN B 486 26.76 -26.26 2.11
C ASN B 486 25.44 -25.53 2.20
N GLN B 487 24.78 -25.64 3.34
CA GLN B 487 23.48 -25.00 3.47
C GLN B 487 23.60 -23.56 3.88
N LYS B 488 23.97 -22.75 2.90
CA LYS B 488 24.13 -21.34 3.13
C LYS B 488 22.76 -20.66 3.20
N HIS B 489 21.74 -21.36 2.73
CA HIS B 489 20.38 -20.87 2.70
C HIS B 489 19.43 -21.82 3.39
N ILE B 490 18.33 -21.26 3.85
CA ILE B 490 17.25 -22.00 4.44
C ILE B 490 16.12 -22.09 3.46
N TYR B 491 15.72 -23.30 3.13
CA TYR B 491 14.73 -23.44 2.08
C TYR B 491 13.34 -23.57 2.61
N TYR B 492 12.39 -22.90 1.96
CA TYR B 492 11.02 -23.04 2.36
C TYR B 492 10.08 -22.97 1.19
N ILE B 493 8.90 -23.49 1.42
CA ILE B 493 7.82 -23.50 0.47
C ILE B 493 6.53 -23.06 1.11
N THR B 494 5.69 -22.35 0.39
CA THR B 494 4.41 -22.00 0.97
C THR B 494 3.29 -22.64 0.17
N GLY B 495 2.14 -22.85 0.81
CA GLY B 495 0.99 -23.37 0.09
C GLY B 495 -0.23 -23.61 0.95
N GLU B 496 -1.34 -24.00 0.33
CA GLU B 496 -2.60 -24.20 1.04
C GLU B 496 -2.63 -25.27 2.12
N THR B 497 -1.97 -26.38 1.89
CA THR B 497 -2.02 -27.46 2.85
C THR B 497 -0.81 -28.35 2.81
N LYS B 498 -0.55 -29.00 3.92
CA LYS B 498 0.61 -29.86 4.07
C LYS B 498 0.74 -30.89 2.99
N ASP B 499 -0.35 -31.51 2.58
CA ASP B 499 -0.20 -32.57 1.60
C ASP B 499 0.22 -32.08 0.25
N GLN B 500 -0.30 -30.94 -0.13
CA GLN B 500 0.00 -30.41 -1.43
C GLN B 500 1.42 -29.95 -1.46
N VAL B 501 1.85 -29.39 -0.37
CA VAL B 501 3.18 -28.91 -0.30
C VAL B 501 4.16 -30.06 -0.30
N ALA B 502 3.89 -31.07 0.50
CA ALA B 502 4.78 -32.19 0.63
C ALA B 502 5.01 -32.93 -0.67
N ASN B 503 3.99 -33.02 -1.50
CA ASN B 503 4.12 -33.75 -2.74
C ASN B 503 4.43 -32.87 -3.92
N SER B 504 4.75 -31.63 -3.67
CA SER B 504 5.03 -30.69 -4.73
C SER B 504 6.24 -31.04 -5.53
N ALA B 505 6.16 -30.77 -6.82
CA ALA B 505 7.28 -31.00 -7.70
C ALA B 505 8.47 -30.18 -7.28
N PHE B 506 8.21 -29.04 -6.70
CA PHE B 506 9.23 -28.09 -6.36
C PHE B 506 10.16 -28.55 -5.28
N VAL B 507 9.78 -29.56 -4.54
CA VAL B 507 10.64 -30.02 -3.49
C VAL B 507 11.20 -31.37 -3.78
N GLU B 508 10.95 -31.91 -4.96
CA GLU B 508 11.45 -33.25 -5.15
C GLU B 508 12.94 -33.27 -5.32
N ARG B 509 13.49 -32.29 -6.00
CA ARG B 509 14.92 -32.32 -6.20
C ARG B 509 15.60 -32.15 -4.84
N LEU B 510 15.03 -31.33 -4.00
CA LEU B 510 15.60 -31.09 -2.72
C LEU B 510 15.53 -32.35 -1.90
N ARG B 511 14.41 -33.06 -1.99
CA ARG B 511 14.31 -34.28 -1.24
C ARG B 511 15.36 -35.26 -1.69
N LYS B 512 15.59 -35.35 -2.99
CA LYS B 512 16.58 -36.27 -3.55
C LYS B 512 17.94 -36.09 -2.91
N HIS B 513 18.31 -34.87 -2.63
CA HIS B 513 19.61 -34.62 -2.06
C HIS B 513 19.61 -34.56 -0.54
N GLY B 514 18.49 -34.86 0.08
CA GLY B 514 18.37 -34.87 1.51
C GLY B 514 18.30 -33.52 2.17
N LEU B 515 17.76 -32.51 1.49
CA LEU B 515 17.70 -31.22 2.12
C LEU B 515 16.36 -31.00 2.74
N GLU B 516 16.36 -30.32 3.87
CA GLU B 516 15.14 -30.06 4.61
C GLU B 516 14.42 -28.80 4.18
N VAL B 517 13.13 -28.92 3.98
CA VAL B 517 12.33 -27.79 3.57
C VAL B 517 11.25 -27.46 4.55
N ILE B 518 11.14 -26.20 4.90
CA ILE B 518 10.13 -25.75 5.84
C ILE B 518 8.79 -25.58 5.14
N TYR B 519 7.73 -26.13 5.70
CA TYR B 519 6.43 -26.00 5.08
C TYR B 519 5.63 -24.92 5.75
N MET B 520 5.31 -23.88 5.01
CA MET B 520 4.55 -22.80 5.58
C MET B 520 3.16 -22.84 5.03
N ILE B 521 2.20 -22.95 5.91
CA ILE B 521 0.83 -23.14 5.48
C ILE B 521 -0.11 -21.99 5.74
N GLU B 522 -0.10 -21.43 6.93
CA GLU B 522 -1.10 -20.43 7.20
C GLU B 522 -0.88 -19.23 6.29
N PRO B 523 -1.93 -18.59 5.76
CA PRO B 523 -1.84 -17.44 4.88
C PRO B 523 -0.97 -16.34 5.42
N ILE B 524 -0.97 -16.16 6.70
CA ILE B 524 -0.20 -15.12 7.32
C ILE B 524 1.30 -15.24 7.09
N ASP B 525 1.76 -16.44 6.81
CA ASP B 525 3.17 -16.71 6.62
C ASP B 525 3.72 -15.98 5.44
N GLU B 526 2.85 -15.61 4.50
CA GLU B 526 3.29 -14.91 3.32
C GLU B 526 3.85 -13.57 3.68
N TYR B 527 3.36 -13.01 4.76
CA TYR B 527 3.83 -11.72 5.16
C TYR B 527 5.04 -11.88 6.03
N CYS B 528 5.05 -12.90 6.88
CA CYS B 528 6.19 -13.01 7.78
C CYS B 528 7.50 -13.22 7.06
N VAL B 529 7.47 -13.97 5.99
CA VAL B 529 8.72 -14.22 5.30
C VAL B 529 9.37 -12.99 4.73
N GLN B 530 8.58 -11.94 4.52
CA GLN B 530 9.04 -10.69 3.96
C GLN B 530 9.92 -10.00 4.96
N GLN B 531 9.46 -10.21 6.18
CA GLN B 531 9.86 -9.27 7.16
C GLN B 531 11.04 -9.92 7.84
N LEU B 532 11.02 -11.25 7.83
CA LEU B 532 12.06 -12.00 8.50
C LEU B 532 13.38 -12.01 7.80
N LYS B 533 13.41 -12.25 6.50
CA LYS B 533 14.65 -12.25 5.70
C LYS B 533 15.68 -13.33 6.02
N GLU B 534 16.22 -13.31 7.24
CA GLU B 534 17.28 -14.23 7.69
C GLU B 534 17.19 -14.71 9.14
N PHE B 535 17.75 -15.88 9.36
CA PHE B 535 17.90 -16.42 10.70
C PHE B 535 19.36 -16.68 10.97
N GLU B 536 19.91 -15.96 11.92
CA GLU B 536 21.31 -16.09 12.27
C GLU B 536 22.25 -15.98 11.07
N GLY B 537 21.95 -15.05 10.17
CA GLY B 537 22.79 -14.81 9.02
C GLY B 537 22.48 -15.66 7.81
N LYS B 538 21.59 -16.62 7.94
CA LYS B 538 21.28 -17.47 6.81
C LYS B 538 19.99 -16.99 6.21
N THR B 539 19.98 -16.65 4.94
CA THR B 539 18.77 -16.11 4.39
C THR B 539 17.79 -17.19 4.03
N LEU B 540 16.54 -16.78 3.84
CA LEU B 540 15.52 -17.71 3.42
C LEU B 540 15.39 -17.67 1.92
N VAL B 541 15.16 -18.81 1.31
CA VAL B 541 14.92 -18.82 -0.12
C VAL B 541 13.68 -19.60 -0.44
N SER B 542 12.96 -19.16 -1.46
CA SER B 542 11.77 -19.87 -1.89
C SER B 542 12.03 -20.83 -3.01
N VAL B 543 11.57 -22.02 -2.83
CA VAL B 543 11.79 -23.10 -3.78
C VAL B 543 10.89 -22.98 -4.99
N THR B 544 10.00 -21.99 -4.99
CA THR B 544 9.09 -21.78 -6.10
C THR B 544 9.50 -20.61 -6.97
N LYS B 545 10.67 -20.03 -6.70
CA LYS B 545 11.15 -18.93 -7.52
C LYS B 545 12.26 -19.34 -8.46
N GLU B 546 12.45 -18.53 -9.49
CA GLU B 546 13.50 -18.74 -10.46
C GLU B 546 14.85 -18.59 -9.81
N GLY B 547 15.86 -19.24 -10.37
CA GLY B 547 17.21 -19.06 -9.88
C GLY B 547 17.54 -19.82 -8.60
N LEU B 548 16.83 -20.89 -8.31
CA LEU B 548 17.13 -21.57 -7.07
C LEU B 548 18.52 -22.18 -7.14
N GLU B 549 19.31 -21.93 -6.12
CA GLU B 549 20.65 -22.49 -6.07
C GLU B 549 20.70 -23.74 -5.24
N LEU B 550 21.27 -24.77 -5.83
CA LEU B 550 21.47 -26.03 -5.17
C LEU B 550 22.96 -26.29 -5.15
N PRO B 551 23.49 -26.99 -4.15
CA PRO B 551 24.89 -27.33 -4.02
C PRO B 551 25.24 -28.51 -4.91
N GLU B 552 25.15 -28.28 -6.20
CA GLU B 552 25.40 -29.29 -7.22
C GLU B 552 26.88 -29.48 -7.47
N ASP B 553 27.22 -30.67 -7.97
CA ASP B 553 28.56 -31.01 -8.40
C ASP B 553 28.86 -30.30 -9.71
N GLU B 554 30.12 -30.14 -10.00
CA GLU B 554 30.53 -29.46 -11.22
C GLU B 554 30.21 -30.34 -12.40
N GLU B 555 30.27 -31.65 -12.19
CA GLU B 555 29.96 -32.54 -13.30
C GLU B 555 28.50 -32.42 -13.65
N GLU B 556 27.67 -32.25 -12.63
CA GLU B 556 26.24 -32.13 -12.84
C GLU B 556 25.95 -30.84 -13.59
N LYS B 557 26.67 -29.78 -13.24
CA LYS B 557 26.46 -28.50 -13.88
C LYS B 557 26.83 -28.59 -15.35
N LYS B 558 27.93 -29.26 -15.66
CA LYS B 558 28.33 -29.39 -17.05
C LYS B 558 27.31 -30.16 -17.84
N LYS B 559 26.77 -31.24 -17.27
CA LYS B 559 25.78 -32.02 -17.99
C LYS B 559 24.54 -31.19 -18.26
N GLN B 560 24.15 -30.38 -17.27
CA GLN B 560 22.97 -29.57 -17.42
C GLN B 560 23.16 -28.57 -18.54
N GLU B 561 24.37 -28.06 -18.71
CA GLU B 561 24.64 -27.12 -19.79
C GLU B 561 24.68 -27.81 -21.14
N GLU B 562 25.20 -29.03 -21.21
CA GLU B 562 25.26 -29.75 -22.47
C GLU B 562 23.86 -30.00 -22.99
N LYS B 563 22.94 -30.26 -22.09
CA LYS B 563 21.56 -30.51 -22.42
C LYS B 563 20.88 -29.27 -23.00
N LYS B 564 21.45 -28.09 -22.81
CA LYS B 564 20.81 -26.87 -23.28
C LYS B 564 21.13 -26.61 -24.72
N THR B 565 21.95 -27.48 -25.31
CA THR B 565 22.28 -27.31 -26.71
C THR B 565 21.26 -28.12 -27.49
N LYS B 566 20.41 -28.81 -26.74
CA LYS B 566 19.36 -29.60 -27.29
C LYS B 566 18.09 -28.87 -26.98
N PHE B 567 17.03 -29.19 -27.67
CA PHE B 567 15.72 -28.60 -27.36
C PHE B 567 15.68 -27.10 -27.58
N GLU B 568 16.64 -26.54 -28.29
CA GLU B 568 16.69 -25.12 -28.52
C GLU B 568 15.47 -24.69 -29.30
N ASN B 569 15.06 -25.57 -30.19
CA ASN B 569 13.93 -25.32 -31.00
C ASN B 569 12.65 -25.38 -30.21
N LEU B 570 12.58 -26.16 -29.12
CA LEU B 570 11.34 -26.20 -28.40
C LEU B 570 11.26 -24.97 -27.57
N CYS B 571 12.39 -24.50 -27.08
CA CYS B 571 12.34 -23.29 -26.29
C CYS B 571 11.64 -22.25 -27.11
N LYS B 572 12.09 -22.08 -28.35
CA LYS B 572 11.49 -21.09 -29.19
C LYS B 572 10.06 -21.42 -29.61
N ILE B 573 9.80 -22.65 -30.02
CA ILE B 573 8.47 -22.96 -30.50
C ILE B 573 7.44 -22.83 -29.42
N MET B 574 7.74 -23.36 -28.26
CA MET B 574 6.77 -23.27 -27.20
C MET B 574 6.54 -21.85 -26.84
N LYS B 575 7.58 -21.02 -26.78
CA LYS B 575 7.29 -19.65 -26.44
C LYS B 575 6.36 -19.06 -27.45
N ASP B 576 6.53 -19.35 -28.72
CA ASP B 576 5.64 -18.77 -29.69
C ASP B 576 4.20 -19.24 -29.49
N ILE B 577 4.01 -20.50 -29.17
CA ILE B 577 2.67 -21.01 -28.96
C ILE B 577 2.00 -20.29 -27.80
N LEU B 578 2.77 -20.09 -26.77
CA LEU B 578 2.36 -19.47 -25.53
C LEU B 578 2.87 -18.05 -25.38
N GLU B 579 3.16 -17.35 -26.47
CA GLU B 579 3.72 -15.99 -26.38
C GLU B 579 2.94 -15.06 -25.50
N LYS B 580 1.65 -15.12 -25.56
CA LYS B 580 0.83 -14.21 -24.81
C LYS B 580 0.62 -14.63 -23.35
N LYS B 581 1.10 -15.82 -22.99
CA LYS B 581 0.87 -16.35 -21.67
C LYS B 581 2.09 -16.38 -20.75
N VAL B 582 3.28 -16.58 -21.29
CA VAL B 582 4.45 -16.66 -20.41
C VAL B 582 5.53 -15.71 -20.80
N GLU B 583 6.41 -15.41 -19.87
CA GLU B 583 7.54 -14.55 -20.18
C GLU B 583 8.67 -15.35 -20.79
N LYS B 584 8.91 -16.53 -20.26
CA LYS B 584 10.01 -17.35 -20.76
C LYS B 584 9.73 -18.82 -20.77
N VAL B 585 10.46 -19.55 -21.63
CA VAL B 585 10.45 -20.99 -21.61
C VAL B 585 11.89 -21.42 -21.46
N VAL B 586 12.20 -22.17 -20.41
CA VAL B 586 13.59 -22.55 -20.19
C VAL B 586 13.78 -24.02 -19.86
N VAL B 587 15.00 -24.49 -20.04
CA VAL B 587 15.37 -25.84 -19.63
C VAL B 587 15.77 -25.78 -18.18
N SER B 588 15.26 -26.68 -17.35
CA SER B 588 15.56 -26.64 -15.93
C SER B 588 16.17 -27.89 -15.35
N ASN B 589 16.47 -27.81 -14.05
CA ASN B 589 17.05 -28.89 -13.28
C ASN B 589 16.33 -29.19 -11.97
N ARG B 590 15.21 -28.55 -11.69
CA ARG B 590 14.59 -28.82 -10.39
C ARG B 590 13.56 -29.93 -10.53
N LEU B 591 13.40 -30.41 -11.74
CA LEU B 591 12.41 -31.41 -12.02
C LEU B 591 13.03 -32.73 -12.35
N VAL B 592 12.72 -33.70 -11.51
CA VAL B 592 13.24 -35.05 -11.66
C VAL B 592 12.12 -36.05 -11.78
N THR B 593 10.91 -35.54 -11.96
CA THR B 593 9.69 -36.33 -12.04
C THR B 593 8.94 -36.11 -13.33
N SER B 594 8.09 -35.07 -13.39
CA SER B 594 7.10 -34.25 -14.06
C SER B 594 7.76 -33.59 -15.24
N PRO B 595 7.08 -33.48 -16.38
CA PRO B 595 7.59 -32.86 -17.58
C PRO B 595 7.81 -31.36 -17.51
N CYS B 596 7.11 -30.67 -16.61
CA CYS B 596 7.28 -29.24 -16.54
C CYS B 596 6.66 -28.62 -15.30
N CYS B 597 7.02 -27.39 -15.01
CA CYS B 597 6.35 -26.66 -13.93
C CYS B 597 6.45 -25.17 -14.18
N ILE B 598 5.68 -24.40 -13.44
CA ILE B 598 5.74 -22.97 -13.59
C ILE B 598 6.29 -22.28 -12.37
N VAL B 599 7.28 -21.44 -12.60
CA VAL B 599 7.91 -20.74 -11.50
C VAL B 599 7.74 -19.26 -11.67
N THR B 600 7.94 -18.54 -10.59
CA THR B 600 7.79 -17.11 -10.63
C THR B 600 9.15 -16.46 -10.58
N SER B 601 9.25 -15.32 -11.24
CA SER B 601 10.47 -14.54 -11.26
C SER B 601 10.78 -14.03 -9.86
N THR B 602 11.96 -13.47 -9.66
CA THR B 602 12.40 -13.06 -8.33
C THR B 602 11.62 -11.96 -7.63
N TYR B 603 10.91 -11.13 -8.37
CA TYR B 603 10.15 -10.07 -7.72
C TYR B 603 8.70 -10.10 -8.14
N GLY B 604 7.83 -9.69 -7.25
CA GLY B 604 6.41 -9.65 -7.55
C GLY B 604 5.69 -10.67 -6.72
N TRP B 605 4.39 -10.73 -6.87
CA TRP B 605 3.61 -11.68 -6.10
C TRP B 605 3.77 -13.04 -6.69
N THR B 606 3.84 -14.03 -5.85
CA THR B 606 3.95 -15.42 -6.23
C THR B 606 2.60 -16.08 -6.13
N ALA B 607 2.53 -17.33 -6.54
CA ALA B 607 1.29 -18.02 -6.33
C ALA B 607 1.12 -18.00 -4.84
N ASN B 608 -0.11 -18.05 -4.37
CA ASN B 608 -0.48 -17.91 -2.96
C ASN B 608 -0.51 -16.45 -2.59
N MET B 609 0.56 -15.74 -2.80
CA MET B 609 0.46 -14.31 -2.51
C MET B 609 -0.65 -13.74 -3.36
N GLU B 610 -0.74 -14.14 -4.62
CA GLU B 610 -1.78 -13.60 -5.43
C GLU B 610 -3.16 -14.07 -5.02
N ARG B 611 -3.34 -15.33 -4.65
CA ARG B 611 -4.71 -15.73 -4.39
C ARG B 611 -5.19 -15.13 -3.11
N ILE B 612 -4.29 -14.93 -2.18
CA ILE B 612 -4.68 -14.39 -0.93
C ILE B 612 -5.08 -12.97 -1.14
N MET B 613 -4.30 -12.22 -1.87
CA MET B 613 -4.67 -10.84 -2.04
C MET B 613 -5.98 -10.70 -2.77
N LYS B 614 -6.20 -11.52 -3.77
CA LYS B 614 -7.41 -11.46 -4.55
C LYS B 614 -8.63 -11.73 -3.73
N ALA B 615 -8.51 -12.60 -2.75
CA ALA B 615 -9.61 -13.01 -1.92
C ALA B 615 -9.92 -12.10 -0.74
N GLN B 616 -9.17 -11.02 -0.52
CA GLN B 616 -9.48 -10.23 0.66
C GLN B 616 -10.82 -9.54 0.53
N ALA B 617 -11.59 -9.48 1.62
CA ALA B 617 -12.91 -8.85 1.51
C ALA B 617 -12.83 -7.41 1.09
N LEU B 618 -11.85 -6.70 1.61
CA LEU B 618 -11.73 -5.29 1.32
C LEU B 618 -10.38 -4.88 0.81
N ARG B 619 -10.22 -4.91 -0.51
CA ARG B 619 -8.96 -4.56 -1.14
C ARG B 619 -9.19 -3.85 -2.45
N ASP B 620 -8.25 -2.99 -2.80
CA ASP B 620 -8.26 -2.27 -4.07
C ASP B 620 -7.58 -3.09 -5.14
N ASN B 621 -8.33 -3.56 -6.13
CA ASN B 621 -7.77 -4.44 -7.14
C ASN B 621 -6.91 -3.71 -8.15
N SER B 622 -6.83 -2.40 -8.01
CA SER B 622 -6.03 -1.63 -8.92
C SER B 622 -4.56 -1.95 -8.69
N THR B 623 -4.21 -2.50 -7.53
CA THR B 623 -2.83 -2.77 -7.21
C THR B 623 -2.38 -4.03 -7.90
N MET B 624 -3.32 -4.77 -8.45
CA MET B 624 -3.04 -6.03 -9.05
C MET B 624 -2.61 -5.80 -10.48
N GLY B 625 -2.67 -4.53 -10.91
CA GLY B 625 -2.23 -4.15 -12.22
C GLY B 625 -0.75 -3.80 -12.16
N TYR B 626 -0.16 -3.91 -10.98
CA TYR B 626 1.22 -3.59 -10.74
C TYR B 626 1.92 -4.81 -10.23
N MET B 627 1.36 -5.39 -9.19
CA MET B 627 1.97 -6.53 -8.56
C MET B 627 1.35 -7.82 -9.03
N ALA B 628 2.12 -8.53 -9.81
CA ALA B 628 1.66 -9.78 -10.37
C ALA B 628 2.86 -10.62 -10.70
N ALA B 629 2.67 -11.91 -10.77
CA ALA B 629 3.72 -12.85 -11.13
C ALA B 629 4.12 -12.74 -12.58
N LYS B 630 5.40 -12.97 -12.83
CA LYS B 630 5.92 -13.11 -14.17
C LYS B 630 6.27 -14.57 -14.29
N LYS B 631 5.50 -15.28 -15.10
CA LYS B 631 5.62 -16.72 -15.20
C LYS B 631 6.64 -17.25 -16.19
N HIS B 632 7.43 -18.20 -15.73
CA HIS B 632 8.39 -18.89 -16.57
C HIS B 632 8.05 -20.35 -16.59
N LEU B 633 8.08 -20.96 -17.76
CA LEU B 633 7.78 -22.37 -17.85
C LEU B 633 9.03 -23.18 -17.94
N GLU B 634 9.23 -24.04 -16.95
CA GLU B 634 10.41 -24.87 -16.91
C GLU B 634 10.16 -26.23 -17.47
N ILE B 635 11.07 -26.66 -18.31
CA ILE B 635 11.02 -27.93 -19.00
C ILE B 635 12.00 -28.97 -18.50
N ASN B 636 11.50 -30.18 -18.26
CA ASN B 636 12.33 -31.29 -17.84
C ASN B 636 12.78 -32.08 -19.06
N PRO B 637 14.04 -31.95 -19.51
CA PRO B 637 14.58 -32.50 -20.73
C PRO B 637 14.67 -34.02 -20.70
N ASP B 638 14.56 -34.57 -19.51
CA ASP B 638 14.65 -36.00 -19.30
C ASP B 638 13.29 -36.55 -18.94
N HIS B 639 12.32 -35.88 -19.56
CA HIS B 639 11.06 -36.60 -19.61
C HIS B 639 10.76 -37.11 -21.00
N SER B 640 10.09 -38.25 -21.08
CA SER B 640 9.75 -38.81 -22.38
C SER B 640 8.79 -37.97 -23.20
N ILE B 641 7.94 -37.18 -22.54
CA ILE B 641 7.05 -36.35 -23.33
C ILE B 641 7.86 -35.30 -24.02
N ILE B 642 8.78 -34.70 -23.29
CA ILE B 642 9.56 -33.64 -23.86
C ILE B 642 10.45 -34.14 -24.97
N GLU B 643 11.07 -35.30 -24.80
CA GLU B 643 11.90 -35.79 -25.86
C GLU B 643 11.08 -36.11 -27.09
N THR B 644 9.90 -36.66 -26.91
CA THR B 644 9.10 -36.96 -28.07
C THR B 644 8.74 -35.69 -28.79
N LEU B 645 8.36 -34.65 -28.04
CA LEU B 645 8.01 -33.42 -28.69
C LEU B 645 9.19 -32.84 -29.39
N ARG B 646 10.39 -32.96 -28.83
CA ARG B 646 11.52 -32.40 -29.53
C ARG B 646 11.62 -33.01 -30.90
N GLN B 647 11.56 -34.32 -30.96
CA GLN B 647 11.74 -34.96 -32.25
C GLN B 647 10.64 -34.61 -33.22
N LYS B 648 9.42 -34.57 -32.72
CA LYS B 648 8.29 -34.35 -33.57
C LYS B 648 8.25 -32.93 -34.07
N ALA B 649 8.51 -31.98 -33.19
CA ALA B 649 8.51 -30.59 -33.54
C ALA B 649 9.62 -30.25 -34.50
N GLU B 650 10.79 -30.87 -34.33
CA GLU B 650 11.84 -30.55 -35.26
C GLU B 650 11.46 -31.06 -36.64
N ALA B 651 10.84 -32.23 -36.71
CA ALA B 651 10.43 -32.74 -38.01
C ALA B 651 9.39 -31.82 -38.68
N ASP B 652 8.45 -31.29 -37.89
CA ASP B 652 7.44 -30.38 -38.44
C ASP B 652 6.96 -29.39 -37.37
N LYS B 653 7.46 -28.17 -37.46
CA LYS B 653 7.17 -27.17 -36.44
C LYS B 653 5.72 -26.72 -36.46
N ASN B 654 5.01 -27.00 -37.54
CA ASN B 654 3.63 -26.56 -37.63
C ASN B 654 2.66 -27.68 -37.32
N ASP B 655 3.15 -28.81 -36.82
CA ASP B 655 2.24 -29.91 -36.56
C ASP B 655 1.20 -29.46 -35.54
N LYS B 656 -0.04 -29.54 -35.96
CA LYS B 656 -1.16 -29.08 -35.16
C LYS B 656 -1.21 -29.80 -33.84
N SER B 657 -0.86 -31.08 -33.83
CA SER B 657 -0.98 -31.79 -32.58
C SER B 657 0.01 -31.29 -31.55
N VAL B 658 1.12 -30.70 -31.98
CA VAL B 658 2.06 -30.17 -31.04
C VAL B 658 1.44 -28.95 -30.46
N LYS B 659 0.85 -28.11 -31.30
CA LYS B 659 0.28 -26.90 -30.78
C LYS B 659 -0.76 -27.20 -29.69
N ASP B 660 -1.57 -28.21 -29.93
CA ASP B 660 -2.63 -28.48 -28.97
C ASP B 660 -2.13 -29.13 -27.71
N LEU B 661 -1.15 -30.02 -27.81
CA LEU B 661 -0.67 -30.63 -26.61
C LEU B 661 0.14 -29.67 -25.78
N VAL B 662 0.85 -28.74 -26.41
CA VAL B 662 1.60 -27.81 -25.63
C VAL B 662 0.68 -27.00 -24.78
N ILE B 663 -0.44 -26.57 -25.32
CA ILE B 663 -1.34 -25.83 -24.48
C ILE B 663 -1.84 -26.70 -23.35
N LEU B 664 -2.21 -27.93 -23.65
CA LEU B 664 -2.72 -28.72 -22.55
C LEU B 664 -1.68 -28.89 -21.45
N LEU B 665 -0.41 -29.08 -21.79
CA LEU B 665 0.59 -29.20 -20.74
C LEU B 665 0.70 -27.94 -19.95
N TYR B 666 0.62 -26.81 -20.61
CA TYR B 666 0.68 -25.56 -19.92
C TYR B 666 -0.42 -25.43 -18.89
N GLU B 667 -1.64 -25.71 -19.29
CA GLU B 667 -2.73 -25.57 -18.35
C GLU B 667 -2.54 -26.50 -17.17
N THR B 668 -2.06 -27.70 -17.45
CA THR B 668 -1.85 -28.66 -16.39
C THR B 668 -0.82 -28.14 -15.42
N ALA B 669 0.26 -27.57 -15.94
CA ALA B 669 1.32 -27.03 -15.12
C ALA B 669 0.81 -25.91 -14.25
N LEU B 670 -0.13 -25.11 -14.73
CA LEU B 670 -0.60 -24.06 -13.86
C LEU B 670 -1.27 -24.62 -12.68
N LEU B 671 -2.08 -25.64 -12.89
CA LEU B 671 -2.79 -26.16 -11.75
C LEU B 671 -1.85 -26.80 -10.76
N SER B 672 -0.87 -27.54 -11.25
CA SER B 672 0.00 -28.22 -10.33
C SER B 672 0.97 -27.29 -9.65
N SER B 673 1.19 -26.12 -10.22
CA SER B 673 2.09 -25.14 -9.66
C SER B 673 1.38 -24.16 -8.74
N GLY B 674 0.07 -24.30 -8.55
CA GLY B 674 -0.64 -23.41 -7.66
C GLY B 674 -1.36 -22.21 -8.25
N PHE B 675 -1.55 -22.16 -9.55
CA PHE B 675 -2.25 -21.03 -10.14
C PHE B 675 -3.62 -21.45 -10.61
N SER B 676 -4.57 -20.54 -10.57
CA SER B 676 -5.87 -20.84 -11.12
C SER B 676 -5.84 -20.64 -12.63
N LEU B 677 -6.84 -21.17 -13.31
CA LEU B 677 -6.94 -21.01 -14.74
C LEU B 677 -7.73 -19.78 -15.05
N GLU B 678 -7.42 -19.10 -16.15
CA GLU B 678 -8.18 -17.92 -16.49
C GLU B 678 -9.63 -18.22 -16.77
N ASP B 679 -9.87 -19.36 -17.38
CA ASP B 679 -11.22 -19.79 -17.68
C ASP B 679 -11.25 -21.30 -17.72
N PRO B 680 -11.57 -21.96 -16.62
CA PRO B 680 -11.57 -23.38 -16.43
C PRO B 680 -12.43 -24.12 -17.40
N GLN B 681 -13.38 -23.43 -18.01
CA GLN B 681 -14.24 -24.12 -18.92
C GLN B 681 -13.51 -24.60 -20.13
N THR B 682 -12.48 -23.89 -20.55
CA THR B 682 -11.90 -24.28 -21.81
C THR B 682 -10.75 -25.24 -21.65
N HIS B 683 -10.36 -25.34 -20.39
CA HIS B 683 -9.65 -26.56 -20.02
C HIS B 683 -10.57 -27.75 -20.06
N ALA B 684 -11.71 -27.65 -19.41
CA ALA B 684 -12.60 -28.78 -19.35
C ALA B 684 -13.01 -29.25 -20.72
N ASN B 685 -13.21 -28.32 -21.63
CA ASN B 685 -13.63 -28.69 -22.94
C ASN B 685 -12.55 -29.45 -23.70
N ARG B 686 -11.27 -29.25 -23.39
CA ARG B 686 -10.24 -29.93 -24.12
C ARG B 686 -10.28 -31.37 -23.72
N ILE B 687 -10.52 -31.57 -22.43
CA ILE B 687 -10.58 -32.89 -21.90
C ILE B 687 -11.78 -33.61 -22.43
N TYR B 688 -12.92 -32.94 -22.46
CA TYR B 688 -14.11 -33.60 -22.95
C TYR B 688 -13.91 -34.03 -24.37
N ARG B 689 -13.25 -33.22 -25.16
CA ARG B 689 -13.01 -33.62 -26.53
C ARG B 689 -12.19 -34.89 -26.58
N MET B 690 -11.15 -34.98 -25.76
CA MET B 690 -10.34 -36.18 -25.78
C MET B 690 -11.10 -37.39 -25.31
N ILE B 691 -12.00 -37.20 -24.36
CA ILE B 691 -12.77 -38.32 -23.91
C ILE B 691 -13.64 -38.82 -25.02
N LYS B 692 -14.30 -37.92 -25.73
CA LYS B 692 -15.14 -38.39 -26.81
C LYS B 692 -14.35 -39.19 -27.82
N LEU B 693 -13.14 -38.76 -28.13
CA LEU B 693 -12.40 -39.55 -29.09
C LEU B 693 -12.04 -40.89 -28.52
N GLY B 694 -11.63 -40.90 -27.25
CA GLY B 694 -11.20 -42.10 -26.55
C GLY B 694 -12.29 -43.13 -26.42
N LEU B 695 -13.52 -42.68 -26.33
CA LEU B 695 -14.64 -43.58 -26.20
C LEU B 695 -15.18 -44.02 -27.53
N GLY B 696 -14.64 -43.51 -28.61
CA GLY B 696 -15.17 -43.88 -29.89
C GLY B 696 -16.49 -43.18 -30.15
N ILE B 697 -16.68 -41.99 -29.63
CA ILE B 697 -17.94 -41.35 -29.91
C ILE B 697 -17.86 -41.03 -31.37
N ASP B 698 -18.89 -41.40 -32.09
CA ASP B 698 -18.88 -41.19 -33.51
C ASP B 698 -18.70 -39.75 -33.80
N GLU B 699 -17.90 -39.48 -34.86
CA GLU B 699 -17.51 -38.16 -35.36
C GLU B 699 -18.71 -37.35 -35.80
N ASP B 700 -19.85 -38.00 -35.93
CA ASP B 700 -21.08 -37.36 -36.30
C ASP B 700 -21.41 -36.26 -35.30
N ASP B 701 -21.08 -36.45 -34.01
CA ASP B 701 -21.38 -35.39 -33.06
C ASP B 701 -20.21 -34.40 -32.87
N PRO B 702 -18.93 -34.83 -32.69
CA PRO B 702 -17.75 -33.96 -32.57
C PRO B 702 -17.41 -33.06 -33.77
N THR B 703 -17.83 -33.39 -35.01
CA THR B 703 -17.44 -32.49 -36.11
C THR B 703 -18.42 -32.34 -37.25
N ALA B 704 -18.35 -31.17 -37.89
CA ALA B 704 -19.09 -30.89 -39.12
C ALA B 704 -18.58 -31.72 -40.33
N ASP B 705 -17.26 -32.03 -40.40
CA ASP B 705 -16.59 -32.77 -41.50
C ASP B 705 -15.27 -33.36 -41.02
N ASP B 723 -10.12 -14.23 -61.66
CA ASP B 723 -10.63 -14.22 -60.28
C ASP B 723 -9.62 -14.82 -59.29
N THR B 724 -8.96 -15.91 -59.71
CA THR B 724 -8.01 -16.71 -58.91
C THR B 724 -6.65 -16.06 -58.85
N SER B 725 -6.52 -14.97 -59.59
CA SER B 725 -5.30 -14.17 -59.65
C SER B 725 -5.43 -12.82 -58.92
N ARG B 726 -6.56 -12.54 -58.26
CA ARG B 726 -6.71 -11.20 -57.65
C ARG B 726 -5.66 -10.94 -56.58
N MET B 727 -5.36 -11.97 -55.83
CA MET B 727 -4.44 -11.93 -54.71
C MET B 727 -3.00 -12.04 -55.16
N GLU B 728 -2.78 -12.18 -56.47
CA GLU B 728 -1.44 -12.26 -57.02
C GLU B 728 -0.97 -10.87 -57.40
N GLU B 729 -1.88 -9.89 -57.31
CA GLU B 729 -1.55 -8.53 -57.68
C GLU B 729 -0.43 -7.96 -56.84
N VAL B 730 0.54 -7.35 -57.49
CA VAL B 730 1.65 -6.77 -56.78
C VAL B 730 1.37 -5.25 -56.72
N ASP B 731 1.23 -4.72 -55.49
CA ASP B 731 0.93 -3.31 -55.18
C ASP B 731 1.47 -3.06 -53.77
N THR C 102 -24.40 -13.42 10.35
CA THR C 102 -23.54 -13.74 11.48
C THR C 102 -22.02 -13.81 11.13
N ILE C 103 -21.69 -13.97 9.83
CA ILE C 103 -20.34 -14.02 9.27
C ILE C 103 -19.97 -12.58 8.96
N VAL C 104 -18.84 -12.12 9.45
CA VAL C 104 -18.47 -10.74 9.21
C VAL C 104 -17.10 -10.72 8.56
N PRO C 105 -16.71 -9.67 7.85
CA PRO C 105 -15.41 -9.52 7.27
C PRO C 105 -14.32 -9.47 8.32
N ALA C 106 -13.19 -10.06 8.00
CA ALA C 106 -12.04 -9.98 8.88
C ALA C 106 -11.23 -8.78 8.48
N THR C 107 -10.47 -8.23 9.39
CA THR C 107 -9.57 -7.16 9.01
C THR C 107 -8.29 -7.78 8.52
N LEU C 108 -7.46 -7.01 7.85
CA LEU C 108 -6.21 -7.51 7.35
C LEU C 108 -5.01 -6.67 7.76
N PRO C 109 -3.81 -7.25 7.84
CA PRO C 109 -2.56 -6.56 8.04
C PRO C 109 -2.25 -5.83 6.76
N GLN C 110 -1.51 -4.77 6.85
CA GLN C 110 -1.12 -4.08 5.63
C GLN C 110 0.04 -4.75 4.94
N LEU C 111 -0.13 -5.02 3.65
CA LEU C 111 0.94 -5.58 2.85
C LEU C 111 1.96 -4.49 2.57
N THR C 112 3.23 -4.79 2.79
CA THR C 112 4.27 -3.82 2.52
C THR C 112 4.56 -3.78 1.03
N PRO C 113 4.51 -2.61 0.37
CA PRO C 113 4.81 -2.43 -1.03
C PRO C 113 6.28 -2.58 -1.20
N THR C 114 6.68 -3.00 -2.37
CA THR C 114 8.06 -3.15 -2.70
C THR C 114 8.44 -2.21 -3.80
N LEU C 115 7.63 -1.20 -4.04
CA LEU C 115 7.92 -0.37 -5.19
C LEU C 115 9.29 0.26 -5.09
N VAL C 116 9.72 0.73 -3.92
CA VAL C 116 11.07 1.25 -3.91
C VAL C 116 12.12 0.21 -4.20
N SER C 117 12.02 -0.99 -3.61
CA SER C 117 13.07 -1.95 -3.91
C SER C 117 13.03 -2.42 -5.35
N LEU C 118 11.85 -2.39 -5.97
CA LEU C 118 11.76 -2.78 -7.36
C LEU C 118 12.50 -1.75 -8.18
N LEU C 119 12.35 -0.50 -7.80
CA LEU C 119 13.03 0.57 -8.51
C LEU C 119 14.52 0.46 -8.33
N GLU C 120 15.00 0.07 -7.14
CA GLU C 120 16.43 -0.05 -6.94
C GLU C 120 17.02 -1.05 -7.90
N VAL C 121 16.28 -2.11 -8.16
CA VAL C 121 16.68 -3.15 -9.08
C VAL C 121 16.67 -2.63 -10.51
N ILE C 122 15.63 -1.90 -10.87
CA ILE C 122 15.46 -1.35 -12.21
C ILE C 122 16.53 -0.31 -12.60
N GLU C 123 16.92 0.56 -11.68
CA GLU C 123 17.85 1.65 -11.98
C GLU C 123 19.14 1.22 -12.69
N PRO C 124 19.54 1.94 -13.76
CA PRO C 124 20.73 1.72 -14.56
C PRO C 124 21.98 2.17 -13.84
N GLU C 125 23.11 1.70 -14.33
CA GLU C 125 24.41 2.10 -13.87
C GLU C 125 24.80 3.46 -14.39
N VAL C 126 25.73 4.12 -13.71
CA VAL C 126 26.24 5.38 -14.20
C VAL C 126 27.15 5.08 -15.38
N LEU C 127 26.95 5.80 -16.45
CA LEU C 127 27.73 5.56 -17.65
C LEU C 127 28.98 6.40 -17.73
N TYR C 128 30.00 5.82 -18.33
CA TYR C 128 31.25 6.48 -18.59
C TYR C 128 31.18 7.22 -19.92
N ALA C 129 31.85 8.37 -19.96
CA ALA C 129 32.00 9.18 -21.15
C ALA C 129 33.09 10.18 -20.90
N GLY C 130 33.77 10.63 -21.92
CA GLY C 130 34.73 11.66 -21.65
C GLY C 130 35.81 11.71 -22.68
N TYR C 131 36.80 12.53 -22.40
CA TYR C 131 37.93 12.73 -23.26
C TYR C 131 39.11 12.96 -22.36
N ASP C 132 40.30 12.74 -22.88
CA ASP C 132 41.46 12.94 -22.04
C ASP C 132 41.51 14.39 -21.60
N SER C 133 41.70 14.61 -20.31
CA SER C 133 41.70 15.95 -19.72
C SER C 133 42.85 16.84 -20.21
N SER C 134 43.87 16.27 -20.86
CA SER C 134 44.96 17.07 -21.40
C SER C 134 44.52 17.82 -22.64
N VAL C 135 43.39 17.40 -23.19
CA VAL C 135 42.82 18.00 -24.36
C VAL C 135 42.11 19.24 -23.85
N PRO C 136 42.32 20.43 -24.43
CA PRO C 136 41.75 21.67 -23.97
C PRO C 136 40.25 21.60 -23.84
N ASP C 137 39.74 22.27 -22.81
CA ASP C 137 38.32 22.30 -22.51
C ASP C 137 37.62 23.34 -23.35
N SER C 138 37.61 23.10 -24.65
CA SER C 138 36.92 23.99 -25.53
C SER C 138 35.48 23.85 -25.18
N THR C 139 34.73 24.93 -25.22
CA THR C 139 33.35 24.87 -24.81
C THR C 139 32.60 23.80 -25.62
N TRP C 140 32.84 23.79 -26.93
CA TRP C 140 32.15 22.85 -27.78
C TRP C 140 32.52 21.41 -27.53
N ARG C 141 33.73 21.17 -27.00
CA ARG C 141 34.18 19.81 -26.78
C ARG C 141 33.43 19.25 -25.62
N ILE C 142 33.25 20.09 -24.62
CA ILE C 142 32.55 19.67 -23.43
C ILE C 142 31.14 19.34 -23.81
N MET C 143 30.53 20.22 -24.57
CA MET C 143 29.17 20.03 -24.99
C MET C 143 28.97 18.80 -25.84
N THR C 144 29.84 18.54 -26.81
CA THR C 144 29.67 17.37 -27.64
C THR C 144 29.78 16.13 -26.80
N THR C 145 30.73 16.12 -25.89
CA THR C 145 30.94 14.97 -25.03
C THR C 145 29.70 14.71 -24.21
N LEU C 146 29.13 15.78 -23.66
CA LEU C 146 27.95 15.63 -22.87
C LEU C 146 26.76 15.23 -23.73
N ASN C 147 26.70 15.66 -24.99
CA ASN C 147 25.58 15.24 -25.79
C ASN C 147 25.67 13.74 -26.02
N MET C 148 26.88 13.23 -26.22
CA MET C 148 26.99 11.79 -26.46
C MET C 148 26.61 11.01 -25.21
N LEU C 149 27.00 11.53 -24.06
CA LEU C 149 26.68 10.92 -22.79
C LEU C 149 25.20 10.94 -22.58
N GLY C 150 24.59 12.07 -22.89
CA GLY C 150 23.18 12.30 -22.75
C GLY C 150 22.45 11.28 -23.57
N GLY C 151 22.81 11.14 -24.83
CA GLY C 151 22.13 10.19 -25.68
C GLY C 151 22.10 8.81 -25.03
N ARG C 152 23.25 8.34 -24.57
CA ARG C 152 23.26 7.02 -23.96
C ARG C 152 22.43 6.94 -22.68
N GLN C 153 22.48 7.97 -21.86
CA GLN C 153 21.71 7.97 -20.63
C GLN C 153 20.21 8.02 -20.90
N VAL C 154 19.84 8.78 -21.92
CA VAL C 154 18.46 8.96 -22.29
C VAL C 154 17.91 7.64 -22.78
N ILE C 155 18.64 6.91 -23.59
CA ILE C 155 18.07 5.64 -24.00
C ILE C 155 17.99 4.66 -22.82
N ALA C 156 18.96 4.69 -21.90
CA ALA C 156 18.90 3.81 -20.75
C ALA C 156 17.63 4.09 -19.96
N ALA C 157 17.24 5.35 -19.92
CA ALA C 157 16.07 5.79 -19.21
C ALA C 157 14.78 5.24 -19.82
N VAL C 158 14.84 4.79 -21.06
CA VAL C 158 13.66 4.28 -21.71
C VAL C 158 13.42 2.87 -21.27
N LYS C 159 14.46 2.05 -21.24
CA LYS C 159 14.20 0.69 -20.79
C LYS C 159 13.82 0.71 -19.31
N TRP C 160 14.37 1.68 -18.61
CA TRP C 160 14.09 1.92 -17.22
C TRP C 160 12.66 2.24 -16.95
N ALA C 161 12.21 3.14 -17.82
CA ALA C 161 10.77 3.32 -17.79
C ALA C 161 9.94 2.13 -18.19
N LYS C 162 10.32 1.38 -19.18
CA LYS C 162 9.47 0.26 -19.58
C LYS C 162 9.33 -0.76 -18.47
N ALA C 163 10.36 -0.88 -17.66
CA ALA C 163 10.39 -1.82 -16.55
C ALA C 163 9.54 -1.40 -15.34
N ILE C 164 9.06 -0.18 -15.30
CA ILE C 164 8.34 0.30 -14.13
C ILE C 164 6.88 -0.19 -14.05
N PRO C 165 6.44 -0.77 -12.91
CA PRO C 165 5.10 -1.25 -12.69
C PRO C 165 4.10 -0.17 -12.95
N GLY C 166 2.97 -0.51 -13.54
CA GLY C 166 1.94 0.48 -13.84
C GLY C 166 2.22 1.18 -15.14
N PHE C 167 3.36 1.86 -15.20
CA PHE C 167 3.79 2.59 -16.37
C PHE C 167 3.82 1.67 -17.57
N ARG C 168 4.35 0.50 -17.37
CA ARG C 168 4.49 -0.48 -18.43
C ARG C 168 3.16 -0.91 -19.03
N ASN C 169 2.05 -0.67 -18.35
CA ASN C 169 0.75 -1.07 -18.85
C ASN C 169 0.01 0.06 -19.56
N LEU C 170 0.65 1.22 -19.68
CA LEU C 170 0.08 2.36 -20.39
C LEU C 170 0.21 2.12 -21.86
N HIS C 171 -0.69 2.70 -22.64
CA HIS C 171 -0.54 2.52 -24.06
C HIS C 171 0.82 3.06 -24.46
N LEU C 172 1.49 2.37 -25.37
CA LEU C 172 2.83 2.76 -25.77
C LEU C 172 2.95 4.22 -26.19
N ASP C 173 1.92 4.78 -26.82
CA ASP C 173 1.99 6.15 -27.26
C ASP C 173 2.10 7.09 -26.08
N ASP C 174 1.47 6.72 -24.96
CA ASP C 174 1.46 7.54 -23.78
C ASP C 174 2.80 7.41 -23.13
N GLN C 175 3.39 6.22 -23.24
CA GLN C 175 4.67 6.03 -22.62
C GLN C 175 5.69 6.91 -23.32
N MET C 176 5.60 7.00 -24.64
CA MET C 176 6.55 7.82 -25.36
C MET C 176 6.35 9.28 -25.06
N THR C 177 5.10 9.69 -24.91
CA THR C 177 4.80 11.06 -24.62
C THR C 177 5.37 11.50 -23.28
N LEU C 178 5.20 10.66 -22.27
CA LEU C 178 5.67 10.98 -20.94
C LEU C 178 7.18 11.06 -20.93
N LEU C 179 7.83 10.16 -21.66
CA LEU C 179 9.28 10.22 -21.72
C LEU C 179 9.75 11.47 -22.36
N GLN C 180 9.07 11.92 -23.41
CA GLN C 180 9.55 13.13 -24.02
C GLN C 180 9.35 14.33 -23.12
N TYR C 181 8.22 14.43 -22.49
CA TYR C 181 8.00 15.68 -21.79
C TYR C 181 8.88 15.84 -20.58
N SER C 182 9.23 14.75 -19.92
CA SER C 182 10.03 14.81 -18.74
C SER C 182 11.49 14.44 -18.96
N TRP C 183 11.94 14.22 -20.21
CA TRP C 183 13.29 13.70 -20.27
C TRP C 183 14.30 14.62 -19.65
N MET C 184 14.09 15.93 -19.70
CA MET C 184 15.05 16.80 -19.08
C MET C 184 14.92 16.84 -17.60
N SER C 185 13.73 16.61 -17.09
CA SER C 185 13.55 16.69 -15.66
C SER C 185 14.32 15.55 -15.05
N LEU C 186 14.23 14.41 -15.71
CA LEU C 186 14.89 13.23 -15.23
C LEU C 186 16.38 13.35 -15.34
N MET C 187 16.87 13.91 -16.42
CA MET C 187 18.31 14.01 -16.51
C MET C 187 18.87 15.02 -15.56
N ALA C 188 18.15 16.12 -15.34
CA ALA C 188 18.62 17.13 -14.45
C ALA C 188 18.64 16.63 -13.02
N PHE C 189 17.65 15.84 -12.68
CA PHE C 189 17.53 15.31 -11.36
C PHE C 189 18.65 14.32 -11.13
N ALA C 190 18.93 13.49 -12.13
CA ALA C 190 19.99 12.52 -12.05
C ALA C 190 21.34 13.17 -11.83
N LEU C 191 21.58 14.29 -12.51
CA LEU C 191 22.82 15.00 -12.35
C LEU C 191 22.92 15.59 -10.96
N GLY C 192 21.82 16.20 -10.51
CA GLY C 192 21.83 16.85 -9.21
C GLY C 192 22.16 15.86 -8.12
N TRP C 193 21.65 14.65 -8.24
CA TRP C 193 21.94 13.62 -7.27
C TRP C 193 23.41 13.28 -7.25
N ARG C 194 23.96 12.95 -8.41
CA ARG C 194 25.33 12.50 -8.41
C ARG C 194 26.25 13.56 -7.90
N SER C 195 25.94 14.80 -8.21
CA SER C 195 26.76 15.91 -7.84
C SER C 195 26.84 16.06 -6.33
N TYR C 196 25.66 15.87 -5.71
CA TYR C 196 25.65 16.48 -4.40
C TYR C 196 26.14 15.40 -3.47
N ARG C 197 25.97 14.16 -3.94
CA ARG C 197 26.37 12.99 -3.18
C ARG C 197 27.88 12.86 -3.18
N GLN C 198 28.52 13.28 -4.27
CA GLN C 198 29.97 13.17 -4.33
C GLN C 198 30.63 14.37 -3.66
N SER C 199 29.99 15.53 -3.74
CA SER C 199 30.56 16.73 -3.17
C SER C 199 29.58 17.85 -2.87
N SER C 200 29.89 18.60 -1.79
CA SER C 200 29.15 19.78 -1.36
C SER C 200 29.48 21.03 -2.19
N ALA C 201 30.54 20.91 -2.98
CA ALA C 201 31.08 21.95 -3.84
C ALA C 201 30.19 22.13 -5.06
N ASN C 202 30.33 23.27 -5.74
CA ASN C 202 29.53 23.52 -6.93
C ASN C 202 30.07 22.81 -8.14
N LEU C 203 29.90 21.51 -8.13
CA LEU C 203 30.37 20.65 -9.18
C LEU C 203 29.21 20.01 -9.88
N LEU C 204 29.38 19.78 -11.15
CA LEU C 204 28.42 19.00 -11.89
C LEU C 204 29.08 17.69 -12.24
N CYS C 205 28.66 16.63 -11.57
CA CYS C 205 29.29 15.33 -11.75
C CYS C 205 28.47 14.54 -12.74
N PHE C 206 28.94 14.53 -13.97
CA PHE C 206 28.17 13.95 -15.06
C PHE C 206 28.42 12.48 -15.18
N ALA C 207 29.69 12.14 -15.06
CA ALA C 207 30.19 10.79 -15.24
C ALA C 207 31.40 10.66 -14.35
N PRO C 208 31.86 9.47 -13.97
CA PRO C 208 33.05 9.24 -13.16
C PRO C 208 34.30 9.81 -13.84
N ASP C 209 34.19 10.03 -15.14
CA ASP C 209 35.21 10.58 -15.99
C ASP C 209 35.21 12.09 -16.04
N LEU C 210 34.06 12.71 -15.82
CA LEU C 210 33.97 14.14 -16.04
C LEU C 210 33.10 14.87 -15.03
N ILE C 211 33.78 15.79 -14.35
CA ILE C 211 33.15 16.67 -13.39
C ILE C 211 33.49 18.12 -13.74
N ILE C 212 32.47 18.95 -13.87
CA ILE C 212 32.69 20.35 -14.19
C ILE C 212 32.61 21.25 -12.97
N ASN C 213 33.71 21.95 -12.73
CA ASN C 213 33.80 22.90 -11.64
C ASN C 213 33.45 24.26 -12.21
N GLU C 214 33.43 25.29 -11.39
CA GLU C 214 33.03 26.61 -11.87
C GLU C 214 33.93 27.14 -12.97
N GLN C 215 35.21 26.86 -12.87
CA GLN C 215 36.18 27.37 -13.84
C GLN C 215 36.12 26.66 -15.19
N ARG C 216 35.39 25.56 -15.27
CA ARG C 216 35.29 24.83 -16.52
C ARG C 216 33.95 25.15 -17.18
N MET C 217 33.11 25.99 -16.54
CA MET C 217 31.80 26.30 -17.09
C MET C 217 31.92 27.43 -18.07
N THR C 218 32.51 27.14 -19.23
CA THR C 218 32.89 28.14 -20.23
C THR C 218 31.79 28.49 -21.23
N LEU C 219 30.70 27.77 -21.15
CA LEU C 219 29.54 27.96 -21.99
C LEU C 219 28.66 29.02 -21.34
N PRO C 220 28.22 30.10 -22.04
CA PRO C 220 27.29 31.08 -21.49
C PRO C 220 26.11 30.40 -20.83
N CYS C 221 25.62 29.31 -21.40
CA CYS C 221 24.54 28.59 -20.77
C CYS C 221 24.93 28.10 -19.40
N MET C 222 26.14 27.58 -19.22
CA MET C 222 26.48 27.10 -17.90
C MET C 222 26.67 28.29 -17.00
N TYR C 223 27.22 29.38 -17.51
CA TYR C 223 27.40 30.51 -16.61
C TYR C 223 26.04 31.02 -16.09
N ASP C 224 25.04 31.05 -16.98
CA ASP C 224 23.70 31.52 -16.64
C ASP C 224 22.80 30.50 -15.94
N GLN C 225 22.87 29.25 -16.37
CA GLN C 225 21.98 28.21 -15.90
C GLN C 225 22.55 27.25 -14.91
N CYS C 226 23.86 27.29 -14.65
CA CYS C 226 24.39 26.38 -13.69
C CYS C 226 23.82 26.73 -12.36
N LYS C 227 23.36 27.95 -12.16
CA LYS C 227 22.76 28.24 -10.88
C LYS C 227 21.57 27.32 -10.61
N HIS C 228 20.85 26.88 -11.65
CA HIS C 228 19.72 26.00 -11.45
C HIS C 228 20.19 24.58 -11.29
N MET C 229 21.25 24.23 -12.03
CA MET C 229 21.75 22.87 -11.95
C MET C 229 22.35 22.64 -10.56
N LEU C 230 22.98 23.68 -10.05
CA LEU C 230 23.63 23.70 -8.77
C LEU C 230 22.57 23.85 -7.71
N TYR C 231 21.48 24.54 -8.02
CA TYR C 231 20.36 24.67 -7.12
C TYR C 231 19.82 23.32 -6.76
N VAL C 232 19.60 22.49 -7.77
CA VAL C 232 19.03 21.19 -7.49
C VAL C 232 19.99 20.40 -6.62
N SER C 233 21.29 20.42 -6.95
CA SER C 233 22.26 19.70 -6.14
C SER C 233 22.26 20.22 -4.70
N SER C 234 22.22 21.54 -4.57
CA SER C 234 22.23 22.19 -3.29
C SER C 234 21.04 21.82 -2.47
N GLU C 235 19.86 21.78 -3.08
CA GLU C 235 18.68 21.41 -2.33
C GLU C 235 18.72 19.98 -1.89
N LEU C 236 19.20 19.09 -2.73
CA LEU C 236 19.24 17.70 -2.31
C LEU C 236 20.22 17.55 -1.16
N HIS C 237 21.32 18.31 -1.22
CA HIS C 237 22.34 18.29 -0.19
C HIS C 237 21.77 18.83 1.10
N ARG C 238 21.16 20.01 1.02
CA ARG C 238 20.60 20.74 2.15
C ARG C 238 19.56 19.94 2.86
N LEU C 239 18.74 19.29 2.09
CA LEU C 239 17.64 18.50 2.57
C LEU C 239 18.03 17.10 2.96
N GLN C 240 19.29 16.71 2.73
CA GLN C 240 19.75 15.38 3.05
C GLN C 240 18.81 14.32 2.50
N VAL C 241 18.49 14.41 1.21
CA VAL C 241 17.54 13.49 0.59
C VAL C 241 18.03 12.05 0.56
N SER C 242 17.16 11.14 1.00
CA SER C 242 17.52 9.73 1.04
C SER C 242 17.38 9.13 -0.35
N TYR C 243 17.93 7.95 -0.52
CA TYR C 243 17.82 7.31 -1.80
C TYR C 243 16.40 6.86 -2.07
N GLU C 244 15.69 6.43 -1.05
CA GLU C 244 14.34 5.95 -1.26
C GLU C 244 13.47 7.10 -1.71
N GLU C 245 13.65 8.27 -1.10
CA GLU C 245 12.88 9.42 -1.50
C GLU C 245 13.25 9.82 -2.90
N TYR C 246 14.53 9.72 -3.20
CA TYR C 246 15.02 10.09 -4.49
C TYR C 246 14.39 9.29 -5.58
N LEU C 247 14.35 7.98 -5.41
CA LEU C 247 13.79 7.12 -6.42
C LEU C 247 12.32 7.37 -6.60
N CYS C 248 11.63 7.62 -5.51
CA CYS C 248 10.22 7.86 -5.62
C CYS C 248 10.00 9.13 -6.42
N MET C 249 10.78 10.16 -6.14
CA MET C 249 10.66 11.41 -6.84
C MET C 249 11.00 11.30 -8.30
N LYS C 250 12.03 10.53 -8.63
CA LYS C 250 12.43 10.39 -10.00
C LYS C 250 11.27 9.80 -10.79
N THR C 251 10.58 8.83 -10.20
CA THR C 251 9.46 8.23 -10.88
C THR C 251 8.37 9.27 -11.09
N LEU C 252 8.12 10.06 -10.07
CA LEU C 252 7.10 11.06 -10.18
C LEU C 252 7.45 12.10 -11.25
N LEU C 253 8.73 12.40 -11.44
CA LEU C 253 9.08 13.37 -12.49
C LEU C 253 8.66 12.82 -13.84
N LEU C 254 8.80 11.52 -14.05
CA LEU C 254 8.37 10.95 -15.32
C LEU C 254 6.89 11.20 -15.55
N LEU C 255 6.13 11.20 -14.48
CA LEU C 255 4.69 11.37 -14.50
C LEU C 255 4.24 12.83 -14.31
N SER C 256 5.17 13.79 -14.27
CA SER C 256 4.89 15.22 -14.01
C SER C 256 4.17 16.02 -15.08
N SER C 257 4.08 15.54 -16.31
CA SER C 257 3.41 16.32 -17.33
C SER C 257 2.70 15.47 -18.34
N VAL C 258 1.66 16.04 -18.90
CA VAL C 258 0.82 15.39 -19.91
C VAL C 258 0.52 16.38 -21.01
N PRO C 259 0.03 15.96 -22.17
CA PRO C 259 -0.45 16.86 -23.19
C PRO C 259 -1.65 17.55 -22.60
N LYS C 260 -1.93 18.76 -23.03
CA LYS C 260 -3.15 19.44 -22.60
C LYS C 260 -4.39 18.71 -23.08
N ASP C 261 -4.21 17.91 -24.11
CA ASP C 261 -5.26 17.12 -24.73
C ASP C 261 -5.49 15.81 -23.98
N GLY C 262 -4.65 15.51 -22.99
CA GLY C 262 -4.72 14.29 -22.20
C GLY C 262 -3.99 13.10 -22.82
N LEU C 263 -4.03 11.99 -22.07
CA LEU C 263 -3.43 10.72 -22.44
C LEU C 263 -4.51 9.77 -22.88
N LYS C 264 -4.15 8.75 -23.66
CA LYS C 264 -5.17 7.79 -24.05
C LYS C 264 -5.60 6.96 -22.84
N SER C 265 -4.65 6.37 -22.12
CA SER C 265 -4.97 5.61 -20.93
C SER C 265 -4.91 6.51 -19.72
N GLN C 266 -5.78 7.49 -19.69
CA GLN C 266 -5.74 8.51 -18.64
C GLN C 266 -6.08 7.94 -17.28
N GLU C 267 -7.04 7.04 -17.26
CA GLU C 267 -7.55 6.46 -16.03
C GLU C 267 -6.66 5.40 -15.43
N LEU C 268 -5.77 4.95 -16.30
CA LEU C 268 -4.62 4.33 -15.69
C LEU C 268 -3.55 5.29 -15.24
N PHE C 269 -3.26 6.31 -16.00
CA PHE C 269 -2.20 7.23 -15.61
C PHE C 269 -2.42 7.78 -14.21
N ASP C 270 -3.65 8.16 -13.95
CA ASP C 270 -4.04 8.75 -12.69
C ASP C 270 -3.82 7.80 -11.51
N GLU C 271 -3.82 6.49 -11.77
CA GLU C 271 -3.67 5.49 -10.74
C GLU C 271 -2.24 5.49 -10.30
N ILE C 272 -1.45 5.73 -11.34
CA ILE C 272 -0.08 5.36 -11.24
C ILE C 272 0.46 6.50 -10.45
N ARG C 273 -0.03 7.67 -10.80
CA ARG C 273 0.41 8.85 -10.13
C ARG C 273 0.06 8.76 -8.65
N MET C 274 -1.15 8.32 -8.30
CA MET C 274 -1.43 8.25 -6.88
C MET C 274 -0.60 7.19 -6.22
N THR C 275 -0.32 6.14 -6.95
CA THR C 275 0.43 5.02 -6.42
C THR C 275 1.80 5.46 -5.99
N TYR C 276 2.46 6.22 -6.83
CA TYR C 276 3.78 6.65 -6.49
C TYR C 276 3.77 7.80 -5.50
N ILE C 277 2.69 8.58 -5.44
CA ILE C 277 2.62 9.61 -4.42
C ILE C 277 2.61 8.92 -3.08
N LYS C 278 1.81 7.88 -2.97
CA LYS C 278 1.72 7.12 -1.74
C LYS C 278 3.06 6.52 -1.36
N GLU C 279 3.81 6.02 -2.35
CA GLU C 279 5.11 5.42 -2.07
C GLU C 279 6.09 6.47 -1.57
N LEU C 280 6.05 7.69 -2.15
CA LEU C 280 6.93 8.73 -1.66
C LEU C 280 6.56 9.07 -0.24
N GLY C 281 5.27 9.14 0.04
CA GLY C 281 4.86 9.48 1.38
C GLY C 281 5.47 8.48 2.36
N LYS C 282 5.49 7.21 1.97
CA LYS C 282 6.09 6.21 2.82
C LYS C 282 7.59 6.42 2.94
N ALA C 283 8.27 6.78 1.84
CA ALA C 283 9.71 7.01 1.88
C ALA C 283 10.03 8.10 2.91
N ILE C 284 9.14 9.08 3.02
CA ILE C 284 9.29 10.16 3.99
C ILE C 284 9.04 9.67 5.42
N VAL C 285 7.96 8.93 5.64
CA VAL C 285 7.67 8.49 6.99
C VAL C 285 8.79 7.65 7.53
N LYS C 286 9.33 6.79 6.67
CA LYS C 286 10.41 5.90 6.99
C LYS C 286 11.71 6.58 7.41
N ARG C 287 11.95 7.85 7.03
CA ARG C 287 13.21 8.48 7.43
C ARG C 287 12.96 9.42 8.59
N GLU C 288 11.73 9.91 8.69
CA GLU C 288 11.40 10.92 9.69
C GLU C 288 10.99 10.37 11.05
N GLY C 289 10.06 9.40 11.08
CA GLY C 289 9.55 8.85 12.35
C GLY C 289 8.54 9.80 13.01
N ASN C 290 8.23 10.86 12.28
CA ASN C 290 7.39 11.99 12.62
C ASN C 290 5.95 11.90 12.21
N SER C 291 5.19 12.96 12.54
CA SER C 291 3.78 13.05 12.19
C SER C 291 3.59 14.30 11.32
N SER C 292 3.34 15.46 11.92
CA SER C 292 3.07 16.67 11.16
C SER C 292 4.26 17.13 10.31
N GLN C 293 5.46 16.73 10.73
CA GLN C 293 6.70 17.06 10.06
C GLN C 293 6.75 16.39 8.71
N ASN C 294 5.95 15.35 8.54
CA ASN C 294 5.96 14.59 7.33
C ASN C 294 5.28 15.37 6.22
N TRP C 295 4.30 16.22 6.55
CA TRP C 295 3.64 16.95 5.51
C TRP C 295 4.55 18.06 5.12
N GLN C 296 5.27 18.56 6.09
CA GLN C 296 6.18 19.63 5.83
C GLN C 296 7.34 19.15 5.00
N ARG C 297 7.84 17.94 5.29
CA ARG C 297 8.93 17.36 4.51
C ARG C 297 8.46 17.14 3.12
N PHE C 298 7.24 16.71 3.02
CA PHE C 298 6.64 16.47 1.77
C PHE C 298 6.62 17.73 0.98
N TYR C 299 6.15 18.82 1.53
CA TYR C 299 6.09 20.01 0.74
C TYR C 299 7.48 20.55 0.43
N GLN C 300 8.47 20.29 1.29
CA GLN C 300 9.82 20.71 0.98
C GLN C 300 10.23 20.05 -0.31
N LEU C 301 9.80 18.80 -0.48
CA LEU C 301 10.14 18.06 -1.66
C LEU C 301 9.19 18.27 -2.83
N THR C 302 7.89 18.51 -2.63
CA THR C 302 7.00 18.65 -3.79
C THR C 302 7.33 19.93 -4.50
N LYS C 303 7.78 20.89 -3.72
CA LYS C 303 8.15 22.16 -4.26
C LYS C 303 9.35 22.05 -5.19
N LEU C 304 10.12 20.96 -5.08
CA LEU C 304 11.27 20.77 -5.93
C LEU C 304 10.75 20.36 -7.28
N LEU C 305 9.65 19.61 -7.17
CA LEU C 305 9.34 18.81 -8.32
C LEU C 305 8.56 19.77 -9.18
N ASP C 306 7.94 20.72 -8.52
CA ASP C 306 7.20 21.73 -9.22
C ASP C 306 8.17 22.83 -9.72
N SER C 307 9.26 23.13 -8.97
CA SER C 307 10.19 24.18 -9.40
C SER C 307 11.09 23.64 -10.50
N MET C 308 11.11 22.32 -10.64
CA MET C 308 11.87 21.66 -11.66
C MET C 308 11.37 22.08 -13.02
N HIS C 309 10.14 22.55 -13.12
CA HIS C 309 9.66 22.97 -14.41
C HIS C 309 10.37 24.23 -14.85
N GLU C 310 10.76 25.11 -13.91
CA GLU C 310 11.46 26.34 -14.25
C GLU C 310 12.86 25.98 -14.65
N VAL C 311 13.41 25.02 -13.93
CA VAL C 311 14.77 24.61 -14.18
C VAL C 311 14.83 24.09 -15.59
N VAL C 312 13.87 23.26 -15.95
CA VAL C 312 13.87 22.73 -17.27
C VAL C 312 13.59 23.76 -18.31
N GLU C 313 12.60 24.63 -18.15
CA GLU C 313 12.37 25.55 -19.24
C GLU C 313 13.53 26.47 -19.48
N ASN C 314 14.22 26.90 -18.44
CA ASN C 314 15.30 27.82 -18.75
C ASN C 314 16.39 27.08 -19.52
N LEU C 315 16.70 25.84 -19.12
CA LEU C 315 17.70 25.06 -19.81
C LEU C 315 17.25 24.69 -21.19
N LEU C 316 15.96 24.40 -21.34
CA LEU C 316 15.35 23.94 -22.56
C LEU C 316 15.53 24.96 -23.63
N ASN C 317 15.36 26.22 -23.28
CA ASN C 317 15.54 27.24 -24.27
C ASN C 317 16.97 27.28 -24.75
N TYR C 318 17.95 27.08 -23.86
CA TYR C 318 19.34 27.10 -24.34
C TYR C 318 19.63 25.86 -25.16
N CYS C 319 19.00 24.75 -24.78
CA CYS C 319 19.23 23.50 -25.47
C CYS C 319 18.77 23.62 -26.91
N PHE C 320 17.61 24.24 -27.08
CA PHE C 320 17.07 24.44 -28.39
C PHE C 320 17.94 25.41 -29.16
N GLN C 321 18.42 26.47 -28.50
CA GLN C 321 19.25 27.41 -29.22
C GLN C 321 20.54 26.77 -29.69
N THR C 322 21.15 25.93 -28.87
CA THR C 322 22.38 25.26 -29.21
C THR C 322 22.21 24.34 -30.37
N PHE C 323 21.14 23.56 -30.35
CA PHE C 323 20.87 22.63 -31.42
C PHE C 323 20.56 23.29 -32.74
N LEU C 324 19.65 24.26 -32.72
CA LEU C 324 19.15 24.91 -33.90
C LEU C 324 20.15 25.85 -34.56
N ASP C 325 20.87 26.63 -33.76
CA ASP C 325 21.81 27.58 -34.31
C ASP C 325 23.09 26.81 -34.57
N LYS C 326 24.11 27.47 -35.08
CA LYS C 326 25.35 26.79 -35.35
C LYS C 326 26.47 27.70 -34.93
N THR C 327 26.66 27.81 -33.62
CA THR C 327 27.60 28.76 -33.04
C THR C 327 28.85 28.06 -32.55
N MET C 328 28.74 26.75 -32.39
CA MET C 328 29.80 25.92 -31.87
C MET C 328 29.81 24.61 -32.60
N SER C 329 30.96 23.96 -32.64
CA SER C 329 31.09 22.65 -33.29
C SER C 329 30.50 21.54 -32.43
N ILE C 330 29.17 21.51 -32.38
CA ILE C 330 28.47 20.57 -31.51
C ILE C 330 27.85 19.42 -32.26
N GLU C 331 28.28 18.21 -31.93
CA GLU C 331 27.66 17.06 -32.57
C GLU C 331 26.61 16.53 -31.61
N PHE C 332 25.51 16.05 -32.16
CA PHE C 332 24.44 15.44 -31.38
C PHE C 332 24.24 14.00 -31.82
N PRO C 333 23.80 13.11 -30.92
CA PRO C 333 23.36 11.79 -31.21
C PRO C 333 22.18 11.95 -32.11
N GLU C 334 21.96 11.03 -33.01
CA GLU C 334 20.83 11.18 -33.91
C GLU C 334 19.52 11.19 -33.13
N MET C 335 19.48 10.41 -32.05
CA MET C 335 18.28 10.35 -31.25
C MET C 335 17.99 11.65 -30.54
N LEU C 336 19.00 12.49 -30.30
CA LEU C 336 18.65 13.70 -29.62
C LEU C 336 18.23 14.66 -30.70
N ALA C 337 18.81 14.58 -31.88
CA ALA C 337 18.37 15.50 -32.91
C ALA C 337 16.88 15.29 -33.19
N GLU C 338 16.47 14.02 -33.16
CA GLU C 338 15.07 13.67 -33.38
C GLU C 338 14.16 14.16 -32.26
N ILE C 339 14.55 13.94 -31.00
CA ILE C 339 13.65 14.36 -29.94
C ILE C 339 13.55 15.85 -29.91
N ILE C 340 14.65 16.54 -30.22
CA ILE C 340 14.64 17.97 -30.17
C ILE C 340 13.72 18.54 -31.21
N THR C 341 13.75 18.08 -32.45
CA THR C 341 12.86 18.76 -33.36
C THR C 341 11.43 18.32 -33.20
N ASN C 342 11.19 17.15 -32.65
CA ASN C 342 9.83 16.74 -32.44
C ASN C 342 9.22 17.46 -31.25
N GLN C 343 10.06 17.75 -30.26
CA GLN C 343 9.65 18.39 -29.02
C GLN C 343 9.53 19.90 -29.11
N ILE C 344 10.38 20.55 -29.92
CA ILE C 344 10.30 22.00 -29.98
C ILE C 344 8.90 22.53 -30.23
N PRO C 345 8.14 22.09 -31.25
CA PRO C 345 6.79 22.57 -31.49
C PRO C 345 5.77 22.18 -30.44
N LYS C 346 6.03 21.17 -29.61
CA LYS C 346 5.00 20.82 -28.65
C LYS C 346 5.11 21.85 -27.55
N TYR C 347 6.36 22.14 -27.23
CA TYR C 347 6.68 23.11 -26.23
C TYR C 347 6.32 24.52 -26.64
N SER C 348 6.76 24.94 -27.82
CA SER C 348 6.56 26.29 -28.26
C SER C 348 5.11 26.59 -28.58
N ASN C 349 4.31 25.56 -28.87
CA ASN C 349 2.91 25.82 -29.13
C ASN C 349 2.07 25.77 -27.87
N GLY C 350 2.71 25.51 -26.73
CA GLY C 350 1.98 25.47 -25.48
C GLY C 350 1.09 24.24 -25.35
N ASN C 351 1.47 23.09 -25.92
CA ASN C 351 0.59 21.92 -25.85
C ASN C 351 0.87 21.00 -24.67
N ILE C 352 1.80 21.39 -23.82
CA ILE C 352 2.17 20.57 -22.68
C ILE C 352 1.62 21.14 -21.40
N LYS C 353 0.88 20.32 -20.67
CA LYS C 353 0.27 20.69 -19.42
C LYS C 353 1.15 20.32 -18.25
N LYS C 354 1.48 21.31 -17.43
CA LYS C 354 2.29 21.01 -16.27
C LYS C 354 1.39 20.55 -15.17
N LEU C 355 1.72 19.45 -14.54
CA LEU C 355 0.92 19.05 -13.43
C LEU C 355 1.69 19.49 -12.22
N LEU C 356 1.18 20.50 -11.55
CA LEU C 356 1.87 21.05 -10.43
C LEU C 356 1.20 20.53 -9.21
N PHE C 357 1.93 19.77 -8.44
CA PHE C 357 1.36 19.11 -7.30
C PHE C 357 0.87 20.07 -6.25
N HIS C 358 1.73 21.00 -5.85
CA HIS C 358 1.32 21.88 -4.76
C HIS C 358 1.50 23.35 -5.02
N GLN C 359 0.51 24.08 -4.62
CA GLN C 359 0.57 25.52 -4.69
C GLN C 359 0.40 26.04 -3.27
N LYS C 360 1.17 27.10 -2.88
CA LYS C 360 1.21 27.83 -1.57
C LYS C 360 2.58 27.54 -0.86
N ALA D 16 42.68 -11.64 0.53
CA ALA D 16 43.49 -10.58 1.13
C ALA D 16 44.22 -9.80 0.00
N PRO D 17 44.80 -8.55 0.22
CA PRO D 17 45.57 -7.77 -0.75
C PRO D 17 46.84 -8.49 -1.19
N LEU D 18 47.18 -8.34 -2.45
CA LEU D 18 48.39 -8.90 -3.00
C LEU D 18 49.57 -7.95 -2.83
N PRO D 19 50.82 -8.47 -2.78
CA PRO D 19 52.06 -7.70 -2.73
C PRO D 19 52.41 -7.19 -4.12
N MET D 20 51.57 -6.30 -4.60
CA MET D 20 51.59 -5.77 -5.95
C MET D 20 52.76 -4.86 -6.22
N GLU D 21 53.39 -4.40 -5.15
CA GLU D 21 54.55 -3.54 -5.21
C GLU D 21 55.74 -4.27 -5.81
N GLY D 22 55.66 -5.60 -5.89
CA GLY D 22 56.73 -6.41 -6.43
C GLY D 22 56.61 -6.64 -7.94
N VAL D 23 55.63 -6.01 -8.59
CA VAL D 23 55.44 -6.26 -10.02
C VAL D 23 55.74 -5.00 -10.85
N ASP D 24 56.49 -5.20 -11.94
CA ASP D 24 56.90 -4.14 -12.88
C ASP D 24 55.78 -3.78 -13.90
N ILE D 25 56.05 -2.80 -14.78
CA ILE D 25 55.12 -2.26 -15.81
C ILE D 25 55.27 -2.90 -17.21
N SER D 26 54.12 -3.21 -17.81
CA SER D 26 54.01 -3.84 -19.12
C SER D 26 54.76 -2.99 -20.15
N PRO D 27 55.40 -3.59 -21.18
CA PRO D 27 56.19 -2.85 -22.13
C PRO D 27 55.40 -1.71 -22.73
N LYS D 28 56.04 -0.53 -22.71
CA LYS D 28 55.53 0.72 -23.23
C LYS D 28 54.24 1.19 -22.57
N GLN D 29 53.85 0.59 -21.44
CA GLN D 29 52.61 1.02 -20.86
C GLN D 29 52.79 2.16 -19.89
N ASP D 30 52.94 3.31 -20.50
CA ASP D 30 53.14 4.60 -19.85
C ASP D 30 51.77 5.13 -19.46
N GLU D 31 50.80 4.26 -19.79
CA GLU D 31 49.38 4.26 -19.60
C GLU D 31 49.06 3.60 -18.26
N GLY D 32 50.10 3.22 -17.50
CA GLY D 32 49.94 2.69 -16.16
C GLY D 32 49.45 1.27 -16.05
N VAL D 33 49.88 0.41 -16.99
CA VAL D 33 49.39 -0.96 -16.97
C VAL D 33 50.49 -1.93 -16.59
N LEU D 34 50.25 -2.64 -15.52
CA LEU D 34 51.15 -3.57 -14.87
C LEU D 34 51.43 -4.88 -15.63
N LYS D 35 52.68 -5.32 -15.58
CA LYS D 35 53.15 -6.57 -16.18
C LYS D 35 52.94 -7.72 -15.23
N VAL D 36 51.69 -8.04 -15.00
CA VAL D 36 51.34 -9.06 -14.04
C VAL D 36 50.64 -10.25 -14.63
N ILE D 37 51.15 -11.43 -14.36
CA ILE D 37 50.47 -12.63 -14.78
C ILE D 37 50.36 -13.57 -13.60
N LYS D 38 49.14 -13.95 -13.27
CA LYS D 38 48.88 -14.90 -12.20
C LYS D 38 48.39 -16.19 -12.82
N ARG D 39 47.75 -16.08 -13.97
CA ARG D 39 47.26 -17.25 -14.68
C ARG D 39 47.58 -17.06 -16.14
N GLU D 40 47.93 -18.15 -16.81
CA GLU D 40 48.20 -18.13 -18.23
C GLU D 40 46.93 -18.45 -18.98
N GLY D 41 46.83 -17.98 -20.22
CA GLY D 41 45.65 -18.24 -21.03
C GLY D 41 45.73 -19.46 -21.92
N THR D 42 44.81 -19.51 -22.87
CA THR D 42 44.58 -20.57 -23.84
C THR D 42 45.48 -20.48 -25.06
N GLY D 43 46.14 -19.34 -25.20
CA GLY D 43 47.01 -19.07 -26.32
C GLY D 43 46.33 -18.41 -27.52
N THR D 44 45.02 -18.15 -27.40
CA THR D 44 44.22 -17.57 -28.48
C THR D 44 44.50 -16.08 -28.63
N GLU D 45 43.98 -15.49 -29.68
CA GLU D 45 44.26 -14.09 -29.96
C GLU D 45 43.60 -13.10 -29.01
N MET D 46 43.90 -11.84 -29.26
CA MET D 46 43.42 -10.75 -28.45
C MET D 46 42.07 -10.29 -29.00
N PRO D 47 41.22 -9.69 -28.18
CA PRO D 47 39.99 -9.07 -28.61
C PRO D 47 40.26 -7.83 -29.43
N MET D 48 39.36 -7.55 -30.34
CA MET D 48 39.39 -6.39 -31.21
C MET D 48 38.48 -5.29 -30.72
N ILE D 49 38.51 -4.16 -31.39
CA ILE D 49 37.73 -3.04 -30.90
C ILE D 49 36.26 -3.29 -31.14
N GLY D 50 35.48 -3.10 -30.09
CA GLY D 50 34.05 -3.35 -30.16
C GLY D 50 33.73 -4.75 -29.64
N ASP D 51 34.74 -5.59 -29.47
CA ASP D 51 34.43 -6.91 -29.00
C ASP D 51 33.90 -6.84 -27.59
N ARG D 52 32.95 -7.70 -27.28
CA ARG D 52 32.40 -7.79 -25.95
C ARG D 52 33.14 -8.89 -25.28
N VAL D 53 33.92 -8.50 -24.29
CA VAL D 53 34.77 -9.43 -23.61
C VAL D 53 34.17 -9.66 -22.24
N PHE D 54 33.95 -10.92 -21.94
CA PHE D 54 33.34 -11.32 -20.71
C PHE D 54 34.45 -11.62 -19.75
N VAL D 55 34.50 -10.86 -18.66
CA VAL D 55 35.61 -10.96 -17.74
C VAL D 55 35.30 -11.11 -16.27
N HIS D 56 36.31 -11.62 -15.58
CA HIS D 56 36.29 -11.66 -14.15
C HIS D 56 36.66 -10.25 -13.75
N TYR D 57 36.03 -9.70 -12.73
CA TYR D 57 36.36 -8.38 -12.24
C TYR D 57 36.06 -8.22 -10.74
N THR D 58 37.14 -8.06 -9.99
CA THR D 58 37.22 -7.86 -8.52
C THR D 58 38.54 -7.17 -8.22
N GLY D 59 38.96 -7.12 -6.96
CA GLY D 59 40.23 -6.46 -6.69
C GLY D 59 40.33 -5.71 -5.38
N TRP D 60 41.35 -4.87 -5.32
CA TRP D 60 41.70 -4.05 -4.19
C TRP D 60 41.96 -2.63 -4.67
N LEU D 61 41.64 -1.67 -3.87
CA LEU D 61 41.83 -0.27 -4.16
C LEU D 61 43.04 0.13 -3.34
N LEU D 62 43.43 1.39 -3.39
CA LEU D 62 44.67 1.80 -2.76
C LEU D 62 44.82 1.33 -1.32
N ASP D 63 46.00 0.75 -1.07
CA ASP D 63 46.48 0.23 0.21
C ASP D 63 45.61 -0.85 0.85
N GLY D 64 45.12 -1.78 0.04
CA GLY D 64 44.34 -2.91 0.55
C GLY D 64 42.88 -2.59 0.81
N THR D 65 42.34 -1.60 0.13
CA THR D 65 40.94 -1.26 0.36
C THR D 65 40.10 -2.25 -0.44
N LYS D 66 39.12 -2.89 0.17
CA LYS D 66 38.37 -3.88 -0.61
C LYS D 66 37.60 -3.29 -1.78
N PHE D 67 37.71 -3.92 -2.98
CA PHE D 67 36.94 -3.47 -4.13
C PHE D 67 35.73 -4.36 -4.32
N ASP D 68 34.56 -3.78 -4.15
CA ASP D 68 33.32 -4.54 -4.26
C ASP D 68 32.90 -4.60 -5.71
N SER D 69 32.78 -5.80 -6.26
CA SER D 69 32.43 -5.89 -7.68
C SER D 69 31.53 -7.06 -8.04
N SER D 70 31.29 -7.22 -9.34
CA SER D 70 30.34 -8.21 -9.83
C SER D 70 30.84 -9.64 -9.68
N LEU D 71 32.14 -9.88 -9.54
CA LEU D 71 32.52 -11.27 -9.42
C LEU D 71 32.58 -11.70 -8.00
N ASP D 72 32.17 -10.83 -7.09
CA ASP D 72 32.13 -11.22 -5.70
C ASP D 72 30.95 -12.18 -5.55
N ARG D 73 30.03 -12.15 -6.53
CA ARG D 73 28.85 -13.00 -6.64
C ARG D 73 28.94 -13.87 -7.91
N LYS D 74 30.15 -13.97 -8.49
CA LYS D 74 30.45 -14.70 -9.72
C LYS D 74 29.67 -14.25 -10.98
N ASP D 75 29.45 -12.95 -11.16
CA ASP D 75 28.71 -12.43 -12.31
C ASP D 75 29.65 -11.79 -13.36
N LYS D 76 29.96 -12.54 -14.43
CA LYS D 76 30.94 -12.08 -15.42
C LYS D 76 30.50 -10.76 -16.07
N PHE D 77 31.45 -9.83 -16.19
CA PHE D 77 31.17 -8.51 -16.75
C PHE D 77 31.38 -8.44 -18.24
N SER D 78 30.43 -7.87 -18.97
CA SER D 78 30.58 -7.74 -20.42
C SER D 78 31.12 -6.37 -20.80
N PHE D 79 32.36 -6.36 -21.27
CA PHE D 79 33.09 -5.14 -21.60
C PHE D 79 33.32 -4.85 -23.08
N ASP D 80 33.00 -3.64 -23.53
CA ASP D 80 33.21 -3.26 -24.93
C ASP D 80 34.60 -2.59 -25.17
N LEU D 81 35.53 -3.35 -25.72
CA LEU D 81 36.91 -2.89 -25.85
C LEU D 81 37.15 -1.74 -26.81
N GLY D 82 37.89 -0.73 -26.34
CA GLY D 82 38.28 0.38 -27.18
C GLY D 82 37.28 1.51 -27.22
N LYS D 83 36.17 1.39 -26.48
CA LYS D 83 35.19 2.46 -26.51
C LYS D 83 35.34 3.47 -25.38
N GLY D 84 36.22 3.17 -24.43
CA GLY D 84 36.46 4.06 -23.29
C GLY D 84 35.36 4.02 -22.23
N GLU D 85 34.65 2.91 -22.11
CA GLU D 85 33.56 2.83 -21.12
C GLU D 85 34.04 2.46 -19.72
N VAL D 86 35.33 2.18 -19.60
CA VAL D 86 35.97 1.83 -18.34
C VAL D 86 37.21 2.66 -18.20
N ILE D 87 37.79 2.68 -17.02
CA ILE D 87 39.05 3.38 -16.85
C ILE D 87 40.10 2.78 -17.80
N LYS D 88 40.94 3.65 -18.36
CA LYS D 88 41.92 3.28 -19.39
C LYS D 88 42.81 2.11 -19.06
N ALA D 89 43.28 2.00 -17.83
CA ALA D 89 44.18 0.87 -17.57
C ALA D 89 43.46 -0.47 -17.76
N TRP D 90 42.16 -0.50 -17.42
CA TRP D 90 41.35 -1.71 -17.54
C TRP D 90 41.18 -2.02 -19.02
N ASP D 91 40.83 -1.00 -19.80
CA ASP D 91 40.60 -1.17 -21.23
C ASP D 91 41.85 -1.78 -21.89
N ILE D 92 43.02 -1.29 -21.48
CA ILE D 92 44.26 -1.79 -22.03
C ILE D 92 44.51 -3.20 -21.59
N ALA D 93 44.30 -3.51 -20.31
CA ALA D 93 44.54 -4.85 -19.86
C ALA D 93 43.72 -5.83 -20.68
N ILE D 94 42.51 -5.44 -21.07
CA ILE D 94 41.75 -6.36 -21.89
C ILE D 94 42.43 -6.52 -23.25
N ALA D 95 42.86 -5.41 -23.84
CA ALA D 95 43.51 -5.46 -25.14
C ALA D 95 44.76 -6.35 -25.16
N THR D 96 45.48 -6.39 -24.05
CA THR D 96 46.73 -7.16 -23.97
C THR D 96 46.58 -8.55 -23.34
N MET D 97 45.37 -8.96 -23.00
CA MET D 97 45.16 -10.26 -22.36
C MET D 97 44.50 -11.30 -23.20
N LYS D 98 44.96 -12.53 -23.07
CA LYS D 98 44.34 -13.65 -23.75
C LYS D 98 43.30 -14.32 -22.87
N VAL D 99 42.38 -15.05 -23.48
CA VAL D 99 41.39 -15.77 -22.69
C VAL D 99 42.07 -16.78 -21.79
N GLY D 100 41.66 -16.77 -20.51
CA GLY D 100 42.15 -17.62 -19.44
C GLY D 100 43.25 -16.94 -18.62
N GLU D 101 43.78 -15.84 -19.14
CA GLU D 101 44.83 -15.10 -18.50
C GLU D 101 44.26 -14.28 -17.37
N VAL D 102 45.01 -14.19 -16.26
CA VAL D 102 44.63 -13.37 -15.11
C VAL D 102 45.71 -12.38 -14.74
N CYS D 103 45.29 -11.13 -14.62
CA CYS D 103 46.13 -9.98 -14.27
C CYS D 103 45.54 -9.20 -13.10
N HIS D 104 46.39 -8.58 -12.30
CA HIS D 104 45.96 -7.67 -11.23
C HIS D 104 46.62 -6.33 -11.47
N ILE D 105 45.92 -5.40 -12.06
CA ILE D 105 46.59 -4.19 -12.51
C ILE D 105 46.61 -3.04 -11.54
N THR D 106 47.82 -2.59 -11.17
CA THR D 106 48.05 -1.46 -10.27
C THR D 106 47.91 -0.21 -11.09
N CYS D 107 46.69 0.08 -11.44
CA CYS D 107 46.41 1.17 -12.32
C CYS D 107 46.98 2.44 -11.81
N LYS D 108 47.85 3.06 -12.59
CA LYS D 108 48.39 4.31 -12.10
C LYS D 108 47.21 5.28 -12.11
N PRO D 109 47.12 6.25 -11.17
CA PRO D 109 46.01 7.17 -10.97
C PRO D 109 45.48 7.89 -12.19
N GLU D 110 46.37 8.27 -13.09
CA GLU D 110 46.00 9.03 -14.28
C GLU D 110 45.14 8.24 -15.24
N TYR D 111 45.16 6.93 -15.10
CA TYR D 111 44.47 6.03 -15.98
C TYR D 111 43.29 5.39 -15.27
N ALA D 112 42.95 5.96 -14.10
CA ALA D 112 41.85 5.58 -13.24
C ALA D 112 40.89 6.76 -13.18
N TYR D 113 40.81 7.39 -12.01
CA TYR D 113 39.92 8.52 -11.83
C TYR D 113 40.69 9.84 -11.60
N GLY D 114 42.02 9.79 -11.73
CA GLY D 114 42.86 10.95 -11.57
C GLY D 114 42.73 11.57 -10.20
N SER D 115 42.58 12.88 -10.20
CA SER D 115 42.44 13.70 -9.02
C SER D 115 41.00 13.77 -8.54
N ALA D 116 40.06 13.18 -9.27
CA ALA D 116 38.65 13.29 -8.89
C ALA D 116 38.40 12.67 -7.53
N GLY D 117 39.07 11.57 -7.21
CA GLY D 117 38.85 10.96 -5.91
C GLY D 117 37.48 10.35 -5.82
N SER D 118 36.98 9.79 -6.93
CA SER D 118 35.65 9.21 -7.00
C SER D 118 35.23 8.58 -5.66
N PRO D 119 34.40 9.26 -4.86
CA PRO D 119 33.98 8.80 -3.57
C PRO D 119 32.96 7.70 -3.75
N PRO D 120 32.71 6.92 -2.71
CA PRO D 120 33.35 6.87 -1.41
C PRO D 120 34.70 6.15 -1.29
N LYS D 121 35.10 5.35 -2.30
CA LYS D 121 36.31 4.53 -2.12
C LYS D 121 37.57 4.82 -2.91
N ILE D 122 37.57 5.82 -3.80
CA ILE D 122 38.81 6.07 -4.54
C ILE D 122 39.47 7.34 -4.04
N PRO D 123 40.62 7.29 -3.35
CA PRO D 123 41.30 8.48 -2.92
C PRO D 123 41.70 9.19 -4.19
N PRO D 124 41.88 10.50 -4.19
CA PRO D 124 42.36 11.23 -5.33
C PRO D 124 43.78 10.78 -5.54
N ASN D 125 44.18 10.67 -6.79
CA ASN D 125 45.51 10.25 -7.18
C ASN D 125 45.89 8.89 -6.59
N ALA D 126 44.93 7.97 -6.56
CA ALA D 126 45.11 6.63 -6.03
C ALA D 126 45.48 5.59 -7.05
N THR D 127 46.35 4.67 -6.65
CA THR D 127 46.71 3.53 -7.48
C THR D 127 45.77 2.41 -7.10
N LEU D 128 45.11 1.86 -8.08
CA LEU D 128 44.11 0.84 -7.80
C LEU D 128 44.52 -0.51 -8.36
N VAL D 129 44.14 -1.61 -7.72
CA VAL D 129 44.49 -2.94 -8.22
C VAL D 129 43.30 -3.74 -8.72
N PHE D 130 43.20 -3.90 -10.02
CA PHE D 130 42.02 -4.61 -10.50
C PHE D 130 42.32 -5.98 -11.04
N GLU D 131 41.59 -6.97 -10.53
CA GLU D 131 41.72 -8.35 -10.97
C GLU D 131 40.86 -8.56 -12.17
N VAL D 132 41.51 -8.95 -13.24
CA VAL D 132 40.91 -9.17 -14.52
C VAL D 132 41.18 -10.57 -15.06
N GLU D 133 40.15 -11.23 -15.55
CA GLU D 133 40.33 -12.53 -16.20
C GLU D 133 39.53 -12.53 -17.45
N LEU D 134 40.06 -13.06 -18.52
CA LEU D 134 39.18 -13.12 -19.69
C LEU D 134 38.57 -14.51 -19.79
N PHE D 135 37.26 -14.56 -19.96
CA PHE D 135 36.62 -15.86 -20.06
C PHE D 135 36.33 -16.17 -21.51
N GLU D 136 35.86 -15.15 -22.24
CA GLU D 136 35.49 -15.31 -23.65
C GLU D 136 35.19 -13.99 -24.30
N PHE D 137 35.14 -13.96 -25.63
CA PHE D 137 34.67 -12.75 -26.28
C PHE D 137 34.02 -12.98 -27.64
N LYS D 138 33.20 -12.02 -28.03
CA LYS D 138 32.52 -11.98 -29.34
C LYS D 138 32.64 -10.62 -29.98
N GLY D 139 32.44 -10.55 -31.28
CA GLY D 139 32.48 -9.23 -31.92
C GLY D 139 31.12 -8.57 -31.76
N GLU D 140 30.94 -7.39 -32.34
CA GLU D 140 29.68 -6.67 -32.20
C GLU D 140 28.59 -7.28 -33.05
N ASP D 141 27.37 -7.32 -32.53
CA ASP D 141 26.21 -7.73 -33.32
C ASP D 141 25.67 -6.53 -34.07
N LEU D 142 25.77 -6.53 -35.40
CA LEU D 142 25.33 -5.38 -36.19
C LEU D 142 23.94 -5.57 -36.78
N THR D 143 23.35 -6.69 -36.43
CA THR D 143 22.04 -7.10 -36.88
C THR D 143 20.92 -6.58 -36.00
N GLU D 144 19.69 -6.68 -36.53
CA GLU D 144 18.46 -6.28 -35.83
C GLU D 144 18.12 -7.16 -34.64
N GLU D 145 18.42 -8.46 -34.75
CA GLU D 145 18.13 -9.46 -33.72
C GLU D 145 19.44 -10.10 -33.30
N GLU D 146 19.55 -10.62 -32.09
CA GLU D 146 20.81 -11.22 -31.65
C GLU D 146 21.04 -12.66 -32.15
N ASP D 147 21.16 -12.79 -33.47
CA ASP D 147 21.43 -14.04 -34.18
C ASP D 147 22.92 -14.22 -34.44
N GLY D 148 23.64 -13.11 -34.42
CA GLY D 148 25.07 -13.02 -34.66
C GLY D 148 25.36 -13.02 -36.14
N GLY D 149 24.35 -12.68 -36.93
CA GLY D 149 24.43 -12.69 -38.37
C GLY D 149 25.49 -11.79 -38.95
N ILE D 150 25.70 -10.64 -38.34
CA ILE D 150 26.74 -9.74 -38.79
C ILE D 150 27.64 -9.43 -37.61
N ILE D 151 28.90 -9.81 -37.69
CA ILE D 151 29.81 -9.55 -36.59
C ILE D 151 30.94 -8.61 -36.93
N ARG D 152 31.10 -7.57 -36.12
CA ARG D 152 32.19 -6.64 -36.39
C ARG D 152 33.29 -6.61 -35.35
N ARG D 153 34.50 -6.63 -35.89
CA ARG D 153 35.73 -6.56 -35.14
C ARG D 153 36.53 -5.35 -35.63
N ILE D 154 36.59 -4.27 -34.86
CA ILE D 154 37.24 -3.06 -35.37
C ILE D 154 38.75 -3.20 -35.27
N GLN D 155 39.41 -2.85 -36.37
CA GLN D 155 40.83 -2.99 -36.48
C GLN D 155 41.59 -1.80 -35.97
N THR D 156 41.46 -0.67 -36.66
CA THR D 156 42.25 0.47 -36.22
C THR D 156 41.57 1.82 -36.14
N ARG D 157 40.44 2.00 -36.81
CA ARG D 157 39.93 3.37 -36.95
C ARG D 157 38.45 3.55 -36.86
N GLY D 158 38.04 4.82 -36.72
CA GLY D 158 36.66 5.30 -36.72
C GLY D 158 36.57 6.55 -35.85
N GLU D 159 36.07 7.66 -36.42
CA GLU D 159 35.94 8.94 -35.69
C GLU D 159 34.70 9.74 -36.10
N GLY D 160 34.25 10.62 -35.20
CA GLY D 160 33.10 11.49 -35.43
C GLY D 160 31.88 10.75 -34.97
N TYR D 161 30.74 11.41 -34.90
CA TYR D 161 29.56 10.69 -34.42
C TYR D 161 28.52 10.46 -35.50
N ALA D 162 28.87 10.83 -36.73
CA ALA D 162 27.99 10.66 -37.87
C ALA D 162 28.19 9.29 -38.47
N LYS D 163 27.10 8.72 -38.96
CA LYS D 163 27.10 7.45 -39.67
C LYS D 163 26.18 7.61 -40.87
N PRO D 164 26.38 6.89 -41.98
CA PRO D 164 25.55 6.91 -43.16
C PRO D 164 24.26 6.15 -42.88
N ASN D 165 23.25 6.37 -43.69
CA ASN D 165 21.97 5.70 -43.59
C ASN D 165 21.37 5.37 -44.96
N GLU D 166 20.18 4.80 -45.00
CA GLU D 166 19.61 4.44 -46.29
C GLU D 166 19.48 5.69 -47.15
N GLY D 167 19.91 5.60 -48.41
CA GLY D 167 19.84 6.73 -49.32
C GLY D 167 21.14 7.55 -49.32
N ALA D 168 22.02 7.29 -48.35
CA ALA D 168 23.28 8.01 -48.26
C ALA D 168 24.18 7.56 -49.36
N ILE D 169 25.03 8.46 -49.83
CA ILE D 169 26.00 8.02 -50.81
C ILE D 169 27.31 7.78 -50.08
N VAL D 170 27.81 6.58 -50.20
CA VAL D 170 28.97 6.17 -49.43
C VAL D 170 30.18 5.76 -50.22
N GLU D 171 31.33 6.28 -49.80
CA GLU D 171 32.64 5.97 -50.34
C GLU D 171 33.39 5.05 -49.37
N VAL D 172 33.53 3.79 -49.76
CA VAL D 172 34.19 2.79 -48.92
C VAL D 172 35.12 1.90 -49.74
N ALA D 173 36.27 1.56 -49.18
CA ALA D 173 37.15 0.60 -49.86
C ALA D 173 36.83 -0.79 -49.32
N LEU D 174 36.52 -1.71 -50.21
CA LEU D 174 36.18 -3.06 -49.79
C LEU D 174 37.12 -4.12 -50.34
N GLU D 175 37.59 -4.99 -49.48
CA GLU D 175 38.44 -6.13 -49.80
C GLU D 175 37.97 -7.27 -48.92
N GLY D 176 38.10 -8.53 -49.30
CA GLY D 176 37.60 -9.52 -48.33
C GLY D 176 37.74 -10.97 -48.76
N TYR D 177 37.07 -11.83 -48.00
CA TYR D 177 37.05 -13.28 -48.19
C TYR D 177 35.67 -13.92 -48.22
N TYR D 178 35.63 -15.04 -48.91
CA TYR D 178 34.49 -15.93 -48.95
C TYR D 178 35.03 -17.31 -48.82
N LYS D 179 34.41 -18.16 -48.02
CA LYS D 179 35.00 -19.48 -47.82
C LYS D 179 36.48 -19.23 -47.47
N ASP D 180 37.42 -19.81 -48.21
CA ASP D 180 38.85 -19.63 -47.99
C ASP D 180 39.56 -18.89 -49.16
N LYS D 181 38.78 -18.18 -49.97
CA LYS D 181 39.27 -17.45 -51.16
C LYS D 181 39.01 -15.95 -51.01
N LEU D 182 39.74 -15.12 -51.75
CA LEU D 182 39.48 -13.69 -51.58
C LEU D 182 38.81 -12.97 -52.73
N PHE D 183 38.11 -11.92 -52.33
CA PHE D 183 37.52 -10.92 -53.18
C PHE D 183 38.63 -9.90 -53.33
N ASP D 184 38.87 -9.39 -54.53
CA ASP D 184 39.93 -8.42 -54.54
C ASP D 184 39.36 -7.09 -54.11
N GLN D 185 40.22 -6.08 -54.05
CA GLN D 185 39.80 -4.76 -53.62
C GLN D 185 39.15 -3.96 -54.70
N ARG D 186 38.06 -3.33 -54.34
CA ARG D 186 37.36 -2.43 -55.23
C ARG D 186 36.87 -1.23 -54.42
N GLU D 187 36.81 -0.09 -55.05
CA GLU D 187 36.29 1.08 -54.38
C GLU D 187 34.81 1.16 -54.69
N LEU D 188 34.01 1.39 -53.67
CA LEU D 188 32.58 1.47 -53.86
C LEU D 188 32.02 2.83 -53.54
N ARG D 189 31.31 3.39 -54.51
CA ARG D 189 30.62 4.66 -54.37
C ARG D 189 29.16 4.32 -54.65
N PHE D 190 28.33 4.30 -53.62
CA PHE D 190 26.99 3.79 -53.83
C PHE D 190 25.95 4.34 -52.90
N GLU D 191 24.69 4.14 -53.27
CA GLU D 191 23.58 4.51 -52.41
C GLU D 191 23.25 3.37 -51.48
N ILE D 192 23.16 3.63 -50.18
CA ILE D 192 22.86 2.55 -49.27
C ILE D 192 21.48 1.99 -49.49
N GLY D 193 21.45 0.67 -49.57
CA GLY D 193 20.30 -0.15 -49.81
C GLY D 193 20.37 -0.82 -51.17
N GLU D 194 21.26 -0.35 -52.05
CA GLU D 194 21.43 -0.93 -53.39
C GLU D 194 22.38 -2.12 -53.36
N GLY D 195 22.03 -3.15 -52.59
CA GLY D 195 22.89 -4.32 -52.41
C GLY D 195 23.14 -5.07 -53.70
N GLU D 196 22.15 -5.13 -54.58
CA GLU D 196 22.29 -5.89 -55.81
C GLU D 196 23.09 -5.12 -56.85
N ASN D 197 23.27 -3.81 -56.65
CA ASN D 197 24.01 -3.00 -57.60
C ASN D 197 25.39 -2.67 -57.05
N LEU D 198 25.57 -3.30 -55.89
CA LEU D 198 26.93 -3.60 -55.49
C LEU D 198 27.27 -5.02 -55.87
N ASP D 199 26.22 -5.84 -55.92
CA ASP D 199 26.30 -7.25 -56.15
C ASP D 199 27.10 -7.84 -55.00
N LEU D 200 26.71 -7.38 -53.81
CA LEU D 200 27.27 -7.74 -52.52
C LEU D 200 26.17 -8.16 -51.53
N PRO D 201 26.50 -8.86 -50.43
CA PRO D 201 25.60 -9.33 -49.41
C PRO D 201 24.77 -8.24 -48.82
N TYR D 202 23.56 -8.59 -48.39
CA TYR D 202 22.61 -7.65 -47.80
C TYR D 202 23.22 -7.06 -46.54
N GLY D 203 23.96 -7.88 -45.83
CA GLY D 203 24.61 -7.54 -44.59
C GLY D 203 25.57 -6.38 -44.68
N LEU D 204 26.17 -6.14 -45.84
CA LEU D 204 27.12 -5.05 -45.87
C LEU D 204 26.40 -3.72 -45.94
N GLU D 205 25.08 -3.71 -46.13
CA GLU D 205 24.35 -2.45 -46.13
C GLU D 205 24.18 -2.10 -44.67
N ARG D 206 24.00 -3.21 -43.95
CA ARG D 206 23.40 -2.99 -42.66
C ARG D 206 24.61 -2.60 -41.84
N ALA D 207 25.75 -3.20 -42.23
CA ALA D 207 27.03 -2.93 -41.58
C ALA D 207 27.63 -1.57 -41.96
N ILE D 208 27.47 -1.10 -43.23
CA ILE D 208 28.09 0.18 -43.62
C ILE D 208 27.38 1.30 -42.88
N GLN D 209 26.11 1.06 -42.61
CA GLN D 209 25.24 2.00 -41.92
C GLN D 209 25.65 2.21 -40.47
N ARG D 210 26.53 1.35 -39.96
CA ARG D 210 26.97 1.50 -38.62
C ARG D 210 28.43 1.97 -38.54
N MET D 211 29.04 2.28 -39.69
CA MET D 211 30.43 2.68 -39.72
C MET D 211 30.64 4.19 -39.58
N GLU D 212 31.74 4.53 -38.90
CA GLU D 212 32.17 5.91 -38.66
C GLU D 212 33.18 6.36 -39.71
N LYS D 213 33.28 7.65 -39.96
CA LYS D 213 34.23 8.11 -40.96
C LYS D 213 35.64 7.68 -40.60
N GLY D 214 36.34 7.11 -41.58
CA GLY D 214 37.71 6.65 -41.42
C GLY D 214 37.76 5.23 -40.87
N GLU D 215 36.60 4.67 -40.54
CA GLU D 215 36.55 3.37 -39.92
C GLU D 215 37.20 2.27 -40.67
N HIS D 216 37.98 1.50 -39.93
CA HIS D 216 38.70 0.36 -40.45
C HIS D 216 38.37 -0.82 -39.58
N SER D 217 37.64 -1.77 -40.18
CA SER D 217 37.12 -2.94 -39.47
C SER D 217 36.85 -4.20 -40.30
N ILE D 218 36.70 -5.35 -39.61
CA ILE D 218 36.33 -6.60 -40.27
C ILE D 218 34.90 -7.01 -39.95
N VAL D 219 34.12 -7.30 -40.98
CA VAL D 219 32.74 -7.71 -40.81
C VAL D 219 32.45 -9.12 -41.33
N TYR D 220 32.00 -9.98 -40.43
CA TYR D 220 31.71 -11.38 -40.71
C TYR D 220 30.23 -11.58 -40.96
N LEU D 221 29.88 -12.36 -41.98
CA LEU D 221 28.49 -12.58 -42.31
C LEU D 221 28.06 -14.05 -42.32
N LYS D 222 26.96 -14.32 -41.64
CA LYS D 222 26.32 -15.63 -41.64
C LYS D 222 25.36 -15.59 -42.83
N PRO D 223 24.86 -16.73 -43.33
CA PRO D 223 23.94 -16.88 -44.45
C PRO D 223 22.73 -15.95 -44.51
N SER D 224 22.18 -15.54 -43.37
CA SER D 224 21.02 -14.66 -43.38
C SER D 224 21.33 -13.21 -43.82
N TYR D 225 22.62 -12.83 -43.81
CA TYR D 225 23.10 -11.50 -44.20
C TYR D 225 24.12 -11.60 -45.31
N ALA D 226 24.73 -12.77 -45.39
CA ALA D 226 25.77 -13.10 -46.35
C ALA D 226 25.12 -13.21 -47.70
N PHE D 227 25.88 -13.39 -48.76
CA PHE D 227 25.20 -13.48 -50.02
C PHE D 227 24.08 -14.51 -49.98
N GLY D 228 22.93 -14.05 -50.48
CA GLY D 228 21.67 -14.77 -50.59
C GLY D 228 21.32 -14.88 -52.05
N SER D 229 20.15 -14.38 -52.46
CA SER D 229 19.77 -14.40 -53.87
C SER D 229 20.54 -13.35 -54.72
N VAL D 230 21.18 -12.47 -53.94
CA VAL D 230 22.33 -11.71 -54.46
C VAL D 230 23.63 -12.50 -54.76
N GLY D 231 23.76 -13.73 -54.28
CA GLY D 231 24.96 -14.54 -54.50
C GLY D 231 25.10 -14.90 -55.94
N LYS D 232 26.36 -14.94 -56.39
CA LYS D 232 26.62 -15.27 -57.78
C LYS D 232 27.78 -16.24 -57.91
N GLU D 233 27.64 -17.11 -58.91
CA GLU D 233 28.63 -18.09 -59.28
C GLU D 233 29.92 -17.48 -59.78
N LYS D 234 29.87 -16.24 -60.27
CA LYS D 234 31.07 -15.56 -60.76
C LYS D 234 32.08 -15.31 -59.63
N PHE D 235 31.61 -15.32 -58.38
CA PHE D 235 32.50 -15.10 -57.24
C PHE D 235 32.75 -16.44 -56.59
N GLN D 236 32.21 -17.50 -57.19
CA GLN D 236 32.20 -18.84 -56.66
C GLN D 236 31.47 -18.85 -55.32
N ILE D 237 30.40 -18.04 -55.19
CA ILE D 237 29.65 -17.98 -53.95
C ILE D 237 28.19 -18.34 -54.10
N PRO D 238 27.69 -19.38 -53.42
CA PRO D 238 26.33 -19.83 -53.46
C PRO D 238 25.54 -18.88 -52.58
N PRO D 239 24.22 -18.87 -52.65
CA PRO D 239 23.35 -18.25 -51.70
C PRO D 239 23.65 -18.92 -50.37
N ASN D 240 23.43 -18.20 -49.27
CA ASN D 240 23.68 -18.66 -47.90
C ASN D 240 25.16 -18.92 -47.66
N ALA D 241 25.94 -17.97 -48.15
CA ALA D 241 27.39 -17.90 -48.11
C ALA D 241 28.02 -17.65 -46.73
N GLU D 242 29.26 -18.11 -46.55
CA GLU D 242 30.08 -17.79 -45.36
C GLU D 242 31.08 -16.72 -45.75
N LEU D 243 30.91 -15.49 -45.24
CA LEU D 243 31.76 -14.37 -45.70
C LEU D 243 32.44 -13.56 -44.59
N LYS D 244 33.55 -12.92 -44.92
CA LYS D 244 34.17 -11.93 -44.02
C LYS D 244 34.82 -10.84 -44.85
N TYR D 245 34.62 -9.58 -44.51
CA TYR D 245 35.20 -8.51 -45.30
C TYR D 245 35.95 -7.46 -44.51
N GLU D 246 36.94 -6.87 -45.14
CA GLU D 246 37.68 -5.76 -44.57
C GLU D 246 37.21 -4.46 -45.21
N LEU D 247 36.71 -3.56 -44.38
CA LEU D 247 36.18 -2.33 -44.90
C LEU D 247 36.84 -1.10 -44.37
N HIS D 248 37.03 -0.13 -45.26
CA HIS D 248 37.52 1.19 -44.88
C HIS D 248 36.56 2.28 -45.33
N LEU D 249 35.88 2.91 -44.39
CA LEU D 249 34.91 3.94 -44.74
C LEU D 249 35.59 5.26 -44.83
N LYS D 250 35.53 5.89 -45.98
CA LYS D 250 36.28 7.10 -46.16
C LYS D 250 35.38 8.32 -46.01
N SER D 251 34.20 8.26 -46.62
CA SER D 251 33.30 9.39 -46.52
C SER D 251 31.88 8.99 -46.84
N PHE D 252 30.95 9.86 -46.51
CA PHE D 252 29.58 9.66 -46.92
C PHE D 252 28.77 10.94 -46.94
N GLU D 253 27.69 10.90 -47.70
CA GLU D 253 26.71 11.95 -47.78
C GLU D 253 25.43 11.43 -47.15
N LYS D 254 25.21 11.77 -45.89
CA LYS D 254 24.08 11.19 -45.18
C LYS D 254 22.75 11.64 -45.77
N ALA D 255 21.81 10.70 -45.89
CA ALA D 255 20.47 10.98 -46.40
C ALA D 255 19.68 11.78 -45.40
N LYS D 256 18.81 12.64 -45.90
CA LYS D 256 17.96 13.42 -45.03
C LYS D 256 17.02 12.52 -44.21
N GLU D 257 16.93 12.79 -42.91
CA GLU D 257 16.10 12.01 -41.97
C GLU D 257 14.64 12.43 -41.86
N SER D 258 13.78 11.49 -41.47
CA SER D 258 12.35 11.78 -41.38
C SER D 258 11.98 12.90 -40.41
N TRP D 259 12.78 13.13 -39.38
CA TRP D 259 12.45 14.18 -38.42
C TRP D 259 12.62 15.58 -38.97
N GLU D 260 13.32 15.71 -40.10
CA GLU D 260 13.57 16.98 -40.75
C GLU D 260 12.89 17.09 -42.13
N MET D 261 12.16 16.04 -42.52
CA MET D 261 11.47 15.96 -43.81
C MET D 261 10.12 16.60 -43.84
N ASN D 262 9.76 17.08 -45.02
CA ASN D 262 8.47 17.68 -45.27
C ASN D 262 7.43 16.62 -45.58
N SER D 263 6.17 16.97 -45.37
CA SER D 263 5.07 16.09 -45.71
C SER D 263 5.10 15.73 -47.18
N GLU D 264 5.59 16.67 -48.02
CA GLU D 264 5.72 16.45 -49.45
C GLU D 264 6.72 15.35 -49.74
N GLU D 265 7.78 15.42 -48.91
CA GLU D 265 8.96 14.73 -49.35
C GLU D 265 8.73 13.30 -48.98
N LYS D 266 7.99 13.14 -47.88
CA LYS D 266 7.65 11.83 -47.35
C LYS D 266 6.78 11.07 -48.33
N LEU D 267 5.83 11.75 -48.98
CA LEU D 267 4.96 11.10 -49.93
C LEU D 267 5.66 10.87 -51.23
N GLU D 268 6.55 11.79 -51.59
CA GLU D 268 7.26 11.66 -52.85
C GLU D 268 8.18 10.48 -52.82
N GLN D 269 8.89 10.34 -51.71
CA GLN D 269 9.84 9.27 -51.58
C GLN D 269 9.11 7.95 -51.39
N SER D 270 7.96 7.97 -50.72
CA SER D 270 7.20 6.74 -50.54
C SER D 270 6.67 6.27 -51.88
N THR D 271 6.27 7.19 -52.76
CA THR D 271 5.79 6.82 -54.09
C THR D 271 6.90 6.16 -54.88
N ILE D 272 8.11 6.75 -54.83
CA ILE D 272 9.23 6.20 -55.57
C ILE D 272 9.52 4.82 -55.08
N VAL D 273 9.52 4.66 -53.78
CA VAL D 273 9.75 3.39 -53.19
C VAL D 273 8.70 2.37 -53.55
N LYS D 274 7.42 2.73 -53.54
CA LYS D 274 6.41 1.78 -53.93
C LYS D 274 6.72 1.25 -55.31
N GLU D 275 7.08 2.13 -56.24
CA GLU D 275 7.36 1.68 -57.59
C GLU D 275 8.58 0.76 -57.63
N ARG D 276 9.60 1.08 -56.86
CA ARG D 276 10.80 0.27 -56.82
C ARG D 276 10.54 -1.09 -56.21
N GLY D 277 9.74 -1.11 -55.14
CA GLY D 277 9.37 -2.30 -54.41
C GLY D 277 8.59 -3.22 -55.31
N THR D 278 7.72 -2.64 -56.14
CA THR D 278 6.90 -3.39 -57.07
C THR D 278 7.80 -4.13 -58.02
N VAL D 279 8.81 -3.44 -58.53
CA VAL D 279 9.74 -4.06 -59.44
C VAL D 279 10.54 -5.15 -58.78
N TYR D 280 11.08 -4.88 -57.60
CA TYR D 280 11.87 -5.90 -56.96
C TYR D 280 11.07 -7.15 -56.73
N PHE D 281 9.82 -6.97 -56.32
CA PHE D 281 8.98 -8.10 -56.04
C PHE D 281 8.81 -8.91 -57.32
N LYS D 282 8.48 -8.24 -58.41
CA LYS D 282 8.26 -8.90 -59.69
C LYS D 282 9.49 -9.63 -60.20
N GLU D 283 10.67 -9.09 -59.90
CA GLU D 283 11.93 -9.68 -60.32
C GLU D 283 12.37 -10.86 -59.44
N GLY D 284 11.63 -11.15 -58.37
CA GLY D 284 11.96 -12.23 -57.45
C GLY D 284 12.86 -11.77 -56.33
N LYS D 285 13.14 -10.48 -56.31
CA LYS D 285 14.00 -9.91 -55.32
C LYS D 285 13.13 -9.51 -54.16
N TYR D 286 12.63 -10.52 -53.46
CA TYR D 286 11.65 -10.31 -52.43
C TYR D 286 12.24 -9.68 -51.21
N LYS D 287 13.51 -9.94 -50.92
CA LYS D 287 14.08 -9.31 -49.74
C LYS D 287 14.25 -7.84 -50.05
N GLN D 288 14.69 -7.52 -51.26
CA GLN D 288 14.85 -6.13 -51.62
C GLN D 288 13.52 -5.44 -51.67
N ALA D 289 12.48 -6.14 -52.15
CA ALA D 289 11.18 -5.53 -52.22
C ALA D 289 10.70 -5.20 -50.84
N LEU D 290 10.94 -6.11 -49.90
CA LEU D 290 10.53 -5.95 -48.53
C LEU D 290 11.24 -4.75 -47.93
N LEU D 291 12.54 -4.64 -48.18
CA LEU D 291 13.34 -3.55 -47.65
C LEU D 291 12.85 -2.23 -48.20
N GLN D 292 12.45 -2.22 -49.47
CA GLN D 292 11.93 -1.00 -50.03
C GLN D 292 10.58 -0.65 -49.47
N TYR D 293 9.69 -1.61 -49.33
CA TYR D 293 8.38 -1.23 -48.88
C TYR D 293 8.43 -0.71 -47.45
N LYS D 294 9.34 -1.20 -46.64
CA LYS D 294 9.47 -0.71 -45.27
C LYS D 294 9.79 0.80 -45.22
N LYS D 295 10.46 1.32 -46.26
CA LYS D 295 10.81 2.73 -46.29
C LYS D 295 9.56 3.59 -46.29
N ILE D 296 8.49 3.09 -46.93
CA ILE D 296 7.21 3.79 -47.02
C ILE D 296 6.70 3.99 -45.64
N VAL D 297 6.90 2.87 -44.96
CA VAL D 297 6.15 2.72 -43.77
C VAL D 297 6.75 3.70 -42.81
N SER D 298 8.07 3.74 -42.68
CA SER D 298 8.59 4.68 -41.70
C SER D 298 8.36 6.14 -42.07
N TRP D 299 8.35 6.49 -43.36
CA TRP D 299 8.12 7.89 -43.71
C TRP D 299 6.70 8.31 -43.42
N LEU D 300 5.78 7.39 -43.59
CA LEU D 300 4.38 7.74 -43.43
C LEU D 300 3.82 7.42 -42.05
N GLU D 301 4.42 6.49 -41.33
CA GLU D 301 3.93 6.16 -40.01
C GLU D 301 4.50 7.19 -39.03
N TYR D 302 5.69 7.72 -39.36
CA TYR D 302 6.34 8.71 -38.53
C TYR D 302 5.40 9.89 -38.45
N GLU D 303 5.24 10.46 -37.28
CA GLU D 303 4.32 11.57 -37.15
C GLU D 303 4.58 12.65 -38.17
N SER D 304 3.52 13.03 -38.85
CA SER D 304 3.58 14.05 -39.88
C SER D 304 2.25 14.76 -39.99
N SER D 305 2.28 16.06 -40.20
CA SER D 305 1.06 16.79 -40.41
C SER D 305 0.79 16.89 -41.89
N PHE D 306 -0.22 16.17 -42.34
CA PHE D 306 -0.56 16.11 -43.75
C PHE D 306 -1.87 16.84 -43.99
N SER D 307 -2.00 17.40 -45.20
CA SER D 307 -3.25 18.00 -45.63
C SER D 307 -4.16 16.84 -45.89
N ASN D 308 -5.45 17.05 -46.12
CA ASN D 308 -6.29 15.88 -46.33
C ASN D 308 -5.91 15.10 -47.57
N GLU D 309 -5.50 15.80 -48.63
CA GLU D 309 -5.14 15.14 -49.86
C GLU D 309 -3.87 14.34 -49.67
N GLU D 310 -2.92 14.93 -48.95
CA GLU D 310 -1.68 14.28 -48.65
C GLU D 310 -1.89 13.08 -47.74
N ALA D 311 -2.82 13.22 -46.78
CA ALA D 311 -3.12 12.13 -45.88
C ALA D 311 -3.71 10.96 -46.62
N GLN D 312 -4.57 11.24 -47.60
CA GLN D 312 -5.19 10.19 -48.38
C GLN D 312 -4.16 9.46 -49.21
N LYS D 313 -3.21 10.20 -49.77
CA LYS D 313 -2.15 9.58 -50.53
C LYS D 313 -1.32 8.72 -49.59
N ALA D 314 -1.04 9.23 -48.39
CA ALA D 314 -0.27 8.48 -47.42
C ALA D 314 -0.99 7.21 -47.04
N GLN D 315 -2.31 7.26 -46.90
CA GLN D 315 -3.05 6.07 -46.53
C GLN D 315 -2.97 5.03 -47.61
N ALA D 316 -3.07 5.46 -48.87
CA ALA D 316 -2.97 4.52 -49.99
C ALA D 316 -1.60 3.86 -50.03
N LEU D 317 -0.56 4.63 -49.77
CA LEU D 317 0.80 4.13 -49.75
C LEU D 317 1.04 3.21 -48.58
N ARG D 318 0.51 3.56 -47.40
CA ARG D 318 0.68 2.72 -46.24
C ARG D 318 0.00 1.40 -46.50
N LEU D 319 -1.20 1.42 -47.08
CA LEU D 319 -1.88 0.17 -47.32
C LEU D 319 -1.09 -0.70 -48.27
N ALA D 320 -0.56 -0.09 -49.34
CA ALA D 320 0.21 -0.85 -50.29
C ALA D 320 1.41 -1.49 -49.63
N SER D 321 2.02 -0.81 -48.66
CA SER D 321 3.20 -1.40 -48.06
C SER D 321 2.82 -2.60 -47.25
N HIS D 322 1.61 -2.51 -46.69
CA HIS D 322 1.43 -3.46 -45.61
C HIS D 322 0.99 -4.72 -46.31
N LEU D 323 0.30 -4.51 -47.42
CA LEU D 323 -0.17 -5.61 -48.23
C LEU D 323 0.97 -6.29 -48.95
N ASN D 324 1.97 -5.52 -49.40
CA ASN D 324 3.03 -6.13 -50.14
C ASN D 324 4.02 -6.71 -49.19
N LEU D 325 4.12 -6.15 -47.99
CA LEU D 325 5.06 -6.66 -47.05
C LEU D 325 4.55 -8.04 -46.71
N ALA D 326 3.23 -8.17 -46.55
CA ALA D 326 2.68 -9.48 -46.25
C ALA D 326 2.94 -10.42 -47.40
N MET D 327 2.82 -9.91 -48.62
CA MET D 327 3.01 -10.71 -49.80
C MET D 327 4.46 -11.20 -49.87
N CYS D 328 5.40 -10.33 -49.52
CA CYS D 328 6.80 -10.64 -49.51
C CYS D 328 7.05 -11.69 -48.46
N HIS D 329 6.40 -11.56 -47.32
CA HIS D 329 6.57 -12.48 -46.23
C HIS D 329 6.04 -13.84 -46.65
N LEU D 330 4.94 -13.87 -47.41
CA LEU D 330 4.46 -15.16 -47.84
C LEU D 330 5.47 -15.79 -48.79
N LYS D 331 6.08 -15.00 -49.67
CA LYS D 331 7.05 -15.55 -50.62
C LYS D 331 8.30 -16.06 -49.90
N LEU D 332 8.65 -15.36 -48.84
CA LEU D 332 9.80 -15.62 -48.01
C LEU D 332 9.51 -16.64 -46.91
N GLN D 333 8.27 -17.16 -46.88
CA GLN D 333 7.77 -18.17 -45.95
C GLN D 333 7.66 -17.69 -44.50
N ALA D 334 7.66 -16.39 -44.33
CA ALA D 334 7.51 -15.79 -43.03
C ALA D 334 6.03 -15.65 -42.79
N PHE D 335 5.37 -16.76 -42.59
CA PHE D 335 3.92 -16.74 -42.52
C PHE D 335 3.44 -15.94 -41.33
N SER D 336 4.15 -16.01 -40.22
CA SER D 336 3.72 -15.27 -39.06
C SER D 336 3.88 -13.78 -39.29
N ALA D 337 4.89 -13.42 -40.07
CA ALA D 337 5.10 -12.02 -40.37
C ALA D 337 4.05 -11.56 -41.33
N ALA D 338 3.63 -12.47 -42.21
CA ALA D 338 2.61 -12.17 -43.17
C ALA D 338 1.34 -11.85 -42.43
N ILE D 339 1.10 -12.56 -41.32
CA ILE D 339 -0.08 -12.26 -40.54
C ILE D 339 0.03 -10.87 -39.98
N GLU D 340 1.17 -10.50 -39.42
CA GLU D 340 1.22 -9.16 -38.86
C GLU D 340 1.07 -8.07 -39.90
N SER D 341 1.73 -8.23 -41.05
CA SER D 341 1.68 -7.19 -42.06
C SER D 341 0.32 -7.09 -42.70
N CYS D 342 -0.34 -8.23 -42.93
CA CYS D 342 -1.65 -8.13 -43.53
C CYS D 342 -2.63 -7.59 -42.51
N ASN D 343 -2.37 -7.77 -41.21
CA ASN D 343 -3.30 -7.22 -40.25
C ASN D 343 -3.21 -5.72 -40.28
N LYS D 344 -2.01 -5.18 -40.44
CA LYS D 344 -1.84 -3.74 -40.51
C LYS D 344 -2.57 -3.21 -41.74
N ALA D 345 -2.49 -3.96 -42.85
CA ALA D 345 -3.18 -3.57 -44.06
C ALA D 345 -4.68 -3.57 -43.84
N LEU D 346 -5.16 -4.56 -43.08
CA LEU D 346 -6.58 -4.69 -42.78
C LEU D 346 -7.04 -3.63 -41.77
N GLU D 347 -6.14 -3.12 -40.93
CA GLU D 347 -6.56 -2.05 -40.04
C GLU D 347 -6.90 -0.83 -40.90
N LEU D 348 -6.09 -0.59 -41.95
CA LEU D 348 -6.33 0.50 -42.91
C LEU D 348 -7.56 0.24 -43.80
N ASP D 349 -7.75 -1.01 -44.20
CA ASP D 349 -8.87 -1.43 -45.04
C ASP D 349 -9.38 -2.80 -44.62
N SER D 350 -10.45 -2.80 -43.83
CA SER D 350 -10.97 -4.02 -43.22
C SER D 350 -11.57 -5.01 -44.20
N ASN D 351 -11.85 -4.55 -45.42
CA ASN D 351 -12.43 -5.43 -46.41
C ASN D 351 -11.46 -5.63 -47.55
N ASN D 352 -10.18 -5.34 -47.33
CA ASN D 352 -9.28 -5.47 -48.44
C ASN D 352 -9.22 -6.92 -48.83
N GLU D 353 -9.63 -7.20 -50.07
CA GLU D 353 -9.72 -8.58 -50.52
C GLU D 353 -8.40 -9.28 -50.45
N LYS D 354 -7.36 -8.58 -50.86
CA LYS D 354 -6.05 -9.19 -50.90
C LYS D 354 -5.52 -9.43 -49.51
N GLY D 355 -5.67 -8.46 -48.62
CA GLY D 355 -5.13 -8.63 -47.27
C GLY D 355 -5.80 -9.77 -46.54
N LEU D 356 -7.11 -9.90 -46.72
CA LEU D 356 -7.88 -10.93 -46.08
C LEU D 356 -7.59 -12.30 -46.65
N PHE D 357 -7.52 -12.37 -47.96
CA PHE D 357 -7.29 -13.64 -48.60
C PHE D 357 -5.95 -14.15 -48.15
N ARG D 358 -4.94 -13.27 -48.19
CA ARG D 358 -3.58 -13.58 -47.83
C ARG D 358 -3.47 -13.97 -46.37
N ARG D 359 -4.24 -13.32 -45.49
CA ARG D 359 -4.16 -13.72 -44.09
C ARG D 359 -4.62 -15.16 -43.98
N GLY D 360 -5.70 -15.50 -44.70
CA GLY D 360 -6.22 -16.85 -44.68
C GLY D 360 -5.18 -17.84 -45.19
N GLU D 361 -4.44 -17.45 -46.24
CA GLU D 361 -3.42 -18.33 -46.77
C GLU D 361 -2.31 -18.57 -45.77
N ALA D 362 -1.90 -17.51 -45.08
CA ALA D 362 -0.85 -17.62 -44.09
C ALA D 362 -1.28 -18.56 -42.98
N HIS D 363 -2.56 -18.54 -42.63
CA HIS D 363 -3.02 -19.44 -41.61
C HIS D 363 -3.02 -20.87 -42.10
N LEU D 364 -3.46 -21.10 -43.33
CA LEU D 364 -3.48 -22.46 -43.82
C LEU D 364 -2.08 -23.03 -43.89
N ALA D 365 -1.12 -22.18 -44.24
CA ALA D 365 0.28 -22.52 -44.40
C ALA D 365 0.92 -23.07 -43.14
N VAL D 366 0.36 -22.77 -41.98
CA VAL D 366 0.92 -23.21 -40.73
C VAL D 366 -0.07 -24.08 -39.99
N ASN D 367 -1.05 -24.59 -40.74
CA ASN D 367 -2.13 -25.45 -40.28
C ASN D 367 -3.12 -24.81 -39.31
N ASP D 368 -3.31 -23.50 -39.35
CA ASP D 368 -4.32 -22.90 -38.51
C ASP D 368 -5.57 -22.99 -39.36
N PHE D 369 -6.10 -24.18 -39.47
CA PHE D 369 -7.14 -24.45 -40.43
C PHE D 369 -8.41 -23.70 -40.14
N GLU D 370 -8.76 -23.60 -38.89
CA GLU D 370 -10.01 -22.95 -38.52
C GLU D 370 -9.97 -21.48 -38.82
N LEU D 371 -8.83 -20.87 -38.58
CA LEU D 371 -8.70 -19.46 -38.85
C LEU D 371 -8.62 -19.24 -40.34
N ALA D 372 -7.98 -20.17 -41.05
CA ALA D 372 -7.90 -20.02 -42.48
C ALA D 372 -9.30 -20.04 -43.05
N ARG D 373 -10.15 -20.93 -42.51
CA ARG D 373 -11.51 -21.01 -42.97
C ARG D 373 -12.25 -19.74 -42.65
N ALA D 374 -12.05 -19.20 -41.46
CA ALA D 374 -12.79 -17.99 -41.12
C ALA D 374 -12.50 -16.88 -42.13
N ASP D 375 -11.25 -16.77 -42.56
CA ASP D 375 -10.91 -15.75 -43.52
C ASP D 375 -11.41 -16.06 -44.92
N PHE D 376 -11.37 -17.32 -45.36
CA PHE D 376 -11.84 -17.57 -46.71
C PHE D 376 -13.35 -17.43 -46.79
N GLN D 377 -14.03 -17.73 -45.68
CA GLN D 377 -15.46 -17.57 -45.62
C GLN D 377 -15.79 -16.09 -45.73
N LYS D 378 -15.03 -15.24 -45.01
CA LYS D 378 -15.24 -13.81 -45.07
C LYS D 378 -14.96 -13.29 -46.47
N VAL D 379 -13.93 -13.84 -47.14
CA VAL D 379 -13.63 -13.37 -48.48
C VAL D 379 -14.83 -13.62 -49.33
N LEU D 380 -15.44 -14.79 -49.25
CA LEU D 380 -16.61 -15.09 -50.05
C LEU D 380 -17.83 -14.26 -49.64
N GLN D 381 -17.97 -13.93 -48.37
CA GLN D 381 -19.11 -13.11 -47.98
C GLN D 381 -19.04 -11.75 -48.64
N LEU D 382 -17.83 -11.19 -48.73
CA LEU D 382 -17.61 -9.91 -49.37
C LEU D 382 -17.48 -10.01 -50.89
N TYR D 383 -16.86 -11.09 -51.32
CA TYR D 383 -16.52 -11.37 -52.70
C TYR D 383 -16.91 -12.80 -53.07
N PRO D 384 -18.19 -13.13 -53.26
CA PRO D 384 -18.71 -14.48 -53.51
C PRO D 384 -18.10 -15.12 -54.75
N ASN D 385 -17.55 -14.28 -55.62
CA ASN D 385 -16.95 -14.68 -56.85
C ASN D 385 -15.44 -14.94 -56.74
N ASN D 386 -14.90 -14.92 -55.53
CA ASN D 386 -13.49 -15.21 -55.44
C ASN D 386 -13.35 -16.73 -55.44
N LYS D 387 -13.13 -17.25 -56.64
CA LYS D 387 -13.06 -18.69 -56.88
C LYS D 387 -11.96 -19.33 -56.06
N ALA D 388 -10.87 -18.60 -55.89
CA ALA D 388 -9.77 -19.11 -55.11
C ALA D 388 -10.15 -19.29 -53.65
N ALA D 389 -11.04 -18.43 -53.11
CA ALA D 389 -11.44 -18.53 -51.71
C ALA D 389 -12.26 -19.77 -51.54
N LYS D 390 -13.00 -20.16 -52.58
CA LYS D 390 -13.79 -21.37 -52.48
C LYS D 390 -12.83 -22.56 -52.43
N THR D 391 -11.80 -22.49 -53.28
CA THR D 391 -10.81 -23.55 -53.40
C THR D 391 -10.08 -23.73 -52.09
N GLN D 392 -9.72 -22.62 -51.47
CA GLN D 392 -8.98 -22.63 -50.24
C GLN D 392 -9.83 -23.16 -49.11
N LEU D 393 -11.13 -22.91 -49.26
CA LEU D 393 -11.91 -23.05 -48.08
C LEU D 393 -12.07 -24.54 -47.99
N ALA D 394 -12.30 -25.12 -49.18
CA ALA D 394 -12.50 -26.56 -49.32
C ALA D 394 -11.26 -27.35 -48.90
N VAL D 395 -10.07 -26.84 -49.19
CA VAL D 395 -8.86 -27.53 -48.80
C VAL D 395 -8.74 -27.52 -47.32
N CYS D 396 -9.02 -26.38 -46.72
CA CYS D 396 -8.91 -26.24 -45.29
C CYS D 396 -9.77 -27.31 -44.63
N GLN D 397 -11.00 -27.46 -45.14
CA GLN D 397 -11.95 -28.41 -44.59
C GLN D 397 -11.46 -29.84 -44.72
N GLN D 398 -10.85 -30.17 -45.86
CA GLN D 398 -10.37 -31.52 -46.04
C GLN D 398 -9.14 -31.79 -45.20
N ARG D 399 -8.31 -30.79 -44.99
CA ARG D 399 -7.13 -30.99 -44.19
C ARG D 399 -7.55 -31.31 -42.77
N ILE D 400 -8.60 -30.65 -42.30
CA ILE D 400 -9.10 -30.91 -40.98
C ILE D 400 -9.64 -32.32 -40.92
N ARG D 401 -10.44 -32.70 -41.90
CA ARG D 401 -11.01 -34.02 -41.87
C ARG D 401 -9.94 -35.09 -41.78
N ARG D 402 -8.86 -34.93 -42.54
CA ARG D 402 -7.82 -35.94 -42.51
C ARG D 402 -7.20 -36.02 -41.13
N GLN D 403 -6.97 -34.88 -40.49
CA GLN D 403 -6.41 -34.95 -39.17
C GLN D 403 -7.35 -35.58 -38.19
N LEU D 404 -8.63 -35.32 -38.32
CA LEU D 404 -9.56 -35.89 -37.38
C LEU D 404 -9.55 -37.37 -37.50
N ALA D 405 -9.43 -37.88 -38.72
CA ALA D 405 -9.38 -39.31 -38.88
C ALA D 405 -8.16 -39.87 -38.17
N ARG D 406 -7.03 -39.16 -38.25
CA ARG D 406 -5.84 -39.66 -37.60
C ARG D 406 -6.02 -39.71 -36.10
N GLU D 407 -6.65 -38.68 -35.55
CA GLU D 407 -6.86 -38.63 -34.12
C GLU D 407 -7.81 -39.74 -33.68
N LYS D 408 -8.84 -40.00 -34.47
CA LYS D 408 -9.74 -41.06 -34.11
C LYS D 408 -8.96 -42.37 -34.00
N LYS D 409 -8.06 -42.61 -34.95
CA LYS D 409 -7.28 -43.83 -34.89
C LYS D 409 -6.35 -43.85 -33.69
N LEU D 410 -5.74 -42.71 -33.41
CA LEU D 410 -4.79 -42.55 -32.34
C LEU D 410 -5.31 -42.89 -30.98
N TYR D 411 -6.54 -42.48 -30.73
CA TYR D 411 -7.18 -42.68 -29.44
C TYR D 411 -8.23 -43.76 -29.49
N ALA D 412 -8.23 -44.59 -30.53
CA ALA D 412 -9.31 -45.55 -30.71
C ALA D 412 -9.53 -46.45 -29.53
N ASN D 413 -8.47 -46.84 -28.85
CA ASN D 413 -8.58 -47.68 -27.69
C ASN D 413 -7.87 -47.03 -26.53
N MET D 414 -7.97 -45.71 -26.44
CA MET D 414 -7.26 -45.00 -25.39
C MET D 414 -7.67 -45.45 -24.01
N PHE D 415 -8.95 -45.61 -23.75
CA PHE D 415 -9.33 -45.94 -22.39
C PHE D 415 -9.00 -47.34 -22.03
N GLU D 416 -9.06 -48.21 -22.99
CA GLU D 416 -8.78 -49.59 -22.74
C GLU D 416 -7.30 -49.73 -22.45
N ARG D 417 -6.46 -49.04 -23.21
CA ARG D 417 -5.04 -49.14 -22.98
C ARG D 417 -4.67 -48.54 -21.65
N LEU D 418 -5.31 -47.43 -21.27
CA LEU D 418 -4.99 -46.86 -19.99
C LEU D 418 -5.44 -47.77 -18.88
N ALA D 419 -6.62 -48.37 -19.02
CA ALA D 419 -7.10 -49.25 -17.98
C ALA D 419 -6.09 -50.38 -17.78
N GLU D 420 -5.50 -50.85 -18.86
CA GLU D 420 -4.51 -51.88 -18.73
C GLU D 420 -3.21 -51.35 -18.09
N GLU D 421 -2.73 -50.19 -18.50
CA GLU D 421 -1.48 -49.62 -17.97
C GLU D 421 -1.53 -49.38 -16.47
N GLU D 422 -2.68 -48.89 -16.01
CA GLU D 422 -2.94 -48.52 -14.64
C GLU D 422 -2.89 -49.72 -13.71
N ASN D 423 -3.04 -50.91 -14.26
CA ASN D 423 -3.05 -52.12 -13.49
C ASN D 423 -1.82 -53.05 -13.70
N LYS D 424 -0.69 -52.50 -14.23
CA LYS D 424 0.61 -53.18 -14.48
C LYS D 424 1.68 -52.69 -13.48
PG ATP E . -12.58 30.31 29.78
O1G ATP E . -11.91 29.50 28.75
O2G ATP E . -12.08 30.04 31.17
O3G ATP E . -14.07 30.30 29.67
PB ATP E . -12.81 33.10 30.02
O1B ATP E . -12.73 34.11 28.91
O2B ATP E . -14.09 32.69 30.67
O3B ATP E . -12.05 31.80 29.47
PA ATP E . -10.48 34.35 31.14
O1A ATP E . -9.61 33.96 32.30
O2A ATP E . -9.93 34.26 29.76
O3A ATP E . -11.82 33.49 31.21
O5' ATP E . -11.16 35.75 31.35
C5' ATP E . -10.54 36.80 32.09
C4' ATP E . -11.31 38.11 31.90
O4' ATP E . -10.38 39.17 31.79
C3' ATP E . -12.23 38.23 30.68
O3' ATP E . -13.59 37.91 30.98
C2' ATP E . -12.07 39.67 30.23
O2' ATP E . -13.02 40.57 30.83
C1' ATP E . -10.68 40.03 30.70
N9 ATP E . -9.63 39.93 29.62
C8 ATP E . -8.74 38.95 29.41
N7 ATP E . -7.94 39.20 28.36
C5 ATP E . -8.32 40.38 27.86
C6 ATP E . -7.90 41.27 26.72
N6 ATP E . -6.89 40.90 25.91
N1 ATP E . -8.58 42.46 26.54
C2 ATP E . -9.62 42.85 27.35
N3 ATP E . -10.05 42.07 28.40
C4 ATP E . -9.45 40.86 28.70
H5'1 ATP E . -9.49 36.93 31.78
H5'2 ATP E . -10.53 36.54 33.14
H4' ATP E . -11.93 38.27 32.80
H3' ATP E . -11.88 37.58 29.87
HO3' ATP E . -14.04 37.73 30.13
H2' ATP E . -12.15 39.72 29.14
HO2' ATP E . -12.94 40.53 31.79
H1' ATP E . -10.70 41.06 31.09
H8 ATP E . -8.66 38.06 30.01
HN61 ATP E . -6.79 41.31 24.98
HN62 ATP E . -6.34 40.08 26.16
H2 ATP E . -10.12 43.79 27.16
MG MG F . -10.98 33.77 28.37
PG ATP G . -9.85 14.32 46.04
O1G ATP G . -10.28 12.97 46.53
O2G ATP G . -10.82 14.96 45.12
O3G ATP G . -8.45 14.35 45.55
PB ATP G . -10.05 14.96 48.88
O1B ATP G . -10.37 13.50 49.05
O2B ATP G . -9.10 15.65 49.78
O3B ATP G . -9.72 15.31 47.34
PA ATP G . -12.77 15.66 49.59
O1A ATP G . -13.60 16.84 49.23
O2A ATP G . -13.18 14.28 49.22
O3A ATP G . -11.33 15.90 48.97
O5' ATP G . -12.44 15.70 51.14
C5' ATP G . -12.23 16.92 51.85
C4' ATP G . -11.77 16.62 53.28
O4' ATP G . -12.87 16.32 54.13
C3' ATP G . -10.81 15.45 53.43
O3' ATP G . -9.48 15.89 53.13
C2' ATP G . -11.05 14.99 54.85
O2' ATP G . -10.21 15.66 55.81
C1' ATP G . -12.53 15.33 55.09
N9 ATP G . -13.49 14.17 55.00
C8 ATP G . -14.32 13.90 53.97
N7 ATP G . -15.06 12.80 54.20
C5 ATP G . -14.72 12.34 55.39
C6 ATP G . -15.13 11.18 56.26
N6 ATP G . -16.06 10.30 55.82
N1 ATP G . -14.52 11.04 57.50
C2 ATP G . -13.54 11.92 57.93
N3 ATP G . -13.13 12.99 57.18
C4 ATP G . -13.67 13.25 55.92
H5'1 ATP G . -13.15 17.52 51.87
H5'2 ATP G . -11.45 17.51 51.35
H4' ATP G . -11.27 17.53 53.66
H3' ATP G . -11.07 14.63 52.76
HO3' ATP G . -9.48 16.15 52.19
H2' ATP G . -10.89 13.89 54.91
HO2' ATP G . -10.73 15.97 56.56
H1' ATP G . -12.61 15.78 56.08
H8 ATP G . -14.39 14.48 53.06
HN61 ATP G . -16.60 10.54 55.00
HN62 ATP G . -16.12 9.36 56.20
H2 ATP G . -13.11 11.76 58.91
MG MG H . -12.06 12.90 48.86
C1 DEX I . 24.12 14.85 -20.25
C2 DEX I . 24.69 14.05 -19.33
C3 DEX I . 24.24 14.16 -17.87
C4 DEX I . 23.17 15.20 -17.48
C5 DEX I . 22.63 15.98 -18.45
C6 DEX I . 21.60 17.00 -17.99
C7 DEX I . 21.94 18.41 -18.53
C8 DEX I . 22.41 18.49 -20.02
C9 DEX I . 23.38 17.35 -20.52
C10 DEX I . 23.01 15.90 -19.97
C11 DEX I . 23.75 17.49 -22.04
C12 DEX I . 23.92 18.93 -22.62
C13 DEX I . 22.87 20.00 -22.15
C14 DEX I . 22.74 19.91 -20.58
C15 DEX I . 21.96 21.17 -20.19
C16 DEX I . 22.55 22.26 -21.09
C17 DEX I . 23.32 21.52 -22.23
C18 DEX I . 21.58 19.72 -22.96
C19 DEX I . 21.79 15.27 -20.66
C20 DEX I . 23.23 22.29 -23.59
C21 DEX I . 24.08 21.92 -24.81
C22 DEX I . 23.29 23.31 -20.24
F1 DEX I . 24.60 17.66 -19.95
O1 DEX I . 24.74 13.43 -17.00
O2 DEX I . 22.77 16.84 -22.83
O3 DEX I . 24.72 21.58 -21.86
O4 DEX I . 22.48 23.27 -23.74
O5 DEX I . 23.35 21.29 -25.86
H14 DEX I . 23.74 20.07 -20.10
#